data_1Z6I
# 
_entry.id   1Z6I 
# 
_audit_conform.dict_name       mmcif_pdbx.dic 
_audit_conform.dict_version    5.398 
_audit_conform.dict_location   http://mmcif.pdb.org/dictionaries/ascii/mmcif_pdbx.dic 
# 
loop_
_database_2.database_id 
_database_2.database_code 
_database_2.pdbx_database_accession 
_database_2.pdbx_DOI 
PDB   1Z6I         pdb_00001z6i 10.2210/pdb1z6i/pdb 
RCSB  RCSB032359   ?            ?                   
WWPDB D_1000032359 ?            ?                   
# 
loop_
_pdbx_audit_revision_history.ordinal 
_pdbx_audit_revision_history.data_content_type 
_pdbx_audit_revision_history.major_revision 
_pdbx_audit_revision_history.minor_revision 
_pdbx_audit_revision_history.revision_date 
1 'Structure model' 1 0 2005-07-19 
2 'Structure model' 1 1 2008-04-30 
3 'Structure model' 1 2 2011-07-13 
4 'Structure model' 1 3 2020-07-29 
5 'Structure model' 1 4 2024-11-13 
# 
loop_
_pdbx_audit_revision_details.ordinal 
_pdbx_audit_revision_details.revision_ordinal 
_pdbx_audit_revision_details.data_content_type 
_pdbx_audit_revision_details.provider 
_pdbx_audit_revision_details.type 
_pdbx_audit_revision_details.description 
_pdbx_audit_revision_details.details 
1 1 'Structure model' repository 'Initial release' ?                          ? 
2 4 'Structure model' repository Remediation       'Carbohydrate remediation' ? 
# 
loop_
_pdbx_audit_revision_group.ordinal 
_pdbx_audit_revision_group.revision_ordinal 
_pdbx_audit_revision_group.data_content_type 
_pdbx_audit_revision_group.group 
1  2 'Structure model' 'Version format compliance' 
2  3 'Structure model' 'Non-polymer description'   
3  3 'Structure model' 'Version format compliance' 
4  4 'Structure model' 'Data collection'           
5  4 'Structure model' 'Database references'       
6  4 'Structure model' 'Derived calculations'      
7  4 'Structure model' 'Structure summary'         
8  5 'Structure model' 'Data collection'           
9  5 'Structure model' 'Database references'       
10 5 'Structure model' 'Structure summary'         
# 
loop_
_pdbx_audit_revision_category.ordinal 
_pdbx_audit_revision_category.revision_ordinal 
_pdbx_audit_revision_category.data_content_type 
_pdbx_audit_revision_category.category 
1  4 'Structure model' chem_comp                 
2  4 'Structure model' entity                    
3  4 'Structure model' pdbx_chem_comp_identifier 
4  4 'Structure model' pdbx_entity_nonpoly       
5  4 'Structure model' struct_conn               
6  4 'Structure model' struct_ref_seq_dif        
7  4 'Structure model' struct_site               
8  4 'Structure model' struct_site_gen           
9  5 'Structure model' chem_comp                 
10 5 'Structure model' chem_comp_atom            
11 5 'Structure model' chem_comp_bond            
12 5 'Structure model' database_2                
13 5 'Structure model' pdbx_entry_details        
14 5 'Structure model' pdbx_modification_feature 
# 
loop_
_pdbx_audit_revision_item.ordinal 
_pdbx_audit_revision_item.revision_ordinal 
_pdbx_audit_revision_item.data_content_type 
_pdbx_audit_revision_item.item 
1  4 'Structure model' '_chem_comp.name'                     
2  4 'Structure model' '_chem_comp.type'                     
3  4 'Structure model' '_entity.pdbx_description'            
4  4 'Structure model' '_pdbx_entity_nonpoly.name'           
5  4 'Structure model' '_struct_conn.pdbx_leaving_atom_flag' 
6  4 'Structure model' '_struct_conn.pdbx_role'              
7  4 'Structure model' '_struct_ref_seq_dif.details'         
8  5 'Structure model' '_chem_comp.pdbx_synonyms'            
9  5 'Structure model' '_database_2.pdbx_DOI'                
10 5 'Structure model' '_database_2.pdbx_database_accession' 
# 
_pdbx_database_status.status_code                     REL 
_pdbx_database_status.entry_id                        1Z6I 
_pdbx_database_status.recvd_initial_deposition_date   2005-03-22 
_pdbx_database_status.deposit_site                    RCSB 
_pdbx_database_status.process_site                    RCSB 
_pdbx_database_status.status_code_sf                  REL 
_pdbx_database_status.status_code_mr                  ? 
_pdbx_database_status.SG_entry                        ? 
_pdbx_database_status.pdb_format_compatible           Y 
_pdbx_database_status.status_code_cs                  ? 
_pdbx_database_status.status_code_nmr_data            ? 
_pdbx_database_status.methods_development_category    ? 
# 
loop_
_audit_author.name 
_audit_author.pdbx_ordinal 
'Chang, C.-I.'        1 
'Ihara, K.'           2 
'Chelliah, Y.'        3 
'Mengin-Lecreulx, D.' 4 
'Wakatsuki, S.'       5 
'Deisenhofer, J.'     6 
# 
_citation.id                        primary 
_citation.title                     
;Structure of the ectodomain of Drosophila peptidoglycan-recognition protein LCa suggests a molecular mechanism for pattern recognition
;
_citation.journal_abbrev            Proc.Natl.Acad.Sci.Usa 
_citation.journal_volume            102 
_citation.page_first                10279 
_citation.page_last                 10284 
_citation.year                      2005 
_citation.journal_id_ASTM           PNASA6 
_citation.country                   US 
_citation.journal_id_ISSN           0027-8424 
_citation.journal_id_CSD            0040 
_citation.book_publisher            ? 
_citation.pdbx_database_id_PubMed   16006509 
_citation.pdbx_database_id_DOI      10.1073/pnas.0504547102 
# 
loop_
_citation_author.citation_id 
_citation_author.name 
_citation_author.ordinal 
_citation_author.identifier_ORCID 
primary 'Chang, C.-I.'        1 ? 
primary 'Ihara, K.'           2 ? 
primary 'Chelliah, Y.'        3 ? 
primary 'Mengin-Lecreulx, D.' 4 ? 
primary 'Wakatsuki, S.'       5 ? 
primary 'Deisenhofer, J.'     6 ? 
# 
loop_
_entity.id 
_entity.type 
_entity.src_method 
_entity.pdbx_description 
_entity.formula_weight 
_entity.pdbx_number_of_molecules 
_entity.pdbx_ec 
_entity.pdbx_mutation 
_entity.pdbx_fragment 
_entity.details 
1 polymer     man 'Peptidoglycan-recognition protein-LC'   18701.281 1  ? ? 'Extracellular domain' ? 
2 non-polymer man 2-acetamido-2-deoxy-beta-D-glucopyranose 221.208   1  ? ? ?                      ? 
3 non-polymer syn 'SULFATE ION'                            96.063    2  ? ? ?                      ? 
4 water       nat water                                    18.015    25 ? ? ?                      ? 
# 
_entity_name_com.entity_id   1 
_entity_name_com.name        'Immune response deficient 7 protein' 
# 
_entity_poly.entity_id                      1 
_entity_poly.type                           'polypeptide(L)' 
_entity_poly.nstd_linkage                   no 
_entity_poly.nstd_monomer                   no 
_entity_poly.pdbx_seq_one_letter_code       
;DFVERQQWLAQPPQKEIPDLELPVGLVIALPTNSENCSTQAICVLRVRLLQTYDIESSQKCDIAYNFLIGGDGNVYVGRG
WNKMGAHMNNINYDSQSLSFAYIGSFKTIQPSAKQLSVTRLLLERGVKLGKIAPSYRFTASSKLMPSVTDFKADALYASF
ANWTHWS
;
_entity_poly.pdbx_seq_one_letter_code_can   
;DFVERQQWLAQPPQKEIPDLELPVGLVIALPTNSENCSTQAICVLRVRLLQTYDIESSQKCDIAYNFLIGGDGNVYVGRG
WNKMGAHMNNINYDSQSLSFAYIGSFKTIQPSAKQLSVTRLLLERGVKLGKIAPSYRFTASSKLMPSVTDFKADALYASF
ANWTHWS
;
_entity_poly.pdbx_strand_id                 A 
_entity_poly.pdbx_target_identifier         ? 
# 
loop_
_pdbx_entity_nonpoly.entity_id 
_pdbx_entity_nonpoly.name 
_pdbx_entity_nonpoly.comp_id 
2 2-acetamido-2-deoxy-beta-D-glucopyranose NAG 
3 'SULFATE ION'                            SO4 
4 water                                    HOH 
# 
loop_
_entity_poly_seq.entity_id 
_entity_poly_seq.num 
_entity_poly_seq.mon_id 
_entity_poly_seq.hetero 
1 1   ASP n 
1 2   PHE n 
1 3   VAL n 
1 4   GLU n 
1 5   ARG n 
1 6   GLN n 
1 7   GLN n 
1 8   TRP n 
1 9   LEU n 
1 10  ALA n 
1 11  GLN n 
1 12  PRO n 
1 13  PRO n 
1 14  GLN n 
1 15  LYS n 
1 16  GLU n 
1 17  ILE n 
1 18  PRO n 
1 19  ASP n 
1 20  LEU n 
1 21  GLU n 
1 22  LEU n 
1 23  PRO n 
1 24  VAL n 
1 25  GLY n 
1 26  LEU n 
1 27  VAL n 
1 28  ILE n 
1 29  ALA n 
1 30  LEU n 
1 31  PRO n 
1 32  THR n 
1 33  ASN n 
1 34  SER n 
1 35  GLU n 
1 36  ASN n 
1 37  CYS n 
1 38  SER n 
1 39  THR n 
1 40  GLN n 
1 41  ALA n 
1 42  ILE n 
1 43  CYS n 
1 44  VAL n 
1 45  LEU n 
1 46  ARG n 
1 47  VAL n 
1 48  ARG n 
1 49  LEU n 
1 50  LEU n 
1 51  GLN n 
1 52  THR n 
1 53  TYR n 
1 54  ASP n 
1 55  ILE n 
1 56  GLU n 
1 57  SER n 
1 58  SER n 
1 59  GLN n 
1 60  LYS n 
1 61  CYS n 
1 62  ASP n 
1 63  ILE n 
1 64  ALA n 
1 65  TYR n 
1 66  ASN n 
1 67  PHE n 
1 68  LEU n 
1 69  ILE n 
1 70  GLY n 
1 71  GLY n 
1 72  ASP n 
1 73  GLY n 
1 74  ASN n 
1 75  VAL n 
1 76  TYR n 
1 77  VAL n 
1 78  GLY n 
1 79  ARG n 
1 80  GLY n 
1 81  TRP n 
1 82  ASN n 
1 83  LYS n 
1 84  MET n 
1 85  GLY n 
1 86  ALA n 
1 87  HIS n 
1 88  MET n 
1 89  ASN n 
1 90  ASN n 
1 91  ILE n 
1 92  ASN n 
1 93  TYR n 
1 94  ASP n 
1 95  SER n 
1 96  GLN n 
1 97  SER n 
1 98  LEU n 
1 99  SER n 
1 100 PHE n 
1 101 ALA n 
1 102 TYR n 
1 103 ILE n 
1 104 GLY n 
1 105 SER n 
1 106 PHE n 
1 107 LYS n 
1 108 THR n 
1 109 ILE n 
1 110 GLN n 
1 111 PRO n 
1 112 SER n 
1 113 ALA n 
1 114 LYS n 
1 115 GLN n 
1 116 LEU n 
1 117 SER n 
1 118 VAL n 
1 119 THR n 
1 120 ARG n 
1 121 LEU n 
1 122 LEU n 
1 123 LEU n 
1 124 GLU n 
1 125 ARG n 
1 126 GLY n 
1 127 VAL n 
1 128 LYS n 
1 129 LEU n 
1 130 GLY n 
1 131 LYS n 
1 132 ILE n 
1 133 ALA n 
1 134 PRO n 
1 135 SER n 
1 136 TYR n 
1 137 ARG n 
1 138 PHE n 
1 139 THR n 
1 140 ALA n 
1 141 SER n 
1 142 SER n 
1 143 LYS n 
1 144 LEU n 
1 145 MET n 
1 146 PRO n 
1 147 SER n 
1 148 VAL n 
1 149 THR n 
1 150 ASP n 
1 151 PHE n 
1 152 LYS n 
1 153 ALA n 
1 154 ASP n 
1 155 ALA n 
1 156 LEU n 
1 157 TYR n 
1 158 ALA n 
1 159 SER n 
1 160 PHE n 
1 161 ALA n 
1 162 ASN n 
1 163 TRP n 
1 164 THR n 
1 165 HIS n 
1 166 TRP n 
1 167 SER n 
# 
_entity_src_gen.entity_id                          1 
_entity_src_gen.pdbx_src_id                        1 
_entity_src_gen.pdbx_alt_source_flag               sample 
_entity_src_gen.pdbx_seq_type                      ? 
_entity_src_gen.pdbx_beg_seq_num                   ? 
_entity_src_gen.pdbx_end_seq_num                   ? 
_entity_src_gen.gene_src_common_name               'fruit fly' 
_entity_src_gen.gene_src_genus                     Drosophila 
_entity_src_gen.pdbx_gene_src_gene                 'PGRP-LC, ird7, PGRPLC' 
_entity_src_gen.gene_src_species                   ? 
_entity_src_gen.gene_src_strain                    ? 
_entity_src_gen.gene_src_tissue                    ? 
_entity_src_gen.gene_src_tissue_fraction           ? 
_entity_src_gen.gene_src_details                   ? 
_entity_src_gen.pdbx_gene_src_fragment             ? 
_entity_src_gen.pdbx_gene_src_scientific_name      'Drosophila melanogaster' 
_entity_src_gen.pdbx_gene_src_ncbi_taxonomy_id     7227 
_entity_src_gen.pdbx_gene_src_variant              ? 
_entity_src_gen.pdbx_gene_src_cell_line            ? 
_entity_src_gen.pdbx_gene_src_atcc                 ? 
_entity_src_gen.pdbx_gene_src_organ                ? 
_entity_src_gen.pdbx_gene_src_organelle            ? 
_entity_src_gen.pdbx_gene_src_cell                 ? 
_entity_src_gen.pdbx_gene_src_cellular_location    ? 
_entity_src_gen.host_org_common_name               'fall armyworm' 
_entity_src_gen.pdbx_host_org_scientific_name      'Spodoptera frugiperda' 
_entity_src_gen.pdbx_host_org_ncbi_taxonomy_id     7108 
_entity_src_gen.host_org_genus                     Spodoptera 
_entity_src_gen.pdbx_host_org_gene                 ? 
_entity_src_gen.pdbx_host_org_organ                ? 
_entity_src_gen.host_org_species                   ? 
_entity_src_gen.pdbx_host_org_tissue               ? 
_entity_src_gen.pdbx_host_org_tissue_fraction      ? 
_entity_src_gen.pdbx_host_org_strain               ? 
_entity_src_gen.pdbx_host_org_variant              ? 
_entity_src_gen.pdbx_host_org_cell_line            ? 
_entity_src_gen.pdbx_host_org_atcc                 ? 
_entity_src_gen.pdbx_host_org_culture_collection   ? 
_entity_src_gen.pdbx_host_org_cell                 ? 
_entity_src_gen.pdbx_host_org_organelle            ? 
_entity_src_gen.pdbx_host_org_cellular_location    ? 
_entity_src_gen.pdbx_host_org_vector_type          PLASMID 
_entity_src_gen.pdbx_host_org_vector               ? 
_entity_src_gen.host_org_details                   ? 
_entity_src_gen.expression_system_id               ? 
_entity_src_gen.plasmid_name                       pFASTBAC-HTa 
_entity_src_gen.plasmid_details                    ? 
_entity_src_gen.pdbx_description                   ? 
# 
loop_
_chem_comp.id 
_chem_comp.type 
_chem_comp.mon_nstd_flag 
_chem_comp.name 
_chem_comp.pdbx_synonyms 
_chem_comp.formula 
_chem_comp.formula_weight 
ALA 'L-peptide linking'          y ALANINE                                  ? 'C3 H7 N O2'     89.093  
ARG 'L-peptide linking'          y ARGININE                                 ? 'C6 H15 N4 O2 1' 175.209 
ASN 'L-peptide linking'          y ASPARAGINE                               ? 'C4 H8 N2 O3'    132.118 
ASP 'L-peptide linking'          y 'ASPARTIC ACID'                          ? 'C4 H7 N O4'     133.103 
CYS 'L-peptide linking'          y CYSTEINE                                 ? 'C3 H7 N O2 S'   121.158 
GLN 'L-peptide linking'          y GLUTAMINE                                ? 'C5 H10 N2 O3'   146.144 
GLU 'L-peptide linking'          y 'GLUTAMIC ACID'                          ? 'C5 H9 N O4'     147.129 
GLY 'peptide linking'            y GLYCINE                                  ? 'C2 H5 N O2'     75.067  
HIS 'L-peptide linking'          y HISTIDINE                                ? 'C6 H10 N3 O2 1' 156.162 
HOH non-polymer                  . WATER                                    ? 'H2 O'           18.015  
ILE 'L-peptide linking'          y ISOLEUCINE                               ? 'C6 H13 N O2'    131.173 
LEU 'L-peptide linking'          y LEUCINE                                  ? 'C6 H13 N O2'    131.173 
LYS 'L-peptide linking'          y LYSINE                                   ? 'C6 H15 N2 O2 1' 147.195 
MET 'L-peptide linking'          y METHIONINE                               ? 'C5 H11 N O2 S'  149.211 
NAG 'D-saccharide, beta linking' . 2-acetamido-2-deoxy-beta-D-glucopyranose 
;N-acetyl-beta-D-glucosamine; 2-acetamido-2-deoxy-beta-D-glucose; 2-acetamido-2-deoxy-D-glucose; 2-acetamido-2-deoxy-glucose; N-ACETYL-D-GLUCOSAMINE
;
'C8 H15 N O6'    221.208 
PHE 'L-peptide linking'          y PHENYLALANINE                            ? 'C9 H11 N O2'    165.189 
PRO 'L-peptide linking'          y PROLINE                                  ? 'C5 H9 N O2'     115.130 
SER 'L-peptide linking'          y SERINE                                   ? 'C3 H7 N O3'     105.093 
SO4 non-polymer                  . 'SULFATE ION'                            ? 'O4 S -2'        96.063  
THR 'L-peptide linking'          y THREONINE                                ? 'C4 H9 N O3'     119.119 
TRP 'L-peptide linking'          y TRYPTOPHAN                               ? 'C11 H12 N2 O2'  204.225 
TYR 'L-peptide linking'          y TYROSINE                                 ? 'C9 H11 N O3'    181.189 
VAL 'L-peptide linking'          y VALINE                                   ? 'C5 H11 N O2'    117.146 
# 
loop_
_pdbx_chem_comp_identifier.comp_id 
_pdbx_chem_comp_identifier.type 
_pdbx_chem_comp_identifier.program 
_pdbx_chem_comp_identifier.program_version 
_pdbx_chem_comp_identifier.identifier 
NAG 'CONDENSED IUPAC CARBOHYDRATE SYMBOL' GMML     1.0 DGlcpNAcb                      
NAG 'COMMON NAME'                         GMML     1.0 N-acetyl-b-D-glucopyranosamine 
NAG 'IUPAC CARBOHYDRATE SYMBOL'           PDB-CARE 1.0 b-D-GlcpNAc                    
NAG 'SNFG CARBOHYDRATE SYMBOL'            GMML     1.0 GlcNAc                         
# 
loop_
_pdbx_poly_seq_scheme.asym_id 
_pdbx_poly_seq_scheme.entity_id 
_pdbx_poly_seq_scheme.seq_id 
_pdbx_poly_seq_scheme.mon_id 
_pdbx_poly_seq_scheme.ndb_seq_num 
_pdbx_poly_seq_scheme.pdb_seq_num 
_pdbx_poly_seq_scheme.auth_seq_num 
_pdbx_poly_seq_scheme.pdb_mon_id 
_pdbx_poly_seq_scheme.auth_mon_id 
_pdbx_poly_seq_scheme.pdb_strand_id 
_pdbx_poly_seq_scheme.pdb_ins_code 
_pdbx_poly_seq_scheme.hetero 
A 1 1   ASP 1   354 354 ASP ASP A . n 
A 1 2   PHE 2   355 355 PHE PHE A . n 
A 1 3   VAL 3   356 356 VAL VAL A . n 
A 1 4   GLU 4   357 357 GLU GLU A . n 
A 1 5   ARG 5   358 358 ARG ARG A . n 
A 1 6   GLN 6   359 359 GLN GLN A . n 
A 1 7   GLN 7   360 360 GLN GLN A . n 
A 1 8   TRP 8   361 361 TRP TRP A . n 
A 1 9   LEU 9   362 362 LEU LEU A . n 
A 1 10  ALA 10  363 363 ALA ALA A . n 
A 1 11  GLN 11  364 364 GLN GLN A . n 
A 1 12  PRO 12  365 365 PRO PRO A . n 
A 1 13  PRO 13  366 366 PRO PRO A . n 
A 1 14  GLN 14  367 367 GLN GLN A . n 
A 1 15  LYS 15  368 368 LYS LYS A . n 
A 1 16  GLU 16  369 369 GLU GLU A . n 
A 1 17  ILE 17  370 370 ILE ILE A . n 
A 1 18  PRO 18  371 371 PRO PRO A . n 
A 1 19  ASP 19  372 372 ASP ASP A . n 
A 1 20  LEU 20  373 373 LEU LEU A . n 
A 1 21  GLU 21  374 374 GLU GLU A . n 
A 1 22  LEU 22  375 375 LEU LEU A . n 
A 1 23  PRO 23  376 376 PRO PRO A . n 
A 1 24  VAL 24  377 377 VAL VAL A . n 
A 1 25  GLY 25  378 378 GLY GLY A . n 
A 1 26  LEU 26  379 379 LEU LEU A . n 
A 1 27  VAL 27  380 380 VAL VAL A . n 
A 1 28  ILE 28  381 381 ILE ILE A . n 
A 1 29  ALA 29  382 382 ALA ALA A . n 
A 1 30  LEU 30  383 383 LEU LEU A . n 
A 1 31  PRO 31  384 384 PRO PRO A . n 
A 1 32  THR 32  385 385 THR THR A . n 
A 1 33  ASN 33  386 386 ASN ASN A . n 
A 1 34  SER 34  387 387 SER SER A . n 
A 1 35  GLU 35  388 388 GLU GLU A . n 
A 1 36  ASN 36  389 389 ASN ASN A . n 
A 1 37  CYS 37  390 390 CYS CYS A . n 
A 1 38  SER 38  391 391 SER SER A . n 
A 1 39  THR 39  392 392 THR THR A . n 
A 1 40  GLN 40  393 393 GLN GLN A . n 
A 1 41  ALA 41  394 394 ALA ALA A . n 
A 1 42  ILE 42  395 395 ILE ILE A . n 
A 1 43  CYS 43  396 396 CYS CYS A . n 
A 1 44  VAL 44  397 397 VAL VAL A . n 
A 1 45  LEU 45  398 398 LEU LEU A . n 
A 1 46  ARG 46  399 399 ARG ARG A . n 
A 1 47  VAL 47  400 400 VAL VAL A . n 
A 1 48  ARG 48  401 401 ARG ARG A . n 
A 1 49  LEU 49  402 402 LEU LEU A . n 
A 1 50  LEU 50  403 403 LEU LEU A . n 
A 1 51  GLN 51  404 404 GLN GLN A . n 
A 1 52  THR 52  405 405 THR THR A . n 
A 1 53  TYR 53  406 406 TYR TYR A . n 
A 1 54  ASP 54  407 407 ASP ASP A . n 
A 1 55  ILE 55  408 408 ILE ILE A . n 
A 1 56  GLU 56  409 409 GLU GLU A . n 
A 1 57  SER 57  410 410 SER SER A . n 
A 1 58  SER 58  411 411 SER SER A . n 
A 1 59  GLN 59  412 412 GLN GLN A . n 
A 1 60  LYS 60  413 413 LYS LYS A . n 
A 1 61  CYS 61  414 414 CYS CYS A . n 
A 1 62  ASP 62  415 415 ASP ASP A . n 
A 1 63  ILE 63  416 416 ILE ILE A . n 
A 1 64  ALA 64  417 417 ALA ALA A . n 
A 1 65  TYR 65  418 418 TYR TYR A . n 
A 1 66  ASN 66  419 419 ASN ASN A . n 
A 1 67  PHE 67  420 420 PHE PHE A . n 
A 1 68  LEU 68  421 421 LEU LEU A . n 
A 1 69  ILE 69  422 422 ILE ILE A . n 
A 1 70  GLY 70  423 423 GLY GLY A . n 
A 1 71  GLY 71  424 424 GLY GLY A . n 
A 1 72  ASP 72  425 425 ASP ASP A . n 
A 1 73  GLY 73  426 426 GLY GLY A . n 
A 1 74  ASN 74  427 427 ASN ASN A . n 
A 1 75  VAL 75  428 428 VAL VAL A . n 
A 1 76  TYR 76  429 429 TYR TYR A . n 
A 1 77  VAL 77  430 430 VAL VAL A . n 
A 1 78  GLY 78  431 431 GLY GLY A . n 
A 1 79  ARG 79  432 432 ARG ARG A . n 
A 1 80  GLY 80  433 433 GLY GLY A . n 
A 1 81  TRP 81  434 434 TRP TRP A . n 
A 1 82  ASN 82  435 435 ASN ASN A . n 
A 1 83  LYS 83  436 436 LYS LYS A . n 
A 1 84  MET 84  437 437 MET MET A . n 
A 1 85  GLY 85  438 438 GLY GLY A . n 
A 1 86  ALA 86  439 439 ALA ALA A . n 
A 1 87  HIS 87  440 440 HIS HIS A . n 
A 1 88  MET 88  441 441 MET MET A . n 
A 1 89  ASN 89  442 442 ASN ASN A . n 
A 1 90  ASN 90  443 443 ASN ASN A . n 
A 1 91  ILE 91  444 444 ILE ILE A . n 
A 1 92  ASN 92  445 445 ASN ASN A . n 
A 1 93  TYR 93  446 446 TYR TYR A . n 
A 1 94  ASP 94  447 447 ASP ASP A . n 
A 1 95  SER 95  448 448 SER SER A . n 
A 1 96  GLN 96  449 449 GLN GLN A . n 
A 1 97  SER 97  450 450 SER SER A . n 
A 1 98  LEU 98  451 451 LEU LEU A . n 
A 1 99  SER 99  452 452 SER SER A . n 
A 1 100 PHE 100 453 453 PHE PHE A . n 
A 1 101 ALA 101 454 454 ALA ALA A . n 
A 1 102 TYR 102 455 455 TYR TYR A . n 
A 1 103 ILE 103 456 456 ILE ILE A . n 
A 1 104 GLY 104 457 457 GLY GLY A . n 
A 1 105 SER 105 458 458 SER SER A . n 
A 1 106 PHE 106 459 459 PHE PHE A . n 
A 1 107 LYS 107 460 460 LYS LYS A . n 
A 1 108 THR 108 461 461 THR THR A . n 
A 1 109 ILE 109 462 462 ILE ILE A . n 
A 1 110 GLN 110 463 463 GLN GLN A . n 
A 1 111 PRO 111 464 464 PRO PRO A . n 
A 1 112 SER 112 465 465 SER SER A . n 
A 1 113 ALA 113 466 466 ALA ALA A . n 
A 1 114 LYS 114 467 467 LYS LYS A . n 
A 1 115 GLN 115 468 468 GLN GLN A . n 
A 1 116 LEU 116 469 469 LEU LEU A . n 
A 1 117 SER 117 470 470 SER SER A . n 
A 1 118 VAL 118 471 471 VAL VAL A . n 
A 1 119 THR 119 472 472 THR THR A . n 
A 1 120 ARG 120 473 473 ARG ARG A . n 
A 1 121 LEU 121 474 474 LEU LEU A . n 
A 1 122 LEU 122 475 475 LEU LEU A . n 
A 1 123 LEU 123 476 476 LEU LEU A . n 
A 1 124 GLU 124 477 477 GLU GLU A . n 
A 1 125 ARG 125 478 478 ARG ARG A . n 
A 1 126 GLY 126 479 479 GLY GLY A . n 
A 1 127 VAL 127 480 480 VAL VAL A . n 
A 1 128 LYS 128 481 481 LYS LYS A . n 
A 1 129 LEU 129 482 482 LEU LEU A . n 
A 1 130 GLY 130 483 483 GLY GLY A . n 
A 1 131 LYS 131 484 484 LYS LYS A . n 
A 1 132 ILE 132 485 485 ILE ILE A . n 
A 1 133 ALA 133 486 486 ALA ALA A . n 
A 1 134 PRO 134 487 487 PRO PRO A . n 
A 1 135 SER 135 488 488 SER SER A . n 
A 1 136 TYR 136 489 489 TYR TYR A . n 
A 1 137 ARG 137 490 490 ARG ARG A . n 
A 1 138 PHE 138 491 491 PHE PHE A . n 
A 1 139 THR 139 492 492 THR THR A . n 
A 1 140 ALA 140 493 493 ALA ALA A . n 
A 1 141 SER 141 494 494 SER SER A . n 
A 1 142 SER 142 495 495 SER SER A . n 
A 1 143 LYS 143 496 496 LYS LYS A . n 
A 1 144 LEU 144 497 497 LEU LEU A . n 
A 1 145 MET 145 498 498 MET MET A . n 
A 1 146 PRO 146 499 499 PRO PRO A . n 
A 1 147 SER 147 500 500 SER SER A . n 
A 1 148 VAL 148 501 501 VAL VAL A . n 
A 1 149 THR 149 502 502 THR THR A . n 
A 1 150 ASP 150 503 503 ASP ASP A . n 
A 1 151 PHE 151 504 504 PHE PHE A . n 
A 1 152 LYS 152 505 505 LYS LYS A . n 
A 1 153 ALA 153 506 506 ALA ALA A . n 
A 1 154 ASP 154 507 507 ASP ASP A . n 
A 1 155 ALA 155 508 508 ALA ALA A . n 
A 1 156 LEU 156 509 509 LEU LEU A . n 
A 1 157 TYR 157 510 510 TYR TYR A . n 
A 1 158 ALA 158 511 511 ALA ALA A . n 
A 1 159 SER 159 512 512 SER SER A . n 
A 1 160 PHE 160 513 513 PHE PHE A . n 
A 1 161 ALA 161 514 514 ALA ALA A . n 
A 1 162 ASN 162 515 515 ASN ASN A . n 
A 1 163 TRP 163 516 516 TRP TRP A . n 
A 1 164 THR 164 517 517 THR THR A . n 
A 1 165 HIS 165 518 518 HIS HIS A . n 
A 1 166 TRP 166 519 519 TRP TRP A . n 
A 1 167 SER 167 520 520 SER SER A . n 
# 
loop_
_pdbx_nonpoly_scheme.asym_id 
_pdbx_nonpoly_scheme.entity_id 
_pdbx_nonpoly_scheme.mon_id 
_pdbx_nonpoly_scheme.ndb_seq_num 
_pdbx_nonpoly_scheme.pdb_seq_num 
_pdbx_nonpoly_scheme.auth_seq_num 
_pdbx_nonpoly_scheme.pdb_mon_id 
_pdbx_nonpoly_scheme.auth_mon_id 
_pdbx_nonpoly_scheme.pdb_strand_id 
_pdbx_nonpoly_scheme.pdb_ins_code 
B 2 NAG 1  999 999 NAG NAG A . 
C 3 SO4 1  201 201 SO4 SO4 A . 
D 3 SO4 1  202 202 SO4 SO4 A . 
E 4 HOH 1  1   1   HOH HOH A . 
E 4 HOH 2  2   2   HOH HOH A . 
E 4 HOH 3  3   3   HOH HOH A . 
E 4 HOH 4  4   4   HOH HOH A . 
E 4 HOH 5  5   5   HOH HOH A . 
E 4 HOH 6  6   6   HOH HOH A . 
E 4 HOH 7  7   7   HOH HOH A . 
E 4 HOH 8  8   8   HOH HOH A . 
E 4 HOH 9  9   9   HOH HOH A . 
E 4 HOH 10 10  10  HOH HOH A . 
E 4 HOH 11 11  11  HOH HOH A . 
E 4 HOH 12 12  12  HOH HOH A . 
E 4 HOH 13 13  13  HOH HOH A . 
E 4 HOH 14 14  14  HOH HOH A . 
E 4 HOH 15 15  15  HOH HOH A . 
E 4 HOH 16 16  16  HOH HOH A . 
E 4 HOH 17 17  17  HOH HOH A . 
E 4 HOH 18 18  18  HOH HOH A . 
E 4 HOH 19 19  19  HOH HOH A . 
E 4 HOH 20 20  20  HOH HOH A . 
E 4 HOH 21 21  21  HOH HOH A . 
E 4 HOH 22 22  22  HOH HOH A . 
E 4 HOH 23 23  23  HOH HOH A . 
E 4 HOH 24 24  24  HOH HOH A . 
E 4 HOH 25 25  25  HOH HOH A . 
# 
loop_
_software.name 
_software.classification 
_software.version 
_software.citation_id 
_software.pdbx_ordinal 
REFMAC    refinement       5.1.24 ? 1 
HKL-2000  'data reduction' .      ? 2 
SCALEPACK 'data scaling'   .      ? 3 
PHASER    phasing          .      ? 4 
# 
_cell.entry_id           1Z6I 
_cell.length_a           105.799 
_cell.length_b           105.799 
_cell.length_c           105.799 
_cell.angle_alpha        90.00 
_cell.angle_beta         90.00 
_cell.angle_gamma        90.00 
_cell.Z_PDB              24 
_cell.pdbx_unique_axis   ? 
# 
_symmetry.entry_id                         1Z6I 
_symmetry.space_group_name_H-M             'P 41 3 2' 
_symmetry.pdbx_full_space_group_name_H-M   ? 
_symmetry.cell_setting                     ? 
_symmetry.Int_Tables_number                213 
_symmetry.space_group_name_Hall            ? 
# 
_exptl.entry_id          1Z6I 
_exptl.method            'X-RAY DIFFRACTION' 
_exptl.crystals_number   1 
# 
_exptl_crystal.id                    1 
_exptl_crystal.density_meas          ? 
_exptl_crystal.density_Matthews      2.5 
_exptl_crystal.density_percent_sol   49.8 
_exptl_crystal.description           ? 
_exptl_crystal.F_000                 ? 
_exptl_crystal.preparation           ? 
# 
_exptl_crystal_grow.crystal_id      1 
_exptl_crystal_grow.method          'VAPOR DIFFUSION, HANGING DROP' 
_exptl_crystal_grow.temp            298.0 
_exptl_crystal_grow.temp_details    ? 
_exptl_crystal_grow.pH              4.2 
_exptl_crystal_grow.pdbx_details    
'ammonium sulphate, phosphate citrate, pH 4.2, VAPOR DIFFUSION, HANGING DROP, temperature 298K, temperature 298.0K' 
_exptl_crystal_grow.pdbx_pH_range   . 
# 
_diffrn.id                     1 
_diffrn.ambient_temp           110.0 
_diffrn.ambient_temp_details   ? 
_diffrn.crystal_id             1 
# 
_diffrn_detector.diffrn_id              1 
_diffrn_detector.detector               CCD 
_diffrn_detector.type                   'ADSC QUANTUM 315' 
_diffrn_detector.pdbx_collection_date   2005-01-22 
_diffrn_detector.details                ? 
# 
_diffrn_radiation.diffrn_id                        1 
_diffrn_radiation.wavelength_id                    1 
_diffrn_radiation.pdbx_monochromatic_or_laue_m_l   M 
_diffrn_radiation.monochromator                    'Numerical link type Si(111) double crystal monochromator' 
_diffrn_radiation.pdbx_diffrn_protocol             'SINGLE WAVELENGTH' 
_diffrn_radiation.pdbx_scattering_type             x-ray 
# 
_diffrn_radiation_wavelength.id           1 
_diffrn_radiation_wavelength.wavelength   1.0000 
_diffrn_radiation_wavelength.wt           1.0 
# 
_diffrn_source.diffrn_id                   1 
_diffrn_source.source                      SYNCHROTRON 
_diffrn_source.type                        'PHOTON FACTORY BEAMLINE BL-5A' 
_diffrn_source.pdbx_synchrotron_site       'Photon Factory' 
_diffrn_source.pdbx_synchrotron_beamline   BL-5A 
_diffrn_source.pdbx_wavelength             ? 
_diffrn_source.pdbx_wavelength_list        1.0000 
# 
_reflns.entry_id                     1Z6I 
_reflns.observed_criterion_sigma_F   -3.0 
_reflns.observed_criterion_sigma_I   -3.0 
_reflns.d_resolution_high            2.50 
_reflns.d_resolution_low             74.54 
_reflns.number_all                   7484 
_reflns.number_obs                   7439 
_reflns.percent_possible_obs         99.4 
_reflns.pdbx_Rmerge_I_obs            0.062 
_reflns.pdbx_Rsym_value              ? 
_reflns.pdbx_netI_over_sigmaI        27.44 
_reflns.B_iso_Wilson_estimate        ? 
_reflns.pdbx_redundancy              6.6 
_reflns.R_free_details               ? 
_reflns.limit_h_max                  ? 
_reflns.limit_h_min                  ? 
_reflns.limit_k_max                  ? 
_reflns.limit_k_min                  ? 
_reflns.limit_l_max                  ? 
_reflns.limit_l_min                  ? 
_reflns.observed_criterion_F_max     ? 
_reflns.observed_criterion_F_min     ? 
_reflns.pdbx_chi_squared             ? 
_reflns.pdbx_scaling_rejects         ? 
_reflns.pdbx_ordinal                 1 
_reflns.pdbx_diffrn_id               1 
# 
_reflns_shell.d_res_high             2.50 
_reflns_shell.d_res_low              2.59 
_reflns_shell.percent_possible_all   99.6 
_reflns_shell.Rmerge_I_obs           0.558 
_reflns_shell.pdbx_Rsym_value        ? 
_reflns_shell.meanI_over_sigI_obs    2.42 
_reflns_shell.pdbx_redundancy        6.6 
_reflns_shell.percent_possible_obs   ? 
_reflns_shell.number_unique_all      719 
_reflns_shell.number_measured_all    ? 
_reflns_shell.number_measured_obs    ? 
_reflns_shell.number_unique_obs      ? 
_reflns_shell.pdbx_chi_squared       ? 
_reflns_shell.pdbx_ordinal           1 
_reflns_shell.pdbx_diffrn_id         1 
# 
_refine.entry_id                                 1Z6I 
_refine.ls_number_reflns_obs                     7002 
_refine.ls_number_reflns_all                     7439 
_refine.pdbx_ls_sigma_I                          ? 
_refine.pdbx_ls_sigma_F                          0.0 
_refine.pdbx_data_cutoff_high_absF               ? 
_refine.pdbx_data_cutoff_low_absF                ? 
_refine.pdbx_data_cutoff_high_rms_absF           ? 
_refine.ls_d_res_low                             74.54 
_refine.ls_d_res_high                            2.50 
_refine.ls_percent_reflns_obs                    99.40 
_refine.ls_R_factor_obs                          0.215 
_refine.ls_R_factor_all                          0.225 
_refine.ls_R_factor_R_work                       0.213 
_refine.ls_R_factor_R_free                       0.241 
_refine.ls_R_factor_R_free_error                 ? 
_refine.ls_R_factor_R_free_error_details         ? 
_refine.ls_percent_reflns_R_free                 5.5 
_refine.ls_number_reflns_R_free                  405 
_refine.ls_number_parameters                     ? 
_refine.ls_number_restraints                     ? 
_refine.occupancy_min                            ? 
_refine.occupancy_max                            ? 
_refine.correlation_coeff_Fo_to_Fc               0.945 
_refine.correlation_coeff_Fo_to_Fc_free          0.925 
_refine.B_iso_mean                               51.742 
_refine.aniso_B[1][1]                            ? 
_refine.aniso_B[2][2]                            ? 
_refine.aniso_B[3][3]                            ? 
_refine.aniso_B[1][2]                            ? 
_refine.aniso_B[1][3]                            ? 
_refine.aniso_B[2][3]                            ? 
_refine.solvent_model_details                    'BABINET MODEL WITH MASK' 
_refine.solvent_model_param_ksol                 ? 
_refine.solvent_model_param_bsol                 ? 
_refine.pdbx_solvent_vdw_probe_radii             1.40 
_refine.pdbx_solvent_ion_probe_radii             0.80 
_refine.pdbx_solvent_shrinkage_radii             0.80 
_refine.pdbx_ls_cross_valid_method               THROUGHOUT 
_refine.details                                  'HYDROGENS HAVE BEEN ADDED IN THE RIDING POSITIONS' 
_refine.pdbx_starting_model                      ? 
_refine.pdbx_method_to_determine_struct          'MOLECULAR REPLACEMENT' 
_refine.pdbx_isotropic_thermal_model             ? 
_refine.pdbx_stereochemistry_target_values       'MAXIMUM LIKELIHOOD' 
_refine.pdbx_stereochem_target_val_spec_case     ? 
_refine.pdbx_R_Free_selection_details            RANDOM 
_refine.pdbx_overall_ESU_R_Free                  0.272 
_refine.ls_redundancy_reflns_obs                 ? 
_refine.B_iso_min                                ? 
_refine.B_iso_max                                ? 
_refine.overall_SU_R_Cruickshank_DPI             ? 
_refine.overall_SU_R_free                        ? 
_refine.overall_SU_ML                            ? 
_refine.overall_SU_B                             ? 
_refine.pdbx_overall_ESU_R                       ? 
_refine.ls_wR_factor_R_free                      ? 
_refine.ls_wR_factor_R_work                      ? 
_refine.overall_FOM_free_R_set                   ? 
_refine.overall_FOM_work_R_set                   ? 
_refine.pdbx_refine_id                           'X-RAY DIFFRACTION' 
_refine.pdbx_diffrn_id                           1 
_refine.pdbx_TLS_residual_ADP_flag               ? 
_refine.pdbx_overall_phase_error                 ? 
_refine.pdbx_overall_SU_R_free_Cruickshank_DPI   ? 
_refine.pdbx_overall_SU_R_Blow_DPI               ? 
_refine.pdbx_overall_SU_R_free_Blow_DPI          ? 
# 
_refine_hist.pdbx_refine_id                   'X-RAY DIFFRACTION' 
_refine_hist.cycle_id                         LAST 
_refine_hist.pdbx_number_atoms_protein        1316 
_refine_hist.pdbx_number_atoms_nucleic_acid   0 
_refine_hist.pdbx_number_atoms_ligand         24 
_refine_hist.number_atoms_solvent             25 
_refine_hist.number_atoms_total               1365 
_refine_hist.d_res_high                       2.50 
_refine_hist.d_res_low                        74.54 
# 
loop_
_refine_ls_restr.type 
_refine_ls_restr.dev_ideal 
_refine_ls_restr.dev_ideal_target 
_refine_ls_restr.weight 
_refine_ls_restr.number 
_refine_ls_restr.pdbx_refine_id 
_refine_ls_restr.pdbx_restraint_function 
r_bond_refined_d             0.010 0.021 ? 1371 'X-RAY DIFFRACTION' ? 
r_bond_other_d               0.002 0.020 ? 1215 'X-RAY DIFFRACTION' ? 
r_angle_refined_deg          1.268 1.963 ? 1864 'X-RAY DIFFRACTION' ? 
r_angle_other_deg            0.803 3.000 ? 2829 'X-RAY DIFFRACTION' ? 
r_dihedral_angle_1_deg       6.452 5.000 ? 166  'X-RAY DIFFRACTION' ? 
r_dihedral_angle_2_deg       ?     ?     ? ?    'X-RAY DIFFRACTION' ? 
r_dihedral_angle_3_deg       ?     ?     ? ?    'X-RAY DIFFRACTION' ? 
r_dihedral_angle_4_deg       ?     ?     ? ?    'X-RAY DIFFRACTION' ? 
r_chiral_restr               0.074 0.200 ? 206  'X-RAY DIFFRACTION' ? 
r_gen_planes_refined         0.004 0.020 ? 1498 'X-RAY DIFFRACTION' ? 
r_gen_planes_other           0.001 0.020 ? 273  'X-RAY DIFFRACTION' ? 
r_nbd_refined                0.194 0.200 ? 252  'X-RAY DIFFRACTION' ? 
r_nbd_other                  0.234 0.200 ? 1375 'X-RAY DIFFRACTION' ? 
r_nbtor_refined              ?     ?     ? ?    'X-RAY DIFFRACTION' ? 
r_nbtor_other                0.083 0.200 ? 804  'X-RAY DIFFRACTION' ? 
r_xyhbond_nbd_refined        0.185 0.200 ? 32   'X-RAY DIFFRACTION' ? 
r_xyhbond_nbd_other          ?     ?     ? ?    'X-RAY DIFFRACTION' ? 
r_metal_ion_refined          ?     ?     ? ?    'X-RAY DIFFRACTION' ? 
r_metal_ion_other            ?     ?     ? ?    'X-RAY DIFFRACTION' ? 
r_symmetry_vdw_refined       0.205 0.200 ? 8    'X-RAY DIFFRACTION' ? 
r_symmetry_vdw_other         0.200 0.200 ? 39   'X-RAY DIFFRACTION' ? 
r_symmetry_hbond_refined     0.141 0.200 ? 2    'X-RAY DIFFRACTION' ? 
r_symmetry_hbond_other       ?     ?     ? ?    'X-RAY DIFFRACTION' ? 
r_symmetry_metal_ion_refined ?     ?     ? ?    'X-RAY DIFFRACTION' ? 
r_symmetry_metal_ion_other   ?     ?     ? ?    'X-RAY DIFFRACTION' ? 
r_mcbond_it                  0.549 1.500 ? 832  'X-RAY DIFFRACTION' ? 
r_mcbond_other               ?     ?     ? ?    'X-RAY DIFFRACTION' ? 
r_mcangle_it                 1.082 2.000 ? 1342 'X-RAY DIFFRACTION' ? 
r_scbond_it                  1.483 3.000 ? 539  'X-RAY DIFFRACTION' ? 
r_scangle_it                 2.666 4.500 ? 522  'X-RAY DIFFRACTION' ? 
r_rigid_bond_restr           ?     ?     ? ?    'X-RAY DIFFRACTION' ? 
r_sphericity_free            ?     ?     ? ?    'X-RAY DIFFRACTION' ? 
r_sphericity_bonded          ?     ?     ? ?    'X-RAY DIFFRACTION' ? 
# 
_refine_ls_shell.pdbx_total_number_of_bins_used   20 
_refine_ls_shell.d_res_high                       2.50 
_refine_ls_shell.d_res_low                        2.566 
_refine_ls_shell.number_reflns_R_work             505 
_refine_ls_shell.R_factor_R_work                  0.25 
_refine_ls_shell.percent_reflns_obs               ? 
_refine_ls_shell.R_factor_R_free                  0.396 
_refine_ls_shell.R_factor_R_free_error            ? 
_refine_ls_shell.percent_reflns_R_free            ? 
_refine_ls_shell.number_reflns_R_free             29 
_refine_ls_shell.number_reflns_obs                ? 
_refine_ls_shell.redundancy_reflns_obs            ? 
_refine_ls_shell.number_reflns_all                ? 
_refine_ls_shell.pdbx_refine_id                   'X-RAY DIFFRACTION' 
_refine_ls_shell.R_factor_all                     ? 
# 
_struct.entry_id                  1Z6I 
_struct.title                     'Crystal structure of the ectodomain of Drosophila transmembrane receptor PGRP-LCa' 
_struct.pdbx_model_details        ? 
_struct.pdbx_CASP_flag            ? 
_struct.pdbx_model_type_details   ? 
# 
_struct_keywords.entry_id        1Z6I 
_struct_keywords.pdbx_keywords   'MEMBRANE PROTEIN,IMMUNE SYSTEM' 
_struct_keywords.text            'MIXED BETA-SHEET, 3/10 helix, MEMBRANE PROTEIN, IMMUNE SYSTEM' 
# 
loop_
_struct_asym.id 
_struct_asym.pdbx_blank_PDB_chainid_flag 
_struct_asym.pdbx_modified 
_struct_asym.entity_id 
_struct_asym.details 
A N N 1 ? 
B N N 2 ? 
C N N 3 ? 
D N N 3 ? 
E N N 4 ? 
# 
_struct_ref.id                         1 
_struct_ref.db_name                    UNP 
_struct_ref.db_code                    PGPLC_DROME 
_struct_ref.pdbx_db_accession          Q9GNK5 
_struct_ref.entity_id                  1 
_struct_ref.pdbx_seq_one_letter_code   
;RFVERQQWLAQPPQKEIPDLELPVGLVIALPTNSENCSTQAICVLRVRLLQTYDIESSQKCDIAYNFLIGGDGNVYVGRG
WNKMGAHMNNINYDSQSLSFAYIGSFKTIQPSAKQLSVTRLLLERGVKLGKIAPSYRFTASSKLMPSVTDFKADALYASF
ANWTHWS
;
_struct_ref.pdbx_align_begin           354 
_struct_ref.pdbx_db_isoform            ? 
# 
_struct_ref_seq.align_id                      1 
_struct_ref_seq.ref_id                        1 
_struct_ref_seq.pdbx_PDB_id_code              1Z6I 
_struct_ref_seq.pdbx_strand_id                A 
_struct_ref_seq.seq_align_beg                 1 
_struct_ref_seq.pdbx_seq_align_beg_ins_code   ? 
_struct_ref_seq.seq_align_end                 167 
_struct_ref_seq.pdbx_seq_align_end_ins_code   ? 
_struct_ref_seq.pdbx_db_accession             Q9GNK5 
_struct_ref_seq.db_align_beg                  354 
_struct_ref_seq.pdbx_db_align_beg_ins_code    ? 
_struct_ref_seq.db_align_end                  520 
_struct_ref_seq.pdbx_db_align_end_ins_code    ? 
_struct_ref_seq.pdbx_auth_seq_align_beg       354 
_struct_ref_seq.pdbx_auth_seq_align_end       520 
# 
_struct_ref_seq_dif.align_id                     1 
_struct_ref_seq_dif.pdbx_pdb_id_code             1Z6I 
_struct_ref_seq_dif.mon_id                       ASP 
_struct_ref_seq_dif.pdbx_pdb_strand_id           A 
_struct_ref_seq_dif.seq_num                      1 
_struct_ref_seq_dif.pdbx_pdb_ins_code            ? 
_struct_ref_seq_dif.pdbx_seq_db_name             UNP 
_struct_ref_seq_dif.pdbx_seq_db_accession_code   Q9GNK5 
_struct_ref_seq_dif.db_mon_id                    ARG 
_struct_ref_seq_dif.pdbx_seq_db_seq_num          354 
_struct_ref_seq_dif.details                      'cloning artifact' 
_struct_ref_seq_dif.pdbx_auth_seq_num            354 
_struct_ref_seq_dif.pdbx_ordinal                 1 
# 
_pdbx_struct_assembly.id                   1 
_pdbx_struct_assembly.details              author_defined_assembly 
_pdbx_struct_assembly.method_details       ? 
_pdbx_struct_assembly.oligomeric_details   monomeric 
_pdbx_struct_assembly.oligomeric_count     1 
# 
_pdbx_struct_assembly_gen.assembly_id       1 
_pdbx_struct_assembly_gen.oper_expression   1 
_pdbx_struct_assembly_gen.asym_id_list      A,B,C,D,E 
# 
_pdbx_struct_oper_list.id                   1 
_pdbx_struct_oper_list.type                 'identity operation' 
_pdbx_struct_oper_list.name                 1_555 
_pdbx_struct_oper_list.symmetry_operation   x,y,z 
_pdbx_struct_oper_list.matrix[1][1]         1.0000000000 
_pdbx_struct_oper_list.matrix[1][2]         0.0000000000 
_pdbx_struct_oper_list.matrix[1][3]         0.0000000000 
_pdbx_struct_oper_list.vector[1]            0.0000000000 
_pdbx_struct_oper_list.matrix[2][1]         0.0000000000 
_pdbx_struct_oper_list.matrix[2][2]         1.0000000000 
_pdbx_struct_oper_list.matrix[2][3]         0.0000000000 
_pdbx_struct_oper_list.vector[2]            0.0000000000 
_pdbx_struct_oper_list.matrix[3][1]         0.0000000000 
_pdbx_struct_oper_list.matrix[3][2]         0.0000000000 
_pdbx_struct_oper_list.matrix[3][3]         1.0000000000 
_pdbx_struct_oper_list.vector[3]            0.0000000000 
# 
_struct_biol.id                    1 
_struct_biol.pdbx_parent_biol_id   ? 
_struct_biol.details               ? 
# 
loop_
_struct_conf.conf_type_id 
_struct_conf.id 
_struct_conf.pdbx_PDB_helix_id 
_struct_conf.beg_label_comp_id 
_struct_conf.beg_label_asym_id 
_struct_conf.beg_label_seq_id 
_struct_conf.pdbx_beg_PDB_ins_code 
_struct_conf.end_label_comp_id 
_struct_conf.end_label_asym_id 
_struct_conf.end_label_seq_id 
_struct_conf.pdbx_end_PDB_ins_code 
_struct_conf.beg_auth_comp_id 
_struct_conf.beg_auth_asym_id 
_struct_conf.beg_auth_seq_id 
_struct_conf.end_auth_comp_id 
_struct_conf.end_auth_asym_id 
_struct_conf.end_auth_seq_id 
_struct_conf.pdbx_PDB_helix_class 
_struct_conf.details 
_struct_conf.pdbx_PDB_helix_length 
HELX_P HELX_P1 1 THR A 39  ? SER A 57  ? THR A 392 SER A 410 1 ? 19 
HELX_P HELX_P2 2 ASN A 90  ? SER A 95  ? ASN A 443 SER A 448 1 ? 6  
HELX_P HELX_P3 3 SER A 112 ? LEU A 129 ? SER A 465 LEU A 482 1 ? 18 
HELX_P HELX_P4 4 SER A 141 ? MET A 145 ? SER A 494 MET A 498 1 ? 5  
HELX_P HELX_P5 5 VAL A 148 ? LYS A 152 ? VAL A 501 LYS A 505 5 ? 5  
HELX_P HELX_P6 6 ASP A 154 ? SER A 159 ? ASP A 507 SER A 512 1 ? 6  
# 
_struct_conf_type.id          HELX_P 
_struct_conf_type.criteria    ? 
_struct_conf_type.reference   ? 
# 
loop_
_struct_conn.id 
_struct_conn.conn_type_id 
_struct_conn.pdbx_leaving_atom_flag 
_struct_conn.pdbx_PDB_id 
_struct_conn.ptnr1_label_asym_id 
_struct_conn.ptnr1_label_comp_id 
_struct_conn.ptnr1_label_seq_id 
_struct_conn.ptnr1_label_atom_id 
_struct_conn.pdbx_ptnr1_label_alt_id 
_struct_conn.pdbx_ptnr1_PDB_ins_code 
_struct_conn.pdbx_ptnr1_standard_comp_id 
_struct_conn.ptnr1_symmetry 
_struct_conn.ptnr2_label_asym_id 
_struct_conn.ptnr2_label_comp_id 
_struct_conn.ptnr2_label_seq_id 
_struct_conn.ptnr2_label_atom_id 
_struct_conn.pdbx_ptnr2_label_alt_id 
_struct_conn.pdbx_ptnr2_PDB_ins_code 
_struct_conn.ptnr1_auth_asym_id 
_struct_conn.ptnr1_auth_comp_id 
_struct_conn.ptnr1_auth_seq_id 
_struct_conn.ptnr2_auth_asym_id 
_struct_conn.ptnr2_auth_comp_id 
_struct_conn.ptnr2_auth_seq_id 
_struct_conn.ptnr2_symmetry 
_struct_conn.pdbx_ptnr3_label_atom_id 
_struct_conn.pdbx_ptnr3_label_seq_id 
_struct_conn.pdbx_ptnr3_label_comp_id 
_struct_conn.pdbx_ptnr3_label_asym_id 
_struct_conn.pdbx_ptnr3_label_alt_id 
_struct_conn.pdbx_ptnr3_PDB_ins_code 
_struct_conn.details 
_struct_conn.pdbx_dist_value 
_struct_conn.pdbx_value_order 
_struct_conn.pdbx_role 
disulf1 disulf ?   ? A CYS 37 SG  ? ? ? 1_555 A CYS 43 SG ? ? A CYS 390 A CYS 396 1_555 ? ? ? ? ? ? ? 2.044 ? ?               
covale1 covale one ? A ASN 36 ND2 ? ? ? 1_555 B NAG .  C1 ? ? A ASN 389 A NAG 999 1_555 ? ? ? ? ? ? ? 1.452 ? N-Glycosylation 
# 
loop_
_struct_conn_type.id 
_struct_conn_type.criteria 
_struct_conn_type.reference 
disulf ? ? 
covale ? ? 
# 
loop_
_pdbx_modification_feature.ordinal 
_pdbx_modification_feature.label_comp_id 
_pdbx_modification_feature.label_asym_id 
_pdbx_modification_feature.label_seq_id 
_pdbx_modification_feature.label_alt_id 
_pdbx_modification_feature.modified_residue_label_comp_id 
_pdbx_modification_feature.modified_residue_label_asym_id 
_pdbx_modification_feature.modified_residue_label_seq_id 
_pdbx_modification_feature.modified_residue_label_alt_id 
_pdbx_modification_feature.auth_comp_id 
_pdbx_modification_feature.auth_asym_id 
_pdbx_modification_feature.auth_seq_id 
_pdbx_modification_feature.PDB_ins_code 
_pdbx_modification_feature.symmetry 
_pdbx_modification_feature.modified_residue_auth_comp_id 
_pdbx_modification_feature.modified_residue_auth_asym_id 
_pdbx_modification_feature.modified_residue_auth_seq_id 
_pdbx_modification_feature.modified_residue_PDB_ins_code 
_pdbx_modification_feature.modified_residue_symmetry 
_pdbx_modification_feature.comp_id_linking_atom 
_pdbx_modification_feature.modified_residue_id_linking_atom 
_pdbx_modification_feature.modified_residue_id 
_pdbx_modification_feature.ref_pcm_id 
_pdbx_modification_feature.ref_comp_id 
_pdbx_modification_feature.type 
_pdbx_modification_feature.category 
1 NAG B .  ? ASN A 36 ? NAG A 999 ? 1_555 ASN A 389 ? 1_555 C1 ND2 ASN 1 NAG N-Glycosylation Carbohydrate       
2 CYS A 37 ? CYS A 43 ? CYS A 390 ? 1_555 CYS A 396 ? 1_555 SG SG  .   . .   None            'Disulfide bridge' 
# 
_struct_mon_prot_cis.pdbx_id                1 
_struct_mon_prot_cis.label_comp_id          LEU 
_struct_mon_prot_cis.label_seq_id           22 
_struct_mon_prot_cis.label_asym_id          A 
_struct_mon_prot_cis.label_alt_id           . 
_struct_mon_prot_cis.pdbx_PDB_ins_code      ? 
_struct_mon_prot_cis.auth_comp_id           LEU 
_struct_mon_prot_cis.auth_seq_id            375 
_struct_mon_prot_cis.auth_asym_id           A 
_struct_mon_prot_cis.pdbx_label_comp_id_2   PRO 
_struct_mon_prot_cis.pdbx_label_seq_id_2    23 
_struct_mon_prot_cis.pdbx_label_asym_id_2   A 
_struct_mon_prot_cis.pdbx_PDB_ins_code_2    ? 
_struct_mon_prot_cis.pdbx_auth_comp_id_2    PRO 
_struct_mon_prot_cis.pdbx_auth_seq_id_2     376 
_struct_mon_prot_cis.pdbx_auth_asym_id_2    A 
_struct_mon_prot_cis.pdbx_PDB_model_num     1 
_struct_mon_prot_cis.pdbx_omega_angle       -5.83 
# 
_struct_sheet.id               A 
_struct_sheet.type             ? 
_struct_sheet.number_strands   6 
_struct_sheet.details          ? 
# 
loop_
_struct_sheet_order.sheet_id 
_struct_sheet_order.range_id_1 
_struct_sheet_order.range_id_2 
_struct_sheet_order.offset 
_struct_sheet_order.sense 
A 1 2 ? parallel      
A 2 3 ? anti-parallel 
A 3 4 ? parallel      
A 4 5 ? parallel      
A 5 6 ? parallel      
# 
loop_
_struct_sheet_range.sheet_id 
_struct_sheet_range.id 
_struct_sheet_range.beg_label_comp_id 
_struct_sheet_range.beg_label_asym_id 
_struct_sheet_range.beg_label_seq_id 
_struct_sheet_range.pdbx_beg_PDB_ins_code 
_struct_sheet_range.end_label_comp_id 
_struct_sheet_range.end_label_asym_id 
_struct_sheet_range.end_label_seq_id 
_struct_sheet_range.pdbx_end_PDB_ins_code 
_struct_sheet_range.beg_auth_comp_id 
_struct_sheet_range.beg_auth_asym_id 
_struct_sheet_range.beg_auth_seq_id 
_struct_sheet_range.end_auth_comp_id 
_struct_sheet_range.end_auth_asym_id 
_struct_sheet_range.end_auth_seq_id 
A 1 PHE A 2   ? VAL A 3   ? PHE A 355 VAL A 356 
A 2 VAL A 75  ? VAL A 77  ? VAL A 428 VAL A 430 
A 3 PHE A 67  ? ILE A 69  ? PHE A 420 ILE A 422 
A 4 LEU A 98  ? TYR A 102 ? LEU A 451 TYR A 455 
A 5 VAL A 24  ? PRO A 31  ? VAL A 377 PRO A 384 
A 6 ILE A 132 ? ALA A 140 ? ILE A 485 ALA A 493 
# 
loop_
_pdbx_struct_sheet_hbond.sheet_id 
_pdbx_struct_sheet_hbond.range_id_1 
_pdbx_struct_sheet_hbond.range_id_2 
_pdbx_struct_sheet_hbond.range_1_label_atom_id 
_pdbx_struct_sheet_hbond.range_1_label_comp_id 
_pdbx_struct_sheet_hbond.range_1_label_asym_id 
_pdbx_struct_sheet_hbond.range_1_label_seq_id 
_pdbx_struct_sheet_hbond.range_1_PDB_ins_code 
_pdbx_struct_sheet_hbond.range_1_auth_atom_id 
_pdbx_struct_sheet_hbond.range_1_auth_comp_id 
_pdbx_struct_sheet_hbond.range_1_auth_asym_id 
_pdbx_struct_sheet_hbond.range_1_auth_seq_id 
_pdbx_struct_sheet_hbond.range_2_label_atom_id 
_pdbx_struct_sheet_hbond.range_2_label_comp_id 
_pdbx_struct_sheet_hbond.range_2_label_asym_id 
_pdbx_struct_sheet_hbond.range_2_label_seq_id 
_pdbx_struct_sheet_hbond.range_2_PDB_ins_code 
_pdbx_struct_sheet_hbond.range_2_auth_atom_id 
_pdbx_struct_sheet_hbond.range_2_auth_comp_id 
_pdbx_struct_sheet_hbond.range_2_auth_asym_id 
_pdbx_struct_sheet_hbond.range_2_auth_seq_id 
A 1 2 N VAL A 3   ? N VAL A 356 O VAL A 75  ? O VAL A 428 
A 2 3 O TYR A 76  ? O TYR A 429 N LEU A 68  ? N LEU A 421 
A 3 4 N ILE A 69  ? N ILE A 422 O ALA A 101 ? O ALA A 454 
A 4 5 O TYR A 102 ? O TYR A 455 N LEU A 30  ? N LEU A 383 
A 5 6 N VAL A 24  ? N VAL A 377 O ALA A 133 ? O ALA A 486 
# 
_pdbx_entry_details.entry_id                   1Z6I 
_pdbx_entry_details.compound_details           ? 
_pdbx_entry_details.source_details             ? 
_pdbx_entry_details.nonpolymer_details         ? 
_pdbx_entry_details.sequence_details           ? 
_pdbx_entry_details.has_ligand_of_interest     ? 
_pdbx_entry_details.has_protein_modification   Y 
# 
loop_
_pdbx_validate_rmsd_angle.id 
_pdbx_validate_rmsd_angle.PDB_model_num 
_pdbx_validate_rmsd_angle.auth_atom_id_1 
_pdbx_validate_rmsd_angle.auth_asym_id_1 
_pdbx_validate_rmsd_angle.auth_comp_id_1 
_pdbx_validate_rmsd_angle.auth_seq_id_1 
_pdbx_validate_rmsd_angle.PDB_ins_code_1 
_pdbx_validate_rmsd_angle.label_alt_id_1 
_pdbx_validate_rmsd_angle.auth_atom_id_2 
_pdbx_validate_rmsd_angle.auth_asym_id_2 
_pdbx_validate_rmsd_angle.auth_comp_id_2 
_pdbx_validate_rmsd_angle.auth_seq_id_2 
_pdbx_validate_rmsd_angle.PDB_ins_code_2 
_pdbx_validate_rmsd_angle.label_alt_id_2 
_pdbx_validate_rmsd_angle.auth_atom_id_3 
_pdbx_validate_rmsd_angle.auth_asym_id_3 
_pdbx_validate_rmsd_angle.auth_comp_id_3 
_pdbx_validate_rmsd_angle.auth_seq_id_3 
_pdbx_validate_rmsd_angle.PDB_ins_code_3 
_pdbx_validate_rmsd_angle.label_alt_id_3 
_pdbx_validate_rmsd_angle.angle_value 
_pdbx_validate_rmsd_angle.angle_target_value 
_pdbx_validate_rmsd_angle.angle_deviation 
_pdbx_validate_rmsd_angle.angle_standard_deviation 
_pdbx_validate_rmsd_angle.linker_flag 
1 1 CB A ASP 372 ? ? CG A ASP 372 ? ? OD2 A ASP 372 ? ? 124.49 118.30 6.19 0.90 N 
2 1 CB A ASP 507 ? ? CG A ASP 507 ? ? OD2 A ASP 507 ? ? 123.93 118.30 5.63 0.90 N 
# 
loop_
_pdbx_validate_torsion.id 
_pdbx_validate_torsion.PDB_model_num 
_pdbx_validate_torsion.auth_comp_id 
_pdbx_validate_torsion.auth_asym_id 
_pdbx_validate_torsion.auth_seq_id 
_pdbx_validate_torsion.PDB_ins_code 
_pdbx_validate_torsion.label_alt_id 
_pdbx_validate_torsion.phi 
_pdbx_validate_torsion.psi 
1 1 ALA A 506 ? ? -112.98 -75.52 
2 1 ASP A 507 ? ? 100.76  -55.85 
# 
_pdbx_struct_mod_residue.id               1 
_pdbx_struct_mod_residue.label_asym_id    A 
_pdbx_struct_mod_residue.label_comp_id    ASN 
_pdbx_struct_mod_residue.label_seq_id     36 
_pdbx_struct_mod_residue.auth_asym_id     A 
_pdbx_struct_mod_residue.auth_comp_id     ASN 
_pdbx_struct_mod_residue.auth_seq_id      389 
_pdbx_struct_mod_residue.PDB_ins_code     ? 
_pdbx_struct_mod_residue.parent_comp_id   ASN 
_pdbx_struct_mod_residue.details          'GLYCOSYLATION SITE' 
# 
loop_
_chem_comp_atom.comp_id 
_chem_comp_atom.atom_id 
_chem_comp_atom.type_symbol 
_chem_comp_atom.pdbx_aromatic_flag 
_chem_comp_atom.pdbx_stereo_config 
_chem_comp_atom.pdbx_ordinal 
ALA N    N N N 1   
ALA CA   C N S 2   
ALA C    C N N 3   
ALA O    O N N 4   
ALA CB   C N N 5   
ALA OXT  O N N 6   
ALA H    H N N 7   
ALA H2   H N N 8   
ALA HA   H N N 9   
ALA HB1  H N N 10  
ALA HB2  H N N 11  
ALA HB3  H N N 12  
ALA HXT  H N N 13  
ARG N    N N N 14  
ARG CA   C N S 15  
ARG C    C N N 16  
ARG O    O N N 17  
ARG CB   C N N 18  
ARG CG   C N N 19  
ARG CD   C N N 20  
ARG NE   N N N 21  
ARG CZ   C N N 22  
ARG NH1  N N N 23  
ARG NH2  N N N 24  
ARG OXT  O N N 25  
ARG H    H N N 26  
ARG H2   H N N 27  
ARG HA   H N N 28  
ARG HB2  H N N 29  
ARG HB3  H N N 30  
ARG HG2  H N N 31  
ARG HG3  H N N 32  
ARG HD2  H N N 33  
ARG HD3  H N N 34  
ARG HE   H N N 35  
ARG HH11 H N N 36  
ARG HH12 H N N 37  
ARG HH21 H N N 38  
ARG HH22 H N N 39  
ARG HXT  H N N 40  
ASN N    N N N 41  
ASN CA   C N S 42  
ASN C    C N N 43  
ASN O    O N N 44  
ASN CB   C N N 45  
ASN CG   C N N 46  
ASN OD1  O N N 47  
ASN ND2  N N N 48  
ASN OXT  O N N 49  
ASN H    H N N 50  
ASN H2   H N N 51  
ASN HA   H N N 52  
ASN HB2  H N N 53  
ASN HB3  H N N 54  
ASN HD21 H N N 55  
ASN HD22 H N N 56  
ASN HXT  H N N 57  
ASP N    N N N 58  
ASP CA   C N S 59  
ASP C    C N N 60  
ASP O    O N N 61  
ASP CB   C N N 62  
ASP CG   C N N 63  
ASP OD1  O N N 64  
ASP OD2  O N N 65  
ASP OXT  O N N 66  
ASP H    H N N 67  
ASP H2   H N N 68  
ASP HA   H N N 69  
ASP HB2  H N N 70  
ASP HB3  H N N 71  
ASP HD2  H N N 72  
ASP HXT  H N N 73  
CYS N    N N N 74  
CYS CA   C N R 75  
CYS C    C N N 76  
CYS O    O N N 77  
CYS CB   C N N 78  
CYS SG   S N N 79  
CYS OXT  O N N 80  
CYS H    H N N 81  
CYS H2   H N N 82  
CYS HA   H N N 83  
CYS HB2  H N N 84  
CYS HB3  H N N 85  
CYS HG   H N N 86  
CYS HXT  H N N 87  
GLN N    N N N 88  
GLN CA   C N S 89  
GLN C    C N N 90  
GLN O    O N N 91  
GLN CB   C N N 92  
GLN CG   C N N 93  
GLN CD   C N N 94  
GLN OE1  O N N 95  
GLN NE2  N N N 96  
GLN OXT  O N N 97  
GLN H    H N N 98  
GLN H2   H N N 99  
GLN HA   H N N 100 
GLN HB2  H N N 101 
GLN HB3  H N N 102 
GLN HG2  H N N 103 
GLN HG3  H N N 104 
GLN HE21 H N N 105 
GLN HE22 H N N 106 
GLN HXT  H N N 107 
GLU N    N N N 108 
GLU CA   C N S 109 
GLU C    C N N 110 
GLU O    O N N 111 
GLU CB   C N N 112 
GLU CG   C N N 113 
GLU CD   C N N 114 
GLU OE1  O N N 115 
GLU OE2  O N N 116 
GLU OXT  O N N 117 
GLU H    H N N 118 
GLU H2   H N N 119 
GLU HA   H N N 120 
GLU HB2  H N N 121 
GLU HB3  H N N 122 
GLU HG2  H N N 123 
GLU HG3  H N N 124 
GLU HE2  H N N 125 
GLU HXT  H N N 126 
GLY N    N N N 127 
GLY CA   C N N 128 
GLY C    C N N 129 
GLY O    O N N 130 
GLY OXT  O N N 131 
GLY H    H N N 132 
GLY H2   H N N 133 
GLY HA2  H N N 134 
GLY HA3  H N N 135 
GLY HXT  H N N 136 
HIS N    N N N 137 
HIS CA   C N S 138 
HIS C    C N N 139 
HIS O    O N N 140 
HIS CB   C N N 141 
HIS CG   C Y N 142 
HIS ND1  N Y N 143 
HIS CD2  C Y N 144 
HIS CE1  C Y N 145 
HIS NE2  N Y N 146 
HIS OXT  O N N 147 
HIS H    H N N 148 
HIS H2   H N N 149 
HIS HA   H N N 150 
HIS HB2  H N N 151 
HIS HB3  H N N 152 
HIS HD1  H N N 153 
HIS HD2  H N N 154 
HIS HE1  H N N 155 
HIS HE2  H N N 156 
HIS HXT  H N N 157 
HOH O    O N N 158 
HOH H1   H N N 159 
HOH H2   H N N 160 
ILE N    N N N 161 
ILE CA   C N S 162 
ILE C    C N N 163 
ILE O    O N N 164 
ILE CB   C N S 165 
ILE CG1  C N N 166 
ILE CG2  C N N 167 
ILE CD1  C N N 168 
ILE OXT  O N N 169 
ILE H    H N N 170 
ILE H2   H N N 171 
ILE HA   H N N 172 
ILE HB   H N N 173 
ILE HG12 H N N 174 
ILE HG13 H N N 175 
ILE HG21 H N N 176 
ILE HG22 H N N 177 
ILE HG23 H N N 178 
ILE HD11 H N N 179 
ILE HD12 H N N 180 
ILE HD13 H N N 181 
ILE HXT  H N N 182 
LEU N    N N N 183 
LEU CA   C N S 184 
LEU C    C N N 185 
LEU O    O N N 186 
LEU CB   C N N 187 
LEU CG   C N N 188 
LEU CD1  C N N 189 
LEU CD2  C N N 190 
LEU OXT  O N N 191 
LEU H    H N N 192 
LEU H2   H N N 193 
LEU HA   H N N 194 
LEU HB2  H N N 195 
LEU HB3  H N N 196 
LEU HG   H N N 197 
LEU HD11 H N N 198 
LEU HD12 H N N 199 
LEU HD13 H N N 200 
LEU HD21 H N N 201 
LEU HD22 H N N 202 
LEU HD23 H N N 203 
LEU HXT  H N N 204 
LYS N    N N N 205 
LYS CA   C N S 206 
LYS C    C N N 207 
LYS O    O N N 208 
LYS CB   C N N 209 
LYS CG   C N N 210 
LYS CD   C N N 211 
LYS CE   C N N 212 
LYS NZ   N N N 213 
LYS OXT  O N N 214 
LYS H    H N N 215 
LYS H2   H N N 216 
LYS HA   H N N 217 
LYS HB2  H N N 218 
LYS HB3  H N N 219 
LYS HG2  H N N 220 
LYS HG3  H N N 221 
LYS HD2  H N N 222 
LYS HD3  H N N 223 
LYS HE2  H N N 224 
LYS HE3  H N N 225 
LYS HZ1  H N N 226 
LYS HZ2  H N N 227 
LYS HZ3  H N N 228 
LYS HXT  H N N 229 
MET N    N N N 230 
MET CA   C N S 231 
MET C    C N N 232 
MET O    O N N 233 
MET CB   C N N 234 
MET CG   C N N 235 
MET SD   S N N 236 
MET CE   C N N 237 
MET OXT  O N N 238 
MET H    H N N 239 
MET H2   H N N 240 
MET HA   H N N 241 
MET HB2  H N N 242 
MET HB3  H N N 243 
MET HG2  H N N 244 
MET HG3  H N N 245 
MET HE1  H N N 246 
MET HE2  H N N 247 
MET HE3  H N N 248 
MET HXT  H N N 249 
NAG C1   C N R 250 
NAG C2   C N R 251 
NAG C3   C N R 252 
NAG C4   C N S 253 
NAG C5   C N R 254 
NAG C6   C N N 255 
NAG C7   C N N 256 
NAG C8   C N N 257 
NAG N2   N N N 258 
NAG O1   O N N 259 
NAG O3   O N N 260 
NAG O4   O N N 261 
NAG O5   O N N 262 
NAG O6   O N N 263 
NAG O7   O N N 264 
NAG H1   H N N 265 
NAG H2   H N N 266 
NAG H3   H N N 267 
NAG H4   H N N 268 
NAG H5   H N N 269 
NAG H61  H N N 270 
NAG H62  H N N 271 
NAG H81  H N N 272 
NAG H82  H N N 273 
NAG H83  H N N 274 
NAG HN2  H N N 275 
NAG HO1  H N N 276 
NAG HO3  H N N 277 
NAG HO4  H N N 278 
NAG HO6  H N N 279 
PHE N    N N N 280 
PHE CA   C N S 281 
PHE C    C N N 282 
PHE O    O N N 283 
PHE CB   C N N 284 
PHE CG   C Y N 285 
PHE CD1  C Y N 286 
PHE CD2  C Y N 287 
PHE CE1  C Y N 288 
PHE CE2  C Y N 289 
PHE CZ   C Y N 290 
PHE OXT  O N N 291 
PHE H    H N N 292 
PHE H2   H N N 293 
PHE HA   H N N 294 
PHE HB2  H N N 295 
PHE HB3  H N N 296 
PHE HD1  H N N 297 
PHE HD2  H N N 298 
PHE HE1  H N N 299 
PHE HE2  H N N 300 
PHE HZ   H N N 301 
PHE HXT  H N N 302 
PRO N    N N N 303 
PRO CA   C N S 304 
PRO C    C N N 305 
PRO O    O N N 306 
PRO CB   C N N 307 
PRO CG   C N N 308 
PRO CD   C N N 309 
PRO OXT  O N N 310 
PRO H    H N N 311 
PRO HA   H N N 312 
PRO HB2  H N N 313 
PRO HB3  H N N 314 
PRO HG2  H N N 315 
PRO HG3  H N N 316 
PRO HD2  H N N 317 
PRO HD3  H N N 318 
PRO HXT  H N N 319 
SER N    N N N 320 
SER CA   C N S 321 
SER C    C N N 322 
SER O    O N N 323 
SER CB   C N N 324 
SER OG   O N N 325 
SER OXT  O N N 326 
SER H    H N N 327 
SER H2   H N N 328 
SER HA   H N N 329 
SER HB2  H N N 330 
SER HB3  H N N 331 
SER HG   H N N 332 
SER HXT  H N N 333 
SO4 S    S N N 334 
SO4 O1   O N N 335 
SO4 O2   O N N 336 
SO4 O3   O N N 337 
SO4 O4   O N N 338 
THR N    N N N 339 
THR CA   C N S 340 
THR C    C N N 341 
THR O    O N N 342 
THR CB   C N R 343 
THR OG1  O N N 344 
THR CG2  C N N 345 
THR OXT  O N N 346 
THR H    H N N 347 
THR H2   H N N 348 
THR HA   H N N 349 
THR HB   H N N 350 
THR HG1  H N N 351 
THR HG21 H N N 352 
THR HG22 H N N 353 
THR HG23 H N N 354 
THR HXT  H N N 355 
TRP N    N N N 356 
TRP CA   C N S 357 
TRP C    C N N 358 
TRP O    O N N 359 
TRP CB   C N N 360 
TRP CG   C Y N 361 
TRP CD1  C Y N 362 
TRP CD2  C Y N 363 
TRP NE1  N Y N 364 
TRP CE2  C Y N 365 
TRP CE3  C Y N 366 
TRP CZ2  C Y N 367 
TRP CZ3  C Y N 368 
TRP CH2  C Y N 369 
TRP OXT  O N N 370 
TRP H    H N N 371 
TRP H2   H N N 372 
TRP HA   H N N 373 
TRP HB2  H N N 374 
TRP HB3  H N N 375 
TRP HD1  H N N 376 
TRP HE1  H N N 377 
TRP HE3  H N N 378 
TRP HZ2  H N N 379 
TRP HZ3  H N N 380 
TRP HH2  H N N 381 
TRP HXT  H N N 382 
TYR N    N N N 383 
TYR CA   C N S 384 
TYR C    C N N 385 
TYR O    O N N 386 
TYR CB   C N N 387 
TYR CG   C Y N 388 
TYR CD1  C Y N 389 
TYR CD2  C Y N 390 
TYR CE1  C Y N 391 
TYR CE2  C Y N 392 
TYR CZ   C Y N 393 
TYR OH   O N N 394 
TYR OXT  O N N 395 
TYR H    H N N 396 
TYR H2   H N N 397 
TYR HA   H N N 398 
TYR HB2  H N N 399 
TYR HB3  H N N 400 
TYR HD1  H N N 401 
TYR HD2  H N N 402 
TYR HE1  H N N 403 
TYR HE2  H N N 404 
TYR HH   H N N 405 
TYR HXT  H N N 406 
VAL N    N N N 407 
VAL CA   C N S 408 
VAL C    C N N 409 
VAL O    O N N 410 
VAL CB   C N N 411 
VAL CG1  C N N 412 
VAL CG2  C N N 413 
VAL OXT  O N N 414 
VAL H    H N N 415 
VAL H2   H N N 416 
VAL HA   H N N 417 
VAL HB   H N N 418 
VAL HG11 H N N 419 
VAL HG12 H N N 420 
VAL HG13 H N N 421 
VAL HG21 H N N 422 
VAL HG22 H N N 423 
VAL HG23 H N N 424 
VAL HXT  H N N 425 
# 
loop_
_chem_comp_bond.comp_id 
_chem_comp_bond.atom_id_1 
_chem_comp_bond.atom_id_2 
_chem_comp_bond.value_order 
_chem_comp_bond.pdbx_aromatic_flag 
_chem_comp_bond.pdbx_stereo_config 
_chem_comp_bond.pdbx_ordinal 
ALA N   CA   sing N N 1   
ALA N   H    sing N N 2   
ALA N   H2   sing N N 3   
ALA CA  C    sing N N 4   
ALA CA  CB   sing N N 5   
ALA CA  HA   sing N N 6   
ALA C   O    doub N N 7   
ALA C   OXT  sing N N 8   
ALA CB  HB1  sing N N 9   
ALA CB  HB2  sing N N 10  
ALA CB  HB3  sing N N 11  
ALA OXT HXT  sing N N 12  
ARG N   CA   sing N N 13  
ARG N   H    sing N N 14  
ARG N   H2   sing N N 15  
ARG CA  C    sing N N 16  
ARG CA  CB   sing N N 17  
ARG CA  HA   sing N N 18  
ARG C   O    doub N N 19  
ARG C   OXT  sing N N 20  
ARG CB  CG   sing N N 21  
ARG CB  HB2  sing N N 22  
ARG CB  HB3  sing N N 23  
ARG CG  CD   sing N N 24  
ARG CG  HG2  sing N N 25  
ARG CG  HG3  sing N N 26  
ARG CD  NE   sing N N 27  
ARG CD  HD2  sing N N 28  
ARG CD  HD3  sing N N 29  
ARG NE  CZ   sing N N 30  
ARG NE  HE   sing N N 31  
ARG CZ  NH1  sing N N 32  
ARG CZ  NH2  doub N N 33  
ARG NH1 HH11 sing N N 34  
ARG NH1 HH12 sing N N 35  
ARG NH2 HH21 sing N N 36  
ARG NH2 HH22 sing N N 37  
ARG OXT HXT  sing N N 38  
ASN N   CA   sing N N 39  
ASN N   H    sing N N 40  
ASN N   H2   sing N N 41  
ASN CA  C    sing N N 42  
ASN CA  CB   sing N N 43  
ASN CA  HA   sing N N 44  
ASN C   O    doub N N 45  
ASN C   OXT  sing N N 46  
ASN CB  CG   sing N N 47  
ASN CB  HB2  sing N N 48  
ASN CB  HB3  sing N N 49  
ASN CG  OD1  doub N N 50  
ASN CG  ND2  sing N N 51  
ASN ND2 HD21 sing N N 52  
ASN ND2 HD22 sing N N 53  
ASN OXT HXT  sing N N 54  
ASP N   CA   sing N N 55  
ASP N   H    sing N N 56  
ASP N   H2   sing N N 57  
ASP CA  C    sing N N 58  
ASP CA  CB   sing N N 59  
ASP CA  HA   sing N N 60  
ASP C   O    doub N N 61  
ASP C   OXT  sing N N 62  
ASP CB  CG   sing N N 63  
ASP CB  HB2  sing N N 64  
ASP CB  HB3  sing N N 65  
ASP CG  OD1  doub N N 66  
ASP CG  OD2  sing N N 67  
ASP OD2 HD2  sing N N 68  
ASP OXT HXT  sing N N 69  
CYS N   CA   sing N N 70  
CYS N   H    sing N N 71  
CYS N   H2   sing N N 72  
CYS CA  C    sing N N 73  
CYS CA  CB   sing N N 74  
CYS CA  HA   sing N N 75  
CYS C   O    doub N N 76  
CYS C   OXT  sing N N 77  
CYS CB  SG   sing N N 78  
CYS CB  HB2  sing N N 79  
CYS CB  HB3  sing N N 80  
CYS SG  HG   sing N N 81  
CYS OXT HXT  sing N N 82  
GLN N   CA   sing N N 83  
GLN N   H    sing N N 84  
GLN N   H2   sing N N 85  
GLN CA  C    sing N N 86  
GLN CA  CB   sing N N 87  
GLN CA  HA   sing N N 88  
GLN C   O    doub N N 89  
GLN C   OXT  sing N N 90  
GLN CB  CG   sing N N 91  
GLN CB  HB2  sing N N 92  
GLN CB  HB3  sing N N 93  
GLN CG  CD   sing N N 94  
GLN CG  HG2  sing N N 95  
GLN CG  HG3  sing N N 96  
GLN CD  OE1  doub N N 97  
GLN CD  NE2  sing N N 98  
GLN NE2 HE21 sing N N 99  
GLN NE2 HE22 sing N N 100 
GLN OXT HXT  sing N N 101 
GLU N   CA   sing N N 102 
GLU N   H    sing N N 103 
GLU N   H2   sing N N 104 
GLU CA  C    sing N N 105 
GLU CA  CB   sing N N 106 
GLU CA  HA   sing N N 107 
GLU C   O    doub N N 108 
GLU C   OXT  sing N N 109 
GLU CB  CG   sing N N 110 
GLU CB  HB2  sing N N 111 
GLU CB  HB3  sing N N 112 
GLU CG  CD   sing N N 113 
GLU CG  HG2  sing N N 114 
GLU CG  HG3  sing N N 115 
GLU CD  OE1  doub N N 116 
GLU CD  OE2  sing N N 117 
GLU OE2 HE2  sing N N 118 
GLU OXT HXT  sing N N 119 
GLY N   CA   sing N N 120 
GLY N   H    sing N N 121 
GLY N   H2   sing N N 122 
GLY CA  C    sing N N 123 
GLY CA  HA2  sing N N 124 
GLY CA  HA3  sing N N 125 
GLY C   O    doub N N 126 
GLY C   OXT  sing N N 127 
GLY OXT HXT  sing N N 128 
HIS N   CA   sing N N 129 
HIS N   H    sing N N 130 
HIS N   H2   sing N N 131 
HIS CA  C    sing N N 132 
HIS CA  CB   sing N N 133 
HIS CA  HA   sing N N 134 
HIS C   O    doub N N 135 
HIS C   OXT  sing N N 136 
HIS CB  CG   sing N N 137 
HIS CB  HB2  sing N N 138 
HIS CB  HB3  sing N N 139 
HIS CG  ND1  sing Y N 140 
HIS CG  CD2  doub Y N 141 
HIS ND1 CE1  doub Y N 142 
HIS ND1 HD1  sing N N 143 
HIS CD2 NE2  sing Y N 144 
HIS CD2 HD2  sing N N 145 
HIS CE1 NE2  sing Y N 146 
HIS CE1 HE1  sing N N 147 
HIS NE2 HE2  sing N N 148 
HIS OXT HXT  sing N N 149 
HOH O   H1   sing N N 150 
HOH O   H2   sing N N 151 
ILE N   CA   sing N N 152 
ILE N   H    sing N N 153 
ILE N   H2   sing N N 154 
ILE CA  C    sing N N 155 
ILE CA  CB   sing N N 156 
ILE CA  HA   sing N N 157 
ILE C   O    doub N N 158 
ILE C   OXT  sing N N 159 
ILE CB  CG1  sing N N 160 
ILE CB  CG2  sing N N 161 
ILE CB  HB   sing N N 162 
ILE CG1 CD1  sing N N 163 
ILE CG1 HG12 sing N N 164 
ILE CG1 HG13 sing N N 165 
ILE CG2 HG21 sing N N 166 
ILE CG2 HG22 sing N N 167 
ILE CG2 HG23 sing N N 168 
ILE CD1 HD11 sing N N 169 
ILE CD1 HD12 sing N N 170 
ILE CD1 HD13 sing N N 171 
ILE OXT HXT  sing N N 172 
LEU N   CA   sing N N 173 
LEU N   H    sing N N 174 
LEU N   H2   sing N N 175 
LEU CA  C    sing N N 176 
LEU CA  CB   sing N N 177 
LEU CA  HA   sing N N 178 
LEU C   O    doub N N 179 
LEU C   OXT  sing N N 180 
LEU CB  CG   sing N N 181 
LEU CB  HB2  sing N N 182 
LEU CB  HB3  sing N N 183 
LEU CG  CD1  sing N N 184 
LEU CG  CD2  sing N N 185 
LEU CG  HG   sing N N 186 
LEU CD1 HD11 sing N N 187 
LEU CD1 HD12 sing N N 188 
LEU CD1 HD13 sing N N 189 
LEU CD2 HD21 sing N N 190 
LEU CD2 HD22 sing N N 191 
LEU CD2 HD23 sing N N 192 
LEU OXT HXT  sing N N 193 
LYS N   CA   sing N N 194 
LYS N   H    sing N N 195 
LYS N   H2   sing N N 196 
LYS CA  C    sing N N 197 
LYS CA  CB   sing N N 198 
LYS CA  HA   sing N N 199 
LYS C   O    doub N N 200 
LYS C   OXT  sing N N 201 
LYS CB  CG   sing N N 202 
LYS CB  HB2  sing N N 203 
LYS CB  HB3  sing N N 204 
LYS CG  CD   sing N N 205 
LYS CG  HG2  sing N N 206 
LYS CG  HG3  sing N N 207 
LYS CD  CE   sing N N 208 
LYS CD  HD2  sing N N 209 
LYS CD  HD3  sing N N 210 
LYS CE  NZ   sing N N 211 
LYS CE  HE2  sing N N 212 
LYS CE  HE3  sing N N 213 
LYS NZ  HZ1  sing N N 214 
LYS NZ  HZ2  sing N N 215 
LYS NZ  HZ3  sing N N 216 
LYS OXT HXT  sing N N 217 
MET N   CA   sing N N 218 
MET N   H    sing N N 219 
MET N   H2   sing N N 220 
MET CA  C    sing N N 221 
MET CA  CB   sing N N 222 
MET CA  HA   sing N N 223 
MET C   O    doub N N 224 
MET C   OXT  sing N N 225 
MET CB  CG   sing N N 226 
MET CB  HB2  sing N N 227 
MET CB  HB3  sing N N 228 
MET CG  SD   sing N N 229 
MET CG  HG2  sing N N 230 
MET CG  HG3  sing N N 231 
MET SD  CE   sing N N 232 
MET CE  HE1  sing N N 233 
MET CE  HE2  sing N N 234 
MET CE  HE3  sing N N 235 
MET OXT HXT  sing N N 236 
NAG C1  C2   sing N N 237 
NAG C1  O1   sing N N 238 
NAG C1  O5   sing N N 239 
NAG C1  H1   sing N N 240 
NAG C2  C3   sing N N 241 
NAG C2  N2   sing N N 242 
NAG C2  H2   sing N N 243 
NAG C3  C4   sing N N 244 
NAG C3  O3   sing N N 245 
NAG C3  H3   sing N N 246 
NAG C4  C5   sing N N 247 
NAG C4  O4   sing N N 248 
NAG C4  H4   sing N N 249 
NAG C5  C6   sing N N 250 
NAG C5  O5   sing N N 251 
NAG C5  H5   sing N N 252 
NAG C6  O6   sing N N 253 
NAG C6  H61  sing N N 254 
NAG C6  H62  sing N N 255 
NAG C7  C8   sing N N 256 
NAG C7  N2   sing N N 257 
NAG C7  O7   doub N N 258 
NAG C8  H81  sing N N 259 
NAG C8  H82  sing N N 260 
NAG C8  H83  sing N N 261 
NAG N2  HN2  sing N N 262 
NAG O1  HO1  sing N N 263 
NAG O3  HO3  sing N N 264 
NAG O4  HO4  sing N N 265 
NAG O6  HO6  sing N N 266 
PHE N   CA   sing N N 267 
PHE N   H    sing N N 268 
PHE N   H2   sing N N 269 
PHE CA  C    sing N N 270 
PHE CA  CB   sing N N 271 
PHE CA  HA   sing N N 272 
PHE C   O    doub N N 273 
PHE C   OXT  sing N N 274 
PHE CB  CG   sing N N 275 
PHE CB  HB2  sing N N 276 
PHE CB  HB3  sing N N 277 
PHE CG  CD1  doub Y N 278 
PHE CG  CD2  sing Y N 279 
PHE CD1 CE1  sing Y N 280 
PHE CD1 HD1  sing N N 281 
PHE CD2 CE2  doub Y N 282 
PHE CD2 HD2  sing N N 283 
PHE CE1 CZ   doub Y N 284 
PHE CE1 HE1  sing N N 285 
PHE CE2 CZ   sing Y N 286 
PHE CE2 HE2  sing N N 287 
PHE CZ  HZ   sing N N 288 
PHE OXT HXT  sing N N 289 
PRO N   CA   sing N N 290 
PRO N   CD   sing N N 291 
PRO N   H    sing N N 292 
PRO CA  C    sing N N 293 
PRO CA  CB   sing N N 294 
PRO CA  HA   sing N N 295 
PRO C   O    doub N N 296 
PRO C   OXT  sing N N 297 
PRO CB  CG   sing N N 298 
PRO CB  HB2  sing N N 299 
PRO CB  HB3  sing N N 300 
PRO CG  CD   sing N N 301 
PRO CG  HG2  sing N N 302 
PRO CG  HG3  sing N N 303 
PRO CD  HD2  sing N N 304 
PRO CD  HD3  sing N N 305 
PRO OXT HXT  sing N N 306 
SER N   CA   sing N N 307 
SER N   H    sing N N 308 
SER N   H2   sing N N 309 
SER CA  C    sing N N 310 
SER CA  CB   sing N N 311 
SER CA  HA   sing N N 312 
SER C   O    doub N N 313 
SER C   OXT  sing N N 314 
SER CB  OG   sing N N 315 
SER CB  HB2  sing N N 316 
SER CB  HB3  sing N N 317 
SER OG  HG   sing N N 318 
SER OXT HXT  sing N N 319 
SO4 S   O1   doub N N 320 
SO4 S   O2   doub N N 321 
SO4 S   O3   sing N N 322 
SO4 S   O4   sing N N 323 
THR N   CA   sing N N 324 
THR N   H    sing N N 325 
THR N   H2   sing N N 326 
THR CA  C    sing N N 327 
THR CA  CB   sing N N 328 
THR CA  HA   sing N N 329 
THR C   O    doub N N 330 
THR C   OXT  sing N N 331 
THR CB  OG1  sing N N 332 
THR CB  CG2  sing N N 333 
THR CB  HB   sing N N 334 
THR OG1 HG1  sing N N 335 
THR CG2 HG21 sing N N 336 
THR CG2 HG22 sing N N 337 
THR CG2 HG23 sing N N 338 
THR OXT HXT  sing N N 339 
TRP N   CA   sing N N 340 
TRP N   H    sing N N 341 
TRP N   H2   sing N N 342 
TRP CA  C    sing N N 343 
TRP CA  CB   sing N N 344 
TRP CA  HA   sing N N 345 
TRP C   O    doub N N 346 
TRP C   OXT  sing N N 347 
TRP CB  CG   sing N N 348 
TRP CB  HB2  sing N N 349 
TRP CB  HB3  sing N N 350 
TRP CG  CD1  doub Y N 351 
TRP CG  CD2  sing Y N 352 
TRP CD1 NE1  sing Y N 353 
TRP CD1 HD1  sing N N 354 
TRP CD2 CE2  doub Y N 355 
TRP CD2 CE3  sing Y N 356 
TRP NE1 CE2  sing Y N 357 
TRP NE1 HE1  sing N N 358 
TRP CE2 CZ2  sing Y N 359 
TRP CE3 CZ3  doub Y N 360 
TRP CE3 HE3  sing N N 361 
TRP CZ2 CH2  doub Y N 362 
TRP CZ2 HZ2  sing N N 363 
TRP CZ3 CH2  sing Y N 364 
TRP CZ3 HZ3  sing N N 365 
TRP CH2 HH2  sing N N 366 
TRP OXT HXT  sing N N 367 
TYR N   CA   sing N N 368 
TYR N   H    sing N N 369 
TYR N   H2   sing N N 370 
TYR CA  C    sing N N 371 
TYR CA  CB   sing N N 372 
TYR CA  HA   sing N N 373 
TYR C   O    doub N N 374 
TYR C   OXT  sing N N 375 
TYR CB  CG   sing N N 376 
TYR CB  HB2  sing N N 377 
TYR CB  HB3  sing N N 378 
TYR CG  CD1  doub Y N 379 
TYR CG  CD2  sing Y N 380 
TYR CD1 CE1  sing Y N 381 
TYR CD1 HD1  sing N N 382 
TYR CD2 CE2  doub Y N 383 
TYR CD2 HD2  sing N N 384 
TYR CE1 CZ   doub Y N 385 
TYR CE1 HE1  sing N N 386 
TYR CE2 CZ   sing Y N 387 
TYR CE2 HE2  sing N N 388 
TYR CZ  OH   sing N N 389 
TYR OH  HH   sing N N 390 
TYR OXT HXT  sing N N 391 
VAL N   CA   sing N N 392 
VAL N   H    sing N N 393 
VAL N   H2   sing N N 394 
VAL CA  C    sing N N 395 
VAL CA  CB   sing N N 396 
VAL CA  HA   sing N N 397 
VAL C   O    doub N N 398 
VAL C   OXT  sing N N 399 
VAL CB  CG1  sing N N 400 
VAL CB  CG2  sing N N 401 
VAL CB  HB   sing N N 402 
VAL CG1 HG11 sing N N 403 
VAL CG1 HG12 sing N N 404 
VAL CG1 HG13 sing N N 405 
VAL CG2 HG21 sing N N 406 
VAL CG2 HG22 sing N N 407 
VAL CG2 HG23 sing N N 408 
VAL OXT HXT  sing N N 409 
# 
_atom_sites.entry_id                    1Z6I 
_atom_sites.fract_transf_matrix[1][1]   -0.00936044 
_atom_sites.fract_transf_matrix[1][2]   0.00080806 
_atom_sites.fract_transf_matrix[1][3]   0.00103420 
_atom_sites.fract_transf_matrix[2][1]   0.00105746 
_atom_sites.fract_transf_matrix[2][2]   0.00023182 
_atom_sites.fract_transf_matrix[2][3]   0.00938980 
_atom_sites.fract_transf_matrix[3][1]   0.00077738 
_atom_sites.fract_transf_matrix[3][2]   0.00941454 
_atom_sites.fract_transf_matrix[3][3]   -0.00031998 
_atom_sites.fract_transf_vector[1]      -0.084754 
_atom_sites.fract_transf_vector[2]      -0.168446 
_atom_sites.fract_transf_vector[3]      0.162209 
# 
loop_
_atom_type.symbol 
C 
N 
O 
S 
# 
loop_
_atom_site.group_PDB 
_atom_site.id 
_atom_site.type_symbol 
_atom_site.label_atom_id 
_atom_site.label_alt_id 
_atom_site.label_comp_id 
_atom_site.label_asym_id 
_atom_site.label_entity_id 
_atom_site.label_seq_id 
_atom_site.pdbx_PDB_ins_code 
_atom_site.Cartn_x 
_atom_site.Cartn_y 
_atom_site.Cartn_z 
_atom_site.occupancy 
_atom_site.B_iso_or_equiv 
_atom_site.pdbx_formal_charge 
_atom_site.auth_seq_id 
_atom_site.auth_comp_id 
_atom_site.auth_asym_id 
_atom_site.auth_atom_id 
_atom_site.pdbx_PDB_model_num 
ATOM   1    N N   . ASP A 1 1   ? 8.234   -13.285 -1.291  1.00 66.88 ? 354 ASP A N   1 
ATOM   2    C CA  . ASP A 1 1   ? 8.769   -12.781 -2.596  1.00 67.15 ? 354 ASP A CA  1 
ATOM   3    C C   . ASP A 1 1   ? 7.968   -11.591 -3.185  1.00 66.43 ? 354 ASP A C   1 
ATOM   4    O O   . ASP A 1 1   ? 6.747   -11.469 -2.989  1.00 66.43 ? 354 ASP A O   1 
ATOM   5    C CB  . ASP A 1 1   ? 8.840   -13.927 -3.620  1.00 67.64 ? 354 ASP A CB  1 
ATOM   6    C CG  . ASP A 1 1   ? 9.969   -13.751 -4.639  1.00 69.06 ? 354 ASP A CG  1 
ATOM   7    O OD1 . ASP A 1 1   ? 10.758  -12.780 -4.523  1.00 70.25 ? 354 ASP A OD1 1 
ATOM   8    O OD2 . ASP A 1 1   ? 10.138  -14.547 -5.595  1.00 70.30 ? 354 ASP A OD2 1 
ATOM   9    N N   . PHE A 1 2   ? 8.689   -10.734 -3.913  1.00 65.29 ? 355 PHE A N   1 
ATOM   10   C CA  . PHE A 1 2   ? 8.193   -9.447  -4.395  1.00 64.24 ? 355 PHE A CA  1 
ATOM   11   C C   . PHE A 1 2   ? 8.107   -9.431  -5.918  1.00 62.56 ? 355 PHE A C   1 
ATOM   12   O O   . PHE A 1 2   ? 9.103   -9.670  -6.607  1.00 62.45 ? 355 PHE A O   1 
ATOM   13   C CB  . PHE A 1 2   ? 9.161   -8.327  -3.998  1.00 64.52 ? 355 PHE A CB  1 
ATOM   14   C CG  . PHE A 1 2   ? 9.141   -7.972  -2.537  1.00 66.17 ? 355 PHE A CG  1 
ATOM   15   C CD1 . PHE A 1 2   ? 8.815   -6.683  -2.133  1.00 67.26 ? 355 PHE A CD1 1 
ATOM   16   C CD2 . PHE A 1 2   ? 9.493   -8.903  -1.569  1.00 68.08 ? 355 PHE A CD2 1 
ATOM   17   C CE1 . PHE A 1 2   ? 8.812   -6.335  -0.796  1.00 68.21 ? 355 PHE A CE1 1 
ATOM   18   C CE2 . PHE A 1 2   ? 9.491   -8.562  -0.224  1.00 68.96 ? 355 PHE A CE2 1 
ATOM   19   C CZ  . PHE A 1 2   ? 9.148   -7.274  0.162   1.00 69.07 ? 355 PHE A CZ  1 
ATOM   20   N N   . VAL A 1 3   ? 6.931   -9.114  -6.444  1.00 60.34 ? 356 VAL A N   1 
ATOM   21   C CA  . VAL A 1 3   ? 6.785   -8.855  -7.864  1.00 58.55 ? 356 VAL A CA  1 
ATOM   22   C C   . VAL A 1 3   ? 7.238   -7.407  -8.102  1.00 57.56 ? 356 VAL A C   1 
ATOM   23   O O   . VAL A 1 3   ? 6.540   -6.469  -7.743  1.00 57.22 ? 356 VAL A O   1 
ATOM   24   C CB  . VAL A 1 3   ? 5.329   -9.111  -8.323  1.00 58.30 ? 356 VAL A CB  1 
ATOM   25   C CG1 . VAL A 1 3   ? 5.164   -8.854  -9.822  1.00 57.83 ? 356 VAL A CG1 1 
ATOM   26   C CG2 . VAL A 1 3   ? 4.919   -10.529 -7.989  1.00 57.36 ? 356 VAL A CG2 1 
ATOM   27   N N   . GLU A 1 4   ? 8.422   -7.238  -8.683  1.00 56.71 ? 357 GLU A N   1 
ATOM   28   C CA  . GLU A 1 4   ? 9.034   -5.913  -8.861  1.00 56.25 ? 357 GLU A CA  1 
ATOM   29   C C   . GLU A 1 4   ? 8.395   -5.168  -10.033 1.00 55.42 ? 357 GLU A C   1 
ATOM   30   O O   . GLU A 1 4   ? 7.713   -5.766  -10.862 1.00 55.32 ? 357 GLU A O   1 
ATOM   31   C CB  . GLU A 1 4   ? 10.549  -6.009  -9.111  1.00 56.39 ? 357 GLU A CB  1 
ATOM   32   C CG  . GLU A 1 4   ? 11.325  -6.994  -8.239  1.00 57.43 ? 357 GLU A CG  1 
ATOM   33   C CD  . GLU A 1 4   ? 11.774  -6.437  -6.903  1.00 58.93 ? 357 GLU A CD  1 
ATOM   34   O OE1 . GLU A 1 4   ? 11.581  -5.235  -6.630  1.00 60.26 ? 357 GLU A OE1 1 
ATOM   35   O OE2 . GLU A 1 4   ? 12.336  -7.224  -6.114  1.00 61.53 ? 357 GLU A OE2 1 
ATOM   36   N N   . ARG A 1 5   ? 8.632   -3.863  -10.109 1.00 54.32 ? 358 ARG A N   1 
ATOM   37   C CA  . ARG A 1 5   ? 8.042   -3.047  -11.172 1.00 53.59 ? 358 ARG A CA  1 
ATOM   38   C C   . ARG A 1 5   ? 8.312   -3.631  -12.561 1.00 53.23 ? 358 ARG A C   1 
ATOM   39   O O   . ARG A 1 5   ? 7.395   -3.756  -13.362 1.00 53.08 ? 358 ARG A O   1 
ATOM   40   C CB  . ARG A 1 5   ? 8.548   -1.610  -11.099 1.00 53.16 ? 358 ARG A CB  1 
ATOM   41   C CG  . ARG A 1 5   ? 8.073   -0.848  -9.859  1.00 52.55 ? 358 ARG A CG  1 
ATOM   42   C CD  . ARG A 1 5   ? 8.727   0.511   -9.701  1.00 50.10 ? 358 ARG A CD  1 
ATOM   43   N NE  . ARG A 1 5   ? 8.412   1.387   -10.832 1.00 49.23 ? 358 ARG A NE  1 
ATOM   44   C CZ  . ARG A 1 5   ? 7.401   2.256   -10.896 1.00 47.80 ? 358 ARG A CZ  1 
ATOM   45   N NH1 . ARG A 1 5   ? 6.545   2.416   -9.893  1.00 46.69 ? 358 ARG A NH1 1 
ATOM   46   N NH2 . ARG A 1 5   ? 7.254   2.991   -11.990 1.00 48.37 ? 358 ARG A NH2 1 
ATOM   47   N N   . GLN A 1 6   ? 9.559   -4.009  -12.819 1.00 52.67 ? 359 GLN A N   1 
ATOM   48   C CA  . GLN A 1 6   ? 9.953   -4.569  -14.115 1.00 52.75 ? 359 GLN A CA  1 
ATOM   49   C C   . GLN A 1 6   ? 9.369   -5.960  -14.406 1.00 52.21 ? 359 GLN A C   1 
ATOM   50   O O   . GLN A 1 6   ? 9.375   -6.406  -15.555 1.00 52.63 ? 359 GLN A O   1 
ATOM   51   C CB  . GLN A 1 6   ? 11.481  -4.616  -14.248 1.00 52.95 ? 359 GLN A CB  1 
ATOM   52   C CG  . GLN A 1 6   ? 12.187  -5.541  -13.260 1.00 54.28 ? 359 GLN A CG  1 
ATOM   53   C CD  . GLN A 1 6   ? 12.794  -4.812  -12.071 1.00 55.91 ? 359 GLN A CD  1 
ATOM   54   O OE1 . GLN A 1 6   ? 12.291  -3.769  -11.636 1.00 55.85 ? 359 GLN A OE1 1 
ATOM   55   N NE2 . GLN A 1 6   ? 13.875  -5.369  -11.538 1.00 56.94 ? 359 GLN A NE2 1 
ATOM   56   N N   . GLN A 1 7   ? 8.898   -6.641  -13.361 1.00 51.31 ? 360 GLN A N   1 
ATOM   57   C CA  . GLN A 1 7   ? 8.213   -7.927  -13.493 1.00 50.35 ? 360 GLN A CA  1 
ATOM   58   C C   . GLN A 1 7   ? 6.724   -7.797  -13.820 1.00 49.58 ? 360 GLN A C   1 
ATOM   59   O O   . GLN A 1 7   ? 6.180   -8.660  -14.506 1.00 49.65 ? 360 GLN A O   1 
ATOM   60   C CB  . GLN A 1 7   ? 8.413   -8.774  -12.230 1.00 50.27 ? 360 GLN A CB  1 
ATOM   61   C CG  . GLN A 1 7   ? 9.836   -9.239  -12.089 1.00 50.77 ? 360 GLN A CG  1 
ATOM   62   C CD  . GLN A 1 7   ? 10.151  -9.895  -10.763 1.00 50.76 ? 360 GLN A CD  1 
ATOM   63   O OE1 . GLN A 1 7   ? 9.505   -9.640  -9.756  1.00 50.05 ? 360 GLN A OE1 1 
ATOM   64   N NE2 . GLN A 1 7   ? 11.171  -10.735 -10.763 1.00 51.27 ? 360 GLN A NE2 1 
ATOM   65   N N   . TRP A 1 8   ? 6.059   -6.751  -13.334 1.00 48.66 ? 361 TRP A N   1 
ATOM   66   C CA  . TRP A 1 8   ? 4.678   -6.482  -13.757 1.00 48.36 ? 361 TRP A CA  1 
ATOM   67   C C   . TRP A 1 8   ? 4.562   -5.422  -14.862 1.00 48.42 ? 361 TRP A C   1 
ATOM   68   O O   . TRP A 1 8   ? 3.462   -5.005  -15.202 1.00 48.48 ? 361 TRP A O   1 
ATOM   69   C CB  . TRP A 1 8   ? 3.753   -6.171  -12.558 1.00 48.19 ? 361 TRP A CB  1 
ATOM   70   C CG  . TRP A 1 8   ? 4.090   -4.965  -11.720 1.00 46.94 ? 361 TRP A CG  1 
ATOM   71   C CD1 . TRP A 1 8   ? 4.847   -4.947  -10.585 1.00 45.75 ? 361 TRP A CD1 1 
ATOM   72   C CD2 . TRP A 1 8   ? 3.642   -3.617  -11.921 1.00 45.84 ? 361 TRP A CD2 1 
ATOM   73   N NE1 . TRP A 1 8   ? 4.916   -3.672  -10.080 1.00 45.85 ? 361 TRP A NE1 1 
ATOM   74   C CE2 . TRP A 1 8   ? 4.187   -2.833  -10.879 1.00 45.54 ? 361 TRP A CE2 1 
ATOM   75   C CE3 . TRP A 1 8   ? 2.846   -2.987  -12.881 1.00 44.71 ? 361 TRP A CE3 1 
ATOM   76   C CZ2 . TRP A 1 8   ? 3.958   -1.460  -10.772 1.00 45.28 ? 361 TRP A CZ2 1 
ATOM   77   C CZ3 . TRP A 1 8   ? 2.620   -1.614  -12.773 1.00 45.85 ? 361 TRP A CZ3 1 
ATOM   78   C CH2 . TRP A 1 8   ? 3.170   -0.870  -11.723 1.00 45.81 ? 361 TRP A CH2 1 
ATOM   79   N N   . LEU A 1 9   ? 5.692   -5.040  -15.453 1.00 48.85 ? 362 LEU A N   1 
ATOM   80   C CA  . LEU A 1 9   ? 5.743   -4.079  -16.568 1.00 49.33 ? 362 LEU A CA  1 
ATOM   81   C C   . LEU A 1 9   ? 5.102   -2.738  -16.250 1.00 49.19 ? 362 LEU A C   1 
ATOM   82   O O   . LEU A 1 9   ? 4.147   -2.300  -16.891 1.00 49.20 ? 362 LEU A O   1 
ATOM   83   C CB  . LEU A 1 9   ? 5.177   -4.666  -17.876 1.00 49.53 ? 362 LEU A CB  1 
ATOM   84   C CG  . LEU A 1 9   ? 6.172   -5.470  -18.724 1.00 51.57 ? 362 LEU A CG  1 
ATOM   85   C CD1 . LEU A 1 9   ? 5.623   -5.663  -20.119 1.00 53.61 ? 362 LEU A CD1 1 
ATOM   86   C CD2 . LEU A 1 9   ? 7.576   -4.834  -18.806 1.00 53.17 ? 362 LEU A CD2 1 
ATOM   87   N N   . ALA A 1 10  ? 5.698   -2.088  -15.261 1.00 49.23 ? 363 ALA A N   1 
ATOM   88   C CA  . ALA A 1 10  ? 5.322   -0.766  -14.824 1.00 49.28 ? 363 ALA A CA  1 
ATOM   89   C C   . ALA A 1 10  ? 5.759   0.269   -15.844 1.00 49.40 ? 363 ALA A C   1 
ATOM   90   O O   . ALA A 1 10  ? 6.841   0.176   -16.421 1.00 49.11 ? 363 ALA A O   1 
ATOM   91   C CB  . ALA A 1 10  ? 5.979   -0.469  -13.493 1.00 49.47 ? 363 ALA A CB  1 
ATOM   92   N N   . GLN A 1 11  ? 4.906   1.255   -16.065 1.00 49.51 ? 364 GLN A N   1 
ATOM   93   C CA  . GLN A 1 11  ? 5.322   2.446   -16.773 1.00 49.89 ? 364 GLN A CA  1 
ATOM   94   C C   . GLN A 1 11  ? 6.290   3.200   -15.879 1.00 49.96 ? 364 GLN A C   1 
ATOM   95   O O   . GLN A 1 11  ? 6.211   3.115   -14.642 1.00 49.99 ? 364 GLN A O   1 
ATOM   96   C CB  . GLN A 1 11  ? 4.128   3.338   -17.076 1.00 50.11 ? 364 GLN A CB  1 
ATOM   97   C CG  . GLN A 1 11  ? 3.128   2.721   -18.007 1.00 51.16 ? 364 GLN A CG  1 
ATOM   98   C CD  . GLN A 1 11  ? 2.070   3.707   -18.385 1.00 54.35 ? 364 GLN A CD  1 
ATOM   99   O OE1 . GLN A 1 11  ? 1.297   4.149   -17.531 1.00 56.14 ? 364 GLN A OE1 1 
ATOM   100  N NE2 . GLN A 1 11  ? 2.042   4.088   -19.660 1.00 57.08 ? 364 GLN A NE2 1 
ATOM   101  N N   . PRO A 1 12  ? 7.204   3.949   -16.488 1.00 49.95 ? 365 PRO A N   1 
ATOM   102  C CA  . PRO A 1 12  ? 8.093   4.799   -15.699 1.00 49.88 ? 365 PRO A CA  1 
ATOM   103  C C   . PRO A 1 12  ? 7.269   5.933   -15.114 1.00 50.06 ? 365 PRO A C   1 
ATOM   104  O O   . PRO A 1 12  ? 6.249   6.307   -15.709 1.00 49.87 ? 365 PRO A O   1 
ATOM   105  C CB  . PRO A 1 12  ? 9.089   5.320   -16.733 1.00 49.83 ? 365 PRO A CB  1 
ATOM   106  C CG  . PRO A 1 12  ? 8.343   5.264   -18.030 1.00 49.78 ? 365 PRO A CG  1 
ATOM   107  C CD  . PRO A 1 12  ? 7.447   4.077   -17.939 1.00 49.50 ? 365 PRO A CD  1 
ATOM   108  N N   . PRO A 1 13  ? 7.672   6.462   -13.965 1.00 50.58 ? 366 PRO A N   1 
ATOM   109  C CA  . PRO A 1 13  ? 7.015   7.656   -13.433 1.00 51.13 ? 366 PRO A CA  1 
ATOM   110  C C   . PRO A 1 13  ? 7.075   8.814   -14.434 1.00 52.13 ? 366 PRO A C   1 
ATOM   111  O O   . PRO A 1 13  ? 8.101   9.031   -15.081 1.00 52.02 ? 366 PRO A O   1 
ATOM   112  C CB  . PRO A 1 13  ? 7.810   7.968   -12.154 1.00 50.89 ? 366 PRO A CB  1 
ATOM   113  C CG  . PRO A 1 13  ? 9.007   7.125   -12.178 1.00 50.32 ? 366 PRO A CG  1 
ATOM   114  C CD  . PRO A 1 13  ? 8.753   5.981   -13.087 1.00 50.43 ? 366 PRO A CD  1 
ATOM   115  N N   . GLN A 1 14  ? 5.972   9.539   -14.562 1.00 53.59 ? 367 GLN A N   1 
ATOM   116  C CA  . GLN A 1 14  ? 5.884   10.667  -15.488 1.00 54.89 ? 367 GLN A CA  1 
ATOM   117  C C   . GLN A 1 14  ? 6.819   11.811  -15.114 1.00 55.66 ? 367 GLN A C   1 
ATOM   118  O O   . GLN A 1 14  ? 7.183   12.609  -15.964 1.00 55.72 ? 367 GLN A O   1 
ATOM   119  C CB  . GLN A 1 14  ? 4.439   11.158  -15.586 1.00 55.19 ? 367 GLN A CB  1 
ATOM   120  C CG  . GLN A 1 14  ? 3.460   10.083  -16.090 1.00 57.25 ? 367 GLN A CG  1 
ATOM   121  C CD  . GLN A 1 14  ? 3.937   9.397   -17.380 1.00 58.79 ? 367 GLN A CD  1 
ATOM   122  O OE1 . GLN A 1 14  ? 4.009   10.048  -18.429 1.00 60.86 ? 367 GLN A OE1 1 
ATOM   123  N NE2 . GLN A 1 14  ? 4.283   8.099   -17.298 1.00 56.45 ? 367 GLN A NE2 1 
ATOM   124  N N   . LYS A 1 15  ? 7.201   11.885  -13.844 1.00 56.74 ? 368 LYS A N   1 
ATOM   125  C CA  . LYS A 1 15  ? 8.285   12.766  -13.406 1.00 57.68 ? 368 LYS A CA  1 
ATOM   126  C C   . LYS A 1 15  ? 9.072   12.102  -12.293 1.00 57.40 ? 368 LYS A C   1 
ATOM   127  O O   . LYS A 1 15  ? 8.676   11.069  -11.766 1.00 57.23 ? 368 LYS A O   1 
ATOM   128  C CB  . LYS A 1 15  ? 7.751   14.106  -12.902 1.00 58.25 ? 368 LYS A CB  1 
ATOM   129  C CG  . LYS A 1 15  ? 7.334   15.090  -14.006 1.00 61.54 ? 368 LYS A CG  1 
ATOM   130  C CD  . LYS A 1 15  ? 5.805   15.122  -14.213 1.00 65.78 ? 368 LYS A CD  1 
ATOM   131  C CE  . LYS A 1 15  ? 5.255   16.546  -14.350 1.00 68.14 ? 368 LYS A CE  1 
ATOM   132  N NZ  . LYS A 1 15  ? 5.234   17.000  -15.777 1.00 70.18 ? 368 LYS A NZ  1 
ATOM   133  N N   . GLU A 1 16  ? 10.191  12.714  -11.933 1.00 57.21 ? 369 GLU A N   1 
ATOM   134  C CA  . GLU A 1 16  ? 10.970  12.248  -10.796 1.00 57.40 ? 369 GLU A CA  1 
ATOM   135  C C   . GLU A 1 16  ? 10.162  12.341  -9.479  1.00 56.31 ? 369 GLU A C   1 
ATOM   136  O O   . GLU A 1 16  ? 9.280   13.203  -9.311  1.00 55.55 ? 369 GLU A O   1 
ATOM   137  C CB  . GLU A 1 16  ? 12.284  13.035  -10.702 1.00 58.11 ? 369 GLU A CB  1 
ATOM   138  C CG  . GLU A 1 16  ? 13.251  12.743  -11.853 1.00 60.57 ? 369 GLU A CG  1 
ATOM   139  C CD  . GLU A 1 16  ? 14.532  12.059  -11.404 1.00 63.54 ? 369 GLU A CD  1 
ATOM   140  O OE1 . GLU A 1 16  ? 14.510  11.334  -10.381 1.00 64.71 ? 369 GLU A OE1 1 
ATOM   141  O OE2 . GLU A 1 16  ? 15.571  12.251  -12.081 1.00 66.60 ? 369 GLU A OE2 1 
ATOM   142  N N   . ILE A 1 17  ? 10.461  11.425  -8.564  1.00 55.29 ? 370 ILE A N   1 
ATOM   143  C CA  . ILE A 1 17  ? 9.746   11.323  -7.301  1.00 54.72 ? 370 ILE A CA  1 
ATOM   144  C C   . ILE A 1 17  ? 10.729  11.481  -6.145  1.00 53.94 ? 370 ILE A C   1 
ATOM   145  O O   . ILE A 1 17  ? 11.796  10.873  -6.157  1.00 53.81 ? 370 ILE A O   1 
ATOM   146  C CB  . ILE A 1 17  ? 8.996   9.970   -7.243  1.00 54.87 ? 370 ILE A CB  1 
ATOM   147  C CG1 . ILE A 1 17  ? 7.895   9.971   -8.308  1.00 55.27 ? 370 ILE A CG1 1 
ATOM   148  C CG2 . ILE A 1 17  ? 8.430   9.677   -5.812  1.00 55.25 ? 370 ILE A CG2 1 
ATOM   149  C CD1 . ILE A 1 17  ? 7.014   8.776   -8.278  1.00 56.30 ? 370 ILE A CD1 1 
ATOM   150  N N   . PRO A 1 18  ? 10.380  12.288  -5.146  1.00 53.16 ? 371 PRO A N   1 
ATOM   151  C CA  . PRO A 1 18  ? 11.285  12.523  -4.019  1.00 52.75 ? 371 PRO A CA  1 
ATOM   152  C C   . PRO A 1 18  ? 11.551  11.259  -3.198  1.00 52.93 ? 371 PRO A C   1 
ATOM   153  O O   . PRO A 1 18  ? 10.722  10.334  -3.164  1.00 52.45 ? 371 PRO A O   1 
ATOM   154  C CB  . PRO A 1 18  ? 10.551  13.579  -3.184  1.00 52.82 ? 371 PRO A CB  1 
ATOM   155  C CG  . PRO A 1 18  ? 9.116   13.466  -3.568  1.00 53.02 ? 371 PRO A CG  1 
ATOM   156  C CD  . PRO A 1 18  ? 9.112   13.029  -5.000  1.00 53.04 ? 371 PRO A CD  1 
ATOM   157  N N   . ASP A 1 19  ? 12.723  11.220  -2.565  1.00 52.95 ? 372 ASP A N   1 
ATOM   158  C CA  . ASP A 1 19  ? 13.074  10.123  -1.684  1.00 53.22 ? 372 ASP A CA  1 
ATOM   159  C C   . ASP A 1 19  ? 12.348  10.314  -0.347  1.00 52.77 ? 372 ASP A C   1 
ATOM   160  O O   . ASP A 1 19  ? 11.900  11.410  -0.017  1.00 52.34 ? 372 ASP A O   1 
ATOM   161  C CB  . ASP A 1 19  ? 14.601  10.030  -1.471  1.00 53.70 ? 372 ASP A CB  1 
ATOM   162  C CG  . ASP A 1 19  ? 15.329  9.327   -2.626  1.00 55.37 ? 372 ASP A CG  1 
ATOM   163  O OD1 . ASP A 1 19  ? 16.568  9.448   -2.705  1.00 57.74 ? 372 ASP A OD1 1 
ATOM   164  O OD2 . ASP A 1 19  ? 14.766  8.629   -3.495  1.00 57.38 ? 372 ASP A OD2 1 
ATOM   165  N N   . LEU A 1 20  ? 12.242  9.214   0.389   1.00 52.46 ? 373 LEU A N   1 
ATOM   166  C CA  . LEU A 1 20  ? 11.616  9.156   1.693   1.00 52.47 ? 373 LEU A CA  1 
ATOM   167  C C   . LEU A 1 20  ? 12.691  9.204   2.763   1.00 52.42 ? 373 LEU A C   1 
ATOM   168  O O   . LEU A 1 20  ? 13.706  8.506   2.643   1.00 52.34 ? 373 LEU A O   1 
ATOM   169  C CB  . LEU A 1 20  ? 10.888  7.817   1.834   1.00 52.58 ? 373 LEU A CB  1 
ATOM   170  C CG  . LEU A 1 20  ? 9.428   7.766   2.247   1.00 52.68 ? 373 LEU A CG  1 
ATOM   171  C CD1 . LEU A 1 20  ? 9.124   6.329   2.685   1.00 52.63 ? 373 LEU A CD1 1 
ATOM   172  C CD2 . LEU A 1 20  ? 9.090   8.796   3.325   1.00 52.16 ? 373 LEU A CD2 1 
ATOM   173  N N   . GLU A 1 21  ? 12.470  10.007  3.804   1.00 52.46 ? 374 GLU A N   1 
ATOM   174  C CA  . GLU A 1 21  ? 13.291  9.935   5.007   1.00 52.65 ? 374 GLU A CA  1 
ATOM   175  C C   . GLU A 1 21  ? 13.066  8.587   5.675   1.00 51.96 ? 374 GLU A C   1 
ATOM   176  O O   . GLU A 1 21  ? 11.941  8.266   6.027   1.00 52.02 ? 374 GLU A O   1 
ATOM   177  C CB  . GLU A 1 21  ? 12.944  11.069  5.978   1.00 53.34 ? 374 GLU A CB  1 
ATOM   178  C CG  . GLU A 1 21  ? 13.299  10.808  7.444   1.00 55.54 ? 374 GLU A CG  1 
ATOM   179  C CD  . GLU A 1 21  ? 12.063  10.643  8.315   1.00 59.18 ? 374 GLU A CD  1 
ATOM   180  O OE1 . GLU A 1 21  ? 11.306  9.637   8.162   1.00 60.71 ? 374 GLU A OE1 1 
ATOM   181  O OE2 . GLU A 1 21  ? 11.834  11.541  9.157   1.00 61.31 ? 374 GLU A OE2 1 
ATOM   182  N N   . LEU A 1 22  ? 14.140  7.811   5.836   1.00 51.39 ? 375 LEU A N   1 
ATOM   183  C CA  . LEU A 1 22  ? 14.103  6.533   6.550   1.00 50.96 ? 375 LEU A CA  1 
ATOM   184  C C   . LEU A 1 22  ? 14.895  6.592   7.866   1.00 50.18 ? 375 LEU A C   1 
ATOM   185  O O   . LEU A 1 22  ? 15.860  7.335   7.956   1.00 49.90 ? 375 LEU A O   1 
ATOM   186  C CB  . LEU A 1 22  ? 14.729  5.435   5.695   1.00 51.03 ? 375 LEU A CB  1 
ATOM   187  C CG  . LEU A 1 22  ? 14.004  4.792   4.509   1.00 52.18 ? 375 LEU A CG  1 
ATOM   188  C CD1 . LEU A 1 22  ? 12.610  5.365   4.235   1.00 51.05 ? 375 LEU A CD1 1 
ATOM   189  C CD2 . LEU A 1 22  ? 14.917  4.877   3.266   1.00 52.62 ? 375 LEU A CD2 1 
ATOM   190  N N   . PRO A 1 23  ? 14.534  5.781   8.865   1.00 49.50 ? 376 PRO A N   1 
ATOM   191  C CA  . PRO A 1 23  ? 13.350  4.924   8.825   1.00 49.42 ? 376 PRO A CA  1 
ATOM   192  C C   . PRO A 1 23  ? 12.048  5.657   9.156   1.00 49.62 ? 376 PRO A C   1 
ATOM   193  O O   . PRO A 1 23  ? 12.026  6.794   9.638   1.00 49.87 ? 376 PRO A O   1 
ATOM   194  C CB  . PRO A 1 23  ? 13.653  3.857   9.876   1.00 49.12 ? 376 PRO A CB  1 
ATOM   195  C CG  . PRO A 1 23  ? 14.551  4.519   10.842  1.00 48.95 ? 376 PRO A CG  1 
ATOM   196  C CD  . PRO A 1 23  ? 15.298  5.592   10.108  1.00 49.19 ? 376 PRO A CD  1 
ATOM   197  N N   . VAL A 1 24  ? 10.966  4.937   8.907   1.00 49.75 ? 377 VAL A N   1 
ATOM   198  C CA  . VAL A 1 24  ? 9.612   5.446   8.908   1.00 49.79 ? 377 VAL A CA  1 
ATOM   199  C C   . VAL A 1 24  ? 8.945   4.862   10.164  1.00 49.83 ? 377 VAL A C   1 
ATOM   200  O O   . VAL A 1 24  ? 9.158   3.677   10.502  1.00 49.78 ? 377 VAL A O   1 
ATOM   201  C CB  . VAL A 1 24  ? 8.925   5.022   7.555   1.00 50.05 ? 377 VAL A CB  1 
ATOM   202  C CG1 . VAL A 1 24  ? 7.659   4.199   7.756   1.00 50.08 ? 377 VAL A CG1 1 
ATOM   203  C CG2 . VAL A 1 24  ? 8.682   6.232   6.657   1.00 49.99 ? 377 VAL A CG2 1 
ATOM   204  N N   . GLY A 1 25  ? 8.179   5.690   10.878  1.00 49.52 ? 378 GLY A N   1 
ATOM   205  C CA  . GLY A 1 25  ? 7.507   5.261   12.100  1.00 49.26 ? 378 GLY A CA  1 
ATOM   206  C C   . GLY A 1 25  ? 6.027   4.959   11.921  1.00 49.05 ? 378 GLY A C   1 
ATOM   207  O O   . GLY A 1 25  ? 5.353   4.558   12.860  1.00 48.95 ? 378 GLY A O   1 
ATOM   208  N N   . LEU A 1 26  ? 5.516   5.179   10.717  1.00 48.73 ? 379 LEU A N   1 
ATOM   209  C CA  . LEU A 1 26  ? 4.101   5.028   10.440  1.00 48.61 ? 379 LEU A CA  1 
ATOM   210  C C   . LEU A 1 26  ? 3.889   4.217   9.144   1.00 48.33 ? 379 LEU A C   1 
ATOM   211  O O   . LEU A 1 26  ? 4.481   4.501   8.112   1.00 47.65 ? 379 LEU A O   1 
ATOM   212  C CB  . LEU A 1 26  ? 3.470   6.418   10.348  1.00 48.52 ? 379 LEU A CB  1 
ATOM   213  C CG  . LEU A 1 26  ? 1.961   6.517   10.111  1.00 49.02 ? 379 LEU A CG  1 
ATOM   214  C CD1 . LEU A 1 26  ? 1.170   5.996   11.304  1.00 48.70 ? 379 LEU A CD1 1 
ATOM   215  C CD2 . LEU A 1 26  ? 1.581   7.961   9.804   1.00 48.77 ? 379 LEU A CD2 1 
ATOM   216  N N   . VAL A 1 27  ? 3.054   3.189   9.222   1.00 48.21 ? 380 VAL A N   1 
ATOM   217  C CA  . VAL A 1 27  ? 2.679   2.387   8.060   1.00 48.08 ? 380 VAL A CA  1 
ATOM   218  C C   . VAL A 1 27  ? 1.167   2.481   7.927   1.00 48.11 ? 380 VAL A C   1 
ATOM   219  O O   . VAL A 1 27  ? 0.454   2.293   8.899   1.00 48.69 ? 380 VAL A O   1 
ATOM   220  C CB  . VAL A 1 27  ? 3.108   0.922   8.214   1.00 47.95 ? 380 VAL A CB  1 
ATOM   221  C CG1 . VAL A 1 27  ? 2.669   0.099   7.011   1.00 48.14 ? 380 VAL A CG1 1 
ATOM   222  C CG2 . VAL A 1 27  ? 4.613   0.831   8.394   1.00 47.73 ? 380 VAL A CG2 1 
ATOM   223  N N   . ILE A 1 28  ? 0.689   2.761   6.721   1.00 47.99 ? 381 ILE A N   1 
ATOM   224  C CA  . ILE A 1 28  ? -0.691  3.146   6.484   1.00 47.79 ? 381 ILE A CA  1 
ATOM   225  C C   . ILE A 1 28  ? -1.347  2.175   5.503   1.00 48.07 ? 381 ILE A C   1 
ATOM   226  O O   . ILE A 1 28  ? -0.925  2.067   4.337   1.00 48.08 ? 381 ILE A O   1 
ATOM   227  C CB  . ILE A 1 28  ? -0.730  4.573   5.908   1.00 47.81 ? 381 ILE A CB  1 
ATOM   228  C CG1 . ILE A 1 28  ? -0.184  5.566   6.938   1.00 47.74 ? 381 ILE A CG1 1 
ATOM   229  C CG2 . ILE A 1 28  ? -2.146  4.951   5.503   1.00 47.56 ? 381 ILE A CG2 1 
ATOM   230  C CD1 . ILE A 1 28  ? 0.190   6.899   6.367   1.00 47.49 ? 381 ILE A CD1 1 
ATOM   231  N N   . ALA A 1 29  ? -2.369  1.473   5.987   1.00 47.71 ? 382 ALA A N   1 
ATOM   232  C CA  . ALA A 1 29  ? -3.190  0.616   5.156   1.00 47.67 ? 382 ALA A CA  1 
ATOM   233  C C   . ALA A 1 29  ? -4.295  1.407   4.428   1.00 47.63 ? 382 ALA A C   1 
ATOM   234  O O   . ALA A 1 29  ? -4.905  2.319   4.989   1.00 47.53 ? 382 ALA A O   1 
ATOM   235  C CB  . ALA A 1 29  ? -3.797  -0.485  5.995   1.00 47.80 ? 382 ALA A CB  1 
ATOM   236  N N   . LEU A 1 30  ? -4.534  1.027   3.177   1.00 47.45 ? 383 LEU A N   1 
ATOM   237  C CA  . LEU A 1 30  ? -5.550  1.636   2.322   1.00 47.58 ? 383 LEU A CA  1 
ATOM   238  C C   . LEU A 1 30  ? -6.178  0.579   1.427   1.00 47.13 ? 383 LEU A C   1 
ATOM   239  O O   . LEU A 1 30  ? -5.488  -0.331  0.983   1.00 45.83 ? 383 LEU A O   1 
ATOM   240  C CB  . LEU A 1 30  ? -4.908  2.642   1.363   1.00 47.75 ? 383 LEU A CB  1 
ATOM   241  C CG  . LEU A 1 30  ? -4.202  3.882   1.872   1.00 48.87 ? 383 LEU A CG  1 
ATOM   242  C CD1 . LEU A 1 30  ? -2.715  3.634   1.949   1.00 49.83 ? 383 LEU A CD1 1 
ATOM   243  C CD2 . LEU A 1 30  ? -4.511  5.055   0.938   1.00 49.49 ? 383 LEU A CD2 1 
ATOM   244  N N   . PRO A 1 31  ? -7.456  0.735   1.093   1.00 47.48 ? 384 PRO A N   1 
ATOM   245  C CA  . PRO A 1 31  ? -8.050  -0.071  0.030   1.00 47.96 ? 384 PRO A CA  1 
ATOM   246  C C   . PRO A 1 31  ? -7.728  0.550   -1.330  1.00 48.79 ? 384 PRO A C   1 
ATOM   247  O O   . PRO A 1 31  ? -7.638  1.770   -1.482  1.00 48.43 ? 384 PRO A O   1 
ATOM   248  C CB  . PRO A 1 31  ? -9.536  0.030   0.319   1.00 47.58 ? 384 PRO A CB  1 
ATOM   249  C CG  . PRO A 1 31  ? -9.695  1.401   0.846   1.00 47.10 ? 384 PRO A CG  1 
ATOM   250  C CD  . PRO A 1 31  ? -8.439  1.679   1.650   1.00 47.61 ? 384 PRO A CD  1 
ATOM   251  N N   . THR A 1 32  ? -7.587  -0.310  -2.319  1.00 50.09 ? 385 THR A N   1 
ATOM   252  C CA  . THR A 1 32  ? -7.260  0.102   -3.674  1.00 51.35 ? 385 THR A CA  1 
ATOM   253  C C   . THR A 1 32  ? -8.543  0.485   -4.424  1.00 52.01 ? 385 THR A C   1 
ATOM   254  O O   . THR A 1 32  ? -8.512  1.216   -5.413  1.00 52.04 ? 385 THR A O   1 
ATOM   255  C CB  . THR A 1 32  ? -6.496  -1.057  -4.345  1.00 51.45 ? 385 THR A CB  1 
ATOM   256  O OG1 . THR A 1 32  ? -5.299  -0.569  -4.962  1.00 53.46 ? 385 THR A OG1 1 
ATOM   257  C CG2 . THR A 1 32  ? -7.286  -1.715  -5.438  1.00 51.09 ? 385 THR A CG2 1 
ATOM   258  N N   . ASN A 1 33  ? -9.670  -0.012  -3.920  1.00 52.96 ? 386 ASN A N   1 
ATOM   259  C CA  . ASN A 1 33  ? -11.003 0.253   -4.469  1.00 53.78 ? 386 ASN A CA  1 
ATOM   260  C C   . ASN A 1 33  ? -11.220 -0.251  -5.892  1.00 54.24 ? 386 ASN A C   1 
ATOM   261  O O   . ASN A 1 33  ? -12.109 0.201   -6.599  1.00 54.94 ? 386 ASN A O   1 
ATOM   262  C CB  . ASN A 1 33  ? -11.358 1.735   -4.322  1.00 53.78 ? 386 ASN A CB  1 
ATOM   263  C CG  . ASN A 1 33  ? -11.634 2.112   -2.882  1.00 54.41 ? 386 ASN A CG  1 
ATOM   264  O OD1 . ASN A 1 33  ? -12.044 1.274   -2.081  1.00 55.92 ? 386 ASN A OD1 1 
ATOM   265  N ND2 . ASN A 1 33  ? -11.405 3.367   -2.541  1.00 56.68 ? 386 ASN A ND2 1 
ATOM   266  N N   . SER A 1 34  ? -10.414 -1.222  -6.281  1.00 54.71 ? 387 SER A N   1 
ATOM   267  C CA  . SER A 1 34  ? -10.561 -1.900  -7.544  1.00 54.99 ? 387 SER A CA  1 
ATOM   268  C C   . SER A 1 34  ? -11.058 -3.295  -7.216  1.00 55.63 ? 387 SER A C   1 
ATOM   269  O O   . SER A 1 34  ? -11.329 -3.615  -6.054  1.00 55.59 ? 387 SER A O   1 
ATOM   270  C CB  . SER A 1 34  ? -9.214  -1.961  -8.274  1.00 54.85 ? 387 SER A CB  1 
ATOM   271  O OG  . SER A 1 34  ? -8.413  -3.025  -7.799  1.00 53.27 ? 387 SER A OG  1 
ATOM   272  N N   . GLU A 1 35  ? -11.173 -4.118  -8.246  1.00 56.20 ? 388 GLU A N   1 
ATOM   273  C CA  . GLU A 1 35  ? -11.465 -5.523  -8.066  1.00 57.05 ? 388 GLU A CA  1 
ATOM   274  C C   . GLU A 1 35  ? -10.263 -6.215  -7.437  1.00 57.37 ? 388 GLU A C   1 
ATOM   275  O O   . GLU A 1 35  ? -9.137  -5.754  -7.579  1.00 57.43 ? 388 GLU A O   1 
ATOM   276  C CB  . GLU A 1 35  ? -11.790 -6.156  -9.408  1.00 57.10 ? 388 GLU A CB  1 
ATOM   277  C CG  . GLU A 1 35  ? -12.349 -7.557  -9.311  1.00 58.09 ? 388 GLU A CG  1 
ATOM   278  C CD  . GLU A 1 35  ? -12.756 -8.098  -10.663 1.00 59.84 ? 388 GLU A CD  1 
ATOM   279  O OE1 . GLU A 1 35  ? -13.299 -9.227  -10.694 1.00 59.93 ? 388 GLU A OE1 1 
ATOM   280  O OE2 . GLU A 1 35  ? -12.529 -7.393  -11.682 1.00 58.92 ? 388 GLU A OE2 1 
ATOM   281  N N   . ASN A 1 36  ? -10.518 -7.307  -6.723  1.00 57.88 ? 389 ASN A N   1 
ATOM   282  C CA  . ASN A 1 36  ? -9.454  -8.081  -6.081  1.00 58.41 ? 389 ASN A CA  1 
ATOM   283  C C   . ASN A 1 36  ? -8.900  -9.138  -7.029  1.00 57.91 ? 389 ASN A C   1 
ATOM   284  O O   . ASN A 1 36  ? -9.400  -9.291  -8.139  1.00 57.87 ? 389 ASN A O   1 
ATOM   285  C CB  . ASN A 1 36  ? -9.950  -8.712  -4.769  1.00 58.81 ? 389 ASN A CB  1 
ATOM   286  C CG  . ASN A 1 36  ? -11.093 -9.698  -4.974  1.00 61.81 ? 389 ASN A CG  1 
ATOM   287  O OD1 . ASN A 1 36  ? -11.471 -10.004 -6.106  1.00 60.58 ? 389 ASN A OD1 1 
ATOM   288  N ND2 . ASN A 1 36  ? -11.643 -10.209 -3.855  1.00 68.67 ? 389 ASN A ND2 1 
ATOM   289  N N   . CYS A 1 37  ? -7.881  -9.869  -6.587  1.00 57.35 ? 390 CYS A N   1 
ATOM   290  C CA  . CYS A 1 37  ? -7.196  -10.823 -7.445  1.00 56.94 ? 390 CYS A CA  1 
ATOM   291  C C   . CYS A 1 37  ? -6.700  -12.033 -6.657  1.00 56.82 ? 390 CYS A C   1 
ATOM   292  O O   . CYS A 1 37  ? -6.342  -11.909 -5.485  1.00 57.49 ? 390 CYS A O   1 
ATOM   293  C CB  . CYS A 1 37  ? -6.041  -10.127 -8.168  1.00 56.93 ? 390 CYS A CB  1 
ATOM   294  S SG  . CYS A 1 37  ? -4.778  -9.354  -7.111  1.00 56.75 ? 390 CYS A SG  1 
ATOM   295  N N   . SER A 1 38  ? -6.696  -13.194 -7.312  1.00 56.33 ? 391 SER A N   1 
ATOM   296  C CA  . SER A 1 38  ? -6.346  -14.485 -6.698  1.00 56.08 ? 391 SER A CA  1 
ATOM   297  C C   . SER A 1 38  ? -5.017  -15.056 -7.173  1.00 55.28 ? 391 SER A C   1 
ATOM   298  O O   . SER A 1 38  ? -4.437  -15.915 -6.513  1.00 55.46 ? 391 SER A O   1 
ATOM   299  C CB  . SER A 1 38  ? -7.410  -15.537 -7.022  1.00 56.11 ? 391 SER A CB  1 
ATOM   300  O OG  . SER A 1 38  ? -8.714  -15.064 -6.743  1.00 57.63 ? 391 SER A OG  1 
ATOM   301  N N   . THR A 1 39  ? -4.562  -14.644 -8.344  1.00 54.27 ? 392 THR A N   1 
ATOM   302  C CA  . THR A 1 39  ? -3.311  -15.163 -8.863  1.00 53.64 ? 392 THR A CA  1 
ATOM   303  C C   . THR A 1 39  ? -2.451  -14.021 -9.316  1.00 52.81 ? 392 THR A C   1 
ATOM   304  O O   . THR A 1 39  ? -2.899  -12.897 -9.460  1.00 52.79 ? 392 THR A O   1 
ATOM   305  C CB  . THR A 1 39  ? -3.546  -16.180 -10.013 1.00 53.68 ? 392 THR A CB  1 
ATOM   306  O OG1 . THR A 1 39  ? -4.348  -15.595 -11.047 1.00 53.99 ? 392 THR A OG1 1 
ATOM   307  C CG2 . THR A 1 39  ? -4.379  -17.379 -9.533  1.00 53.62 ? 392 THR A CG2 1 
ATOM   308  N N   . GLN A 1 40  ? -1.193  -14.326 -9.530  1.00 52.11 ? 393 GLN A N   1 
ATOM   309  C CA  . GLN A 1 40  ? -0.218  -13.312 -9.846  1.00 51.68 ? 393 GLN A CA  1 
ATOM   310  C C   . GLN A 1 40  ? -0.466  -12.652 -11.197 1.00 51.23 ? 393 GLN A C   1 
ATOM   311  O O   . GLN A 1 40  ? -0.103  -11.507 -11.394 1.00 51.29 ? 393 GLN A O   1 
ATOM   312  C CB  . GLN A 1 40  ? 1.134   -13.964 -9.835  1.00 51.69 ? 393 GLN A CB  1 
ATOM   313  C CG  . GLN A 1 40  ? 2.278   -13.035 -9.858  1.00 52.45 ? 393 GLN A CG  1 
ATOM   314  C CD  . GLN A 1 40  ? 3.504   -13.712 -9.355  1.00 52.97 ? 393 GLN A CD  1 
ATOM   315  O OE1 . GLN A 1 40  ? 3.534   -14.166 -8.225  1.00 55.24 ? 393 GLN A OE1 1 
ATOM   316  N NE2 . GLN A 1 40  ? 4.509   -13.809 -10.187 1.00 54.75 ? 393 GLN A NE2 1 
ATOM   317  N N   . ALA A 1 41  ? -1.091  -13.378 -12.119 1.00 50.47 ? 394 ALA A N   1 
ATOM   318  C CA  . ALA A 1 41  ? -1.329  -12.882 -13.465 1.00 49.80 ? 394 ALA A CA  1 
ATOM   319  C C   . ALA A 1 41  ? -2.424  -11.847 -13.451 1.00 49.35 ? 394 ALA A C   1 
ATOM   320  O O   . ALA A 1 41  ? -2.317  -10.820 -14.117 1.00 49.68 ? 394 ALA A O   1 
ATOM   321  C CB  . ALA A 1 41  ? -1.714  -14.020 -14.398 1.00 49.95 ? 394 ALA A CB  1 
ATOM   322  N N   . ILE A 1 42  ? -3.490  -12.129 -12.712 1.00 48.72 ? 395 ILE A N   1 
ATOM   323  C CA  . ILE A 1 42  ? -4.598  -11.195 -12.605 1.00 48.43 ? 395 ILE A CA  1 
ATOM   324  C C   . ILE A 1 42  ? -4.196  -9.997  -11.742 1.00 48.04 ? 395 ILE A C   1 
ATOM   325  O O   . ILE A 1 42  ? -4.596  -8.879  -12.024 1.00 47.79 ? 395 ILE A O   1 
ATOM   326  C CB  . ILE A 1 42  ? -5.862  -11.911 -12.092 1.00 48.34 ? 395 ILE A CB  1 
ATOM   327  C CG1 . ILE A 1 42  ? -6.349  -12.898 -13.157 1.00 50.19 ? 395 ILE A CG1 1 
ATOM   328  C CG2 . ILE A 1 42  ? -6.984  -10.927 -11.803 1.00 47.54 ? 395 ILE A CG2 1 
ATOM   329  C CD1 . ILE A 1 42  ? -6.806  -14.225 -12.590 1.00 52.30 ? 395 ILE A CD1 1 
ATOM   330  N N   . CYS A 1 43  ? -3.383  -10.235 -10.722 1.00 47.83 ? 396 CYS A N   1 
ATOM   331  C CA  . CYS A 1 43  ? -2.855  -9.161  -9.881  1.00 47.94 ? 396 CYS A CA  1 
ATOM   332  C C   . CYS A 1 43  ? -1.962  -8.221  -10.699 1.00 46.85 ? 396 CYS A C   1 
ATOM   333  O O   . CYS A 1 43  ? -2.059  -7.012  -10.567 1.00 46.15 ? 396 CYS A O   1 
ATOM   334  C CB  . CYS A 1 43  ? -2.074  -9.739  -8.692  1.00 48.33 ? 396 CYS A CB  1 
ATOM   335  S SG  . CYS A 1 43  ? -3.074  -10.458 -7.355  1.00 52.05 ? 396 CYS A SG  1 
ATOM   336  N N   . VAL A 1 44  ? -1.117  -8.777  -11.561 1.00 46.04 ? 397 VAL A N   1 
ATOM   337  C CA  . VAL A 1 44  ? -0.298  -7.968  -12.438 1.00 45.80 ? 397 VAL A CA  1 
ATOM   338  C C   . VAL A 1 44  ? -1.180  -6.993  -13.205 1.00 46.12 ? 397 VAL A C   1 
ATOM   339  O O   . VAL A 1 44  ? -0.839  -5.825  -13.299 1.00 46.39 ? 397 VAL A O   1 
ATOM   340  C CB  . VAL A 1 44  ? 0.556   -8.828  -13.396 1.00 45.69 ? 397 VAL A CB  1 
ATOM   341  C CG1 . VAL A 1 44  ? 1.075   -8.009  -14.565 1.00 45.17 ? 397 VAL A CG1 1 
ATOM   342  C CG2 . VAL A 1 44  ? 1.740   -9.442  -12.645 1.00 45.82 ? 397 VAL A CG2 1 
ATOM   343  N N   . LEU A 1 45  ? -2.319  -7.469  -13.715 1.00 46.48 ? 398 LEU A N   1 
ATOM   344  C CA  . LEU A 1 45  ? -3.256  -6.643  -14.486 1.00 46.80 ? 398 LEU A CA  1 
ATOM   345  C C   . LEU A 1 45  ? -3.866  -5.512  -13.665 1.00 47.26 ? 398 LEU A C   1 
ATOM   346  O O   . LEU A 1 45  ? -3.941  -4.374  -14.124 1.00 47.41 ? 398 LEU A O   1 
ATOM   347  C CB  . LEU A 1 45  ? -4.389  -7.519  -15.062 1.00 47.16 ? 398 LEU A CB  1 
ATOM   348  C CG  . LEU A 1 45  ? -3.970  -8.540  -16.131 1.00 47.22 ? 398 LEU A CG  1 
ATOM   349  C CD1 . LEU A 1 45  ? -5.129  -9.405  -16.588 1.00 47.90 ? 398 LEU A CD1 1 
ATOM   350  C CD2 . LEU A 1 45  ? -3.348  -7.827  -17.312 1.00 47.61 ? 398 LEU A CD2 1 
ATOM   351  N N   . ARG A 1 46  ? -4.319  -5.855  -12.465 1.00 47.71 ? 399 ARG A N   1 
ATOM   352  C CA  . ARG A 1 46  ? -4.846  -4.912  -11.491 1.00 48.20 ? 399 ARG A CA  1 
ATOM   353  C C   . ARG A 1 46  ? -3.863  -3.786  -11.206 1.00 47.90 ? 399 ARG A C   1 
ATOM   354  O O   . ARG A 1 46  ? -4.256  -2.621  -11.116 1.00 47.72 ? 399 ARG A O   1 
ATOM   355  C CB  . ARG A 1 46  ? -5.098  -5.619  -10.148 1.00 48.92 ? 399 ARG A CB  1 
ATOM   356  C CG  . ARG A 1 46  ? -6.090  -6.762  -10.159 1.00 50.76 ? 399 ARG A CG  1 
ATOM   357  C CD  . ARG A 1 46  ? -7.521  -6.339  -10.041 1.00 52.77 ? 399 ARG A CD  1 
ATOM   358  N NE  . ARG A 1 46  ? -8.239  -6.569  -11.284 1.00 55.19 ? 399 ARG A NE  1 
ATOM   359  C CZ  . ARG A 1 46  ? -8.934  -7.663  -11.581 1.00 56.54 ? 399 ARG A CZ  1 
ATOM   360  N NH1 . ARG A 1 46  ? -9.044  -8.667  -10.723 1.00 57.00 ? 399 ARG A NH1 1 
ATOM   361  N NH2 . ARG A 1 46  ? -9.534  -7.750  -12.757 1.00 57.09 ? 399 ARG A NH2 1 
ATOM   362  N N   . VAL A 1 47  ? -2.590  -4.140  -11.032 1.00 47.33 ? 400 VAL A N   1 
ATOM   363  C CA  . VAL A 1 47  ? -1.592  -3.170  -10.609 1.00 47.48 ? 400 VAL A CA  1 
ATOM   364  C C   . VAL A 1 47  ? -1.345  -2.218  -11.762 1.00 48.23 ? 400 VAL A C   1 
ATOM   365  O O   . VAL A 1 47  ? -1.271  -1.017  -11.571 1.00 48.45 ? 400 VAL A O   1 
ATOM   366  C CB  . VAL A 1 47  ? -0.265  -3.835  -10.135 1.00 47.25 ? 400 VAL A CB  1 
ATOM   367  C CG1 . VAL A 1 47  ? 0.780   -2.793  -9.805  1.00 46.66 ? 400 VAL A CG1 1 
ATOM   368  C CG2 . VAL A 1 47  ? -0.502  -4.708  -8.908  1.00 46.24 ? 400 VAL A CG2 1 
ATOM   369  N N   . ARG A 1 48  ? -1.258  -2.761  -12.969 1.00 48.92 ? 401 ARG A N   1 
ATOM   370  C CA  . ARG A 1 48  ? -1.113  -1.945  -14.166 1.00 49.45 ? 401 ARG A CA  1 
ATOM   371  C C   . ARG A 1 48  ? -2.283  -0.984  -14.374 1.00 48.47 ? 401 ARG A C   1 
ATOM   372  O O   . ARG A 1 48  ? -2.110  0.091   -14.943 1.00 48.49 ? 401 ARG A O   1 
ATOM   373  C CB  . ARG A 1 48  ? -0.993  -2.843  -15.393 1.00 50.18 ? 401 ARG A CB  1 
ATOM   374  C CG  . ARG A 1 48  ? 0.368   -3.449  -15.570 1.00 53.39 ? 401 ARG A CG  1 
ATOM   375  C CD  . ARG A 1 48  ? 0.704   -3.718  -17.025 1.00 58.14 ? 401 ARG A CD  1 
ATOM   376  N NE  . ARG A 1 48  ? 0.472   -5.113  -17.382 1.00 61.74 ? 401 ARG A NE  1 
ATOM   377  C CZ  . ARG A 1 48  ? 0.415   -5.570  -18.619 1.00 65.18 ? 401 ARG A CZ  1 
ATOM   378  N NH1 . ARG A 1 48  ? 0.555   -4.747  -19.659 1.00 67.35 ? 401 ARG A NH1 1 
ATOM   379  N NH2 . ARG A 1 48  ? 0.202   -6.860  -18.822 1.00 66.57 ? 401 ARG A NH2 1 
ATOM   380  N N   . LEU A 1 49  ? -3.469  -1.386  -13.943 1.00 47.37 ? 402 LEU A N   1 
ATOM   381  C CA  . LEU A 1 49  ? -4.658  -0.552  -14.106 1.00 46.85 ? 402 LEU A CA  1 
ATOM   382  C C   . LEU A 1 49  ? -4.590  0.614   -13.138 1.00 46.06 ? 402 LEU A C   1 
ATOM   383  O O   . LEU A 1 49  ? -4.900  1.729   -13.505 1.00 46.28 ? 402 LEU A O   1 
ATOM   384  C CB  . LEU A 1 49  ? -5.942  -1.366  -13.889 1.00 46.53 ? 402 LEU A CB  1 
ATOM   385  C CG  . LEU A 1 49  ? -7.259  -0.603  -13.763 1.00 46.80 ? 402 LEU A CG  1 
ATOM   386  C CD1 . LEU A 1 49  ? -7.595  0.141   -15.021 1.00 46.40 ? 402 LEU A CD1 1 
ATOM   387  C CD2 . LEU A 1 49  ? -8.390  -1.546  -13.407 1.00 47.46 ? 402 LEU A CD2 1 
ATOM   388  N N   . LEU A 1 50  ? -4.161  0.343   -11.912 1.00 45.49 ? 403 LEU A N   1 
ATOM   389  C CA  . LEU A 1 50  ? -4.111  1.345   -10.853 1.00 44.75 ? 403 LEU A CA  1 
ATOM   390  C C   . LEU A 1 50  ? -3.044  2.379   -11.141 1.00 44.18 ? 403 LEU A C   1 
ATOM   391  O O   . LEU A 1 50  ? -3.265  3.563   -10.939 1.00 43.45 ? 403 LEU A O   1 
ATOM   392  C CB  . LEU A 1 50  ? -3.849  0.681   -9.502  1.00 44.65 ? 403 LEU A CB  1 
ATOM   393  C CG  . LEU A 1 50  ? -5.003  -0.184  -9.003  1.00 45.31 ? 403 LEU A CG  1 
ATOM   394  C CD1 . LEU A 1 50  ? -4.493  -1.202  -7.993  1.00 45.94 ? 403 LEU A CD1 1 
ATOM   395  C CD2 . LEU A 1 50  ? -6.131  0.670   -8.401  1.00 45.07 ? 403 LEU A CD2 1 
ATOM   396  N N   . GLN A 1 51  ? -1.890  1.943   -11.628 1.00 43.98 ? 404 GLN A N   1 
ATOM   397  C CA  . GLN A 1 51  ? -0.896  2.893   -12.107 1.00 44.34 ? 404 GLN A CA  1 
ATOM   398  C C   . GLN A 1 51  ? -1.503  3.808   -13.168 1.00 44.63 ? 404 GLN A C   1 
ATOM   399  O O   . GLN A 1 51  ? -1.410  5.024   -13.067 1.00 45.24 ? 404 GLN A O   1 
ATOM   400  C CB  . GLN A 1 51  ? 0.316   2.194   -12.685 1.00 44.17 ? 404 GLN A CB  1 
ATOM   401  C CG  . GLN A 1 51  ? 1.437   3.172   -13.006 1.00 44.89 ? 404 GLN A CG  1 
ATOM   402  C CD  . GLN A 1 51  ? 2.607   2.518   -13.675 1.00 45.13 ? 404 GLN A CD  1 
ATOM   403  O OE1 . GLN A 1 51  ? 2.431   1.643   -14.526 1.00 46.80 ? 404 GLN A OE1 1 
ATOM   404  N NE2 . GLN A 1 51  ? 3.814   2.919   -13.287 1.00 45.94 ? 404 GLN A NE2 1 
ATOM   405  N N   . THR A 1 52  ? -2.139  3.216   -14.170 1.00 44.86 ? 405 THR A N   1 
ATOM   406  C CA  . THR A 1 52  ? -2.735  3.977   -15.260 1.00 45.14 ? 405 THR A CA  1 
ATOM   407  C C   . THR A 1 52  ? -3.791  4.948   -14.722 1.00 45.26 ? 405 THR A C   1 
ATOM   408  O O   . THR A 1 52  ? -3.795  6.122   -15.079 1.00 44.61 ? 405 THR A O   1 
ATOM   409  C CB  . THR A 1 52  ? -3.324  3.021   -16.318 1.00 45.24 ? 405 THR A CB  1 
ATOM   410  O OG1 . THR A 1 52  ? -2.255  2.425   -17.068 1.00 45.54 ? 405 THR A OG1 1 
ATOM   411  C CG2 . THR A 1 52  ? -4.141  3.776   -17.364 1.00 45.11 ? 405 THR A CG2 1 
ATOM   412  N N   . TYR A 1 53  ? -4.657  4.450   -13.842 1.00 45.35 ? 406 TYR A N   1 
ATOM   413  C CA  . TYR A 1 53  ? -5.650  5.280   -13.180 1.00 45.66 ? 406 TYR A CA  1 
ATOM   414  C C   . TYR A 1 53  ? -4.971  6.429   -12.426 1.00 45.88 ? 406 TYR A C   1 
ATOM   415  O O   . TYR A 1 53  ? -5.255  7.590   -12.685 1.00 45.64 ? 406 TYR A O   1 
ATOM   416  C CB  . TYR A 1 53  ? -6.514  4.436   -12.237 1.00 45.63 ? 406 TYR A CB  1 
ATOM   417  C CG  . TYR A 1 53  ? -7.565  5.232   -11.501 1.00 47.17 ? 406 TYR A CG  1 
ATOM   418  C CD1 . TYR A 1 53  ? -8.765  5.573   -12.115 1.00 48.40 ? 406 TYR A CD1 1 
ATOM   419  C CD2 . TYR A 1 53  ? -7.361  5.653   -10.180 1.00 48.79 ? 406 TYR A CD2 1 
ATOM   420  C CE1 . TYR A 1 53  ? -9.740  6.321   -11.433 1.00 48.61 ? 406 TYR A CE1 1 
ATOM   421  C CE2 . TYR A 1 53  ? -8.326  6.404   -9.500  1.00 48.23 ? 406 TYR A CE2 1 
ATOM   422  C CZ  . TYR A 1 53  ? -9.511  6.726   -10.131 1.00 48.16 ? 406 TYR A CZ  1 
ATOM   423  O OH  . TYR A 1 53  ? -10.469 7.451   -9.465  1.00 50.00 ? 406 TYR A OH  1 
ATOM   424  N N   . ASP A 1 54  ? -4.030  6.101   -11.544 1.00 46.08 ? 407 ASP A N   1 
ATOM   425  C CA  . ASP A 1 54  ? -3.374  7.109   -10.710 1.00 46.42 ? 407 ASP A CA  1 
ATOM   426  C C   . ASP A 1 54  ? -2.736  8.233   -11.536 1.00 47.25 ? 407 ASP A C   1 
ATOM   427  O O   . ASP A 1 54  ? -2.791  9.390   -11.136 1.00 47.12 ? 407 ASP A O   1 
ATOM   428  C CB  . ASP A 1 54  ? -2.346  6.461   -9.766  1.00 46.18 ? 407 ASP A CB  1 
ATOM   429  C CG  . ASP A 1 54  ? -3.005  5.626   -8.657  1.00 45.21 ? 407 ASP A CG  1 
ATOM   430  O OD1 . ASP A 1 54  ? -4.249  5.623   -8.550  1.00 43.11 ? 407 ASP A OD1 1 
ATOM   431  O OD2 . ASP A 1 54  ? -2.366  4.933   -7.848  1.00 44.72 ? 407 ASP A OD2 1 
ATOM   432  N N   . ILE A 1 55  ? -2.175  7.889   -12.695 1.00 48.15 ? 408 ILE A N   1 
ATOM   433  C CA  . ILE A 1 55  ? -1.544  8.857   -13.602 1.00 48.81 ? 408 ILE A CA  1 
ATOM   434  C C   . ILE A 1 55  ? -2.581  9.645   -14.422 1.00 49.93 ? 408 ILE A C   1 
ATOM   435  O O   . ILE A 1 55  ? -2.575  10.871  -14.428 1.00 50.19 ? 408 ILE A O   1 
ATOM   436  C CB  . ILE A 1 55  ? -0.562  8.117   -14.555 1.00 48.80 ? 408 ILE A CB  1 
ATOM   437  C CG1 . ILE A 1 55  ? 0.638   7.566   -13.775 1.00 47.85 ? 408 ILE A CG1 1 
ATOM   438  C CG2 . ILE A 1 55  ? -0.084  9.036   -15.688 1.00 49.08 ? 408 ILE A CG2 1 
ATOM   439  C CD1 . ILE A 1 55  ? 1.622   6.776   -14.643 1.00 46.48 ? 408 ILE A CD1 1 
ATOM   440  N N   . GLU A 1 56  ? -3.470  8.922   -15.101 1.00 51.18 ? 409 GLU A N   1 
ATOM   441  C CA  . GLU A 1 56  ? -4.425  9.498   -16.043 1.00 52.11 ? 409 GLU A CA  1 
ATOM   442  C C   . GLU A 1 56  ? -5.570  10.238  -15.380 1.00 52.65 ? 409 GLU A C   1 
ATOM   443  O O   . GLU A 1 56  ? -5.954  11.324  -15.819 1.00 52.53 ? 409 GLU A O   1 
ATOM   444  C CB  . GLU A 1 56  ? -5.025  8.397   -16.937 1.00 52.44 ? 409 GLU A CB  1 
ATOM   445  C CG  . GLU A 1 56  ? -4.046  7.727   -17.888 1.00 53.54 ? 409 GLU A CG  1 
ATOM   446  C CD  . GLU A 1 56  ? -3.298  8.715   -18.764 1.00 55.82 ? 409 GLU A CD  1 
ATOM   447  O OE1 . GLU A 1 56  ? -3.911  9.707   -19.226 1.00 55.75 ? 409 GLU A OE1 1 
ATOM   448  O OE2 . GLU A 1 56  ? -2.083  8.501   -18.986 1.00 59.17 ? 409 GLU A OE2 1 
ATOM   449  N N   . SER A 1 57  ? -6.127  9.622   -14.343 1.00 53.61 ? 410 SER A N   1 
ATOM   450  C CA  . SER A 1 57  ? -7.351  10.085  -13.688 1.00 54.22 ? 410 SER A CA  1 
ATOM   451  C C   . SER A 1 57  ? -7.051  10.946  -12.465 1.00 54.90 ? 410 SER A C   1 
ATOM   452  O O   . SER A 1 57  ? -7.454  12.102  -12.408 1.00 54.73 ? 410 SER A O   1 
ATOM   453  C CB  . SER A 1 57  ? -8.190  8.876   -13.280 1.00 54.22 ? 410 SER A CB  1 
ATOM   454  O OG  . SER A 1 57  ? -9.466  9.259   -12.810 1.00 54.71 ? 410 SER A OG  1 
ATOM   455  N N   . SER A 1 58  ? -6.349  10.363  -11.494 1.00 56.03 ? 411 SER A N   1 
ATOM   456  C CA  . SER A 1 58  ? -5.932  11.049  -10.271 1.00 56.74 ? 411 SER A CA  1 
ATOM   457  C C   . SER A 1 58  ? -4.855  12.128  -10.505 1.00 57.35 ? 411 SER A C   1 
ATOM   458  O O   . SER A 1 58  ? -4.699  13.020  -9.673  1.00 57.58 ? 411 SER A O   1 
ATOM   459  C CB  . SER A 1 58  ? -5.419  10.029  -9.246  1.00 56.93 ? 411 SER A CB  1 
ATOM   460  O OG  . SER A 1 58  ? -6.442  9.146   -8.796  1.00 57.41 ? 411 SER A OG  1 
ATOM   461  N N   . GLN A 1 59  ? -4.122  12.040  -11.621 1.00 57.68 ? 412 GLN A N   1 
ATOM   462  C CA  . GLN A 1 59  ? -3.084  13.025  -12.000 1.00 57.93 ? 412 GLN A CA  1 
ATOM   463  C C   . GLN A 1 59  ? -1.828  13.014  -11.118 1.00 57.03 ? 412 GLN A C   1 
ATOM   464  O O   . GLN A 1 59  ? -1.205  14.041  -10.866 1.00 57.05 ? 412 GLN A O   1 
ATOM   465  C CB  . GLN A 1 59  ? -3.673  14.441  -12.118 1.00 58.49 ? 412 GLN A CB  1 
ATOM   466  C CG  . GLN A 1 59  ? -4.353  14.696  -13.477 1.00 61.15 ? 412 GLN A CG  1 
ATOM   467  C CD  . GLN A 1 59  ? -5.681  15.448  -13.379 1.00 64.77 ? 412 GLN A CD  1 
ATOM   468  O OE1 . GLN A 1 59  ? -6.249  15.828  -14.406 1.00 67.76 ? 412 GLN A OE1 1 
ATOM   469  N NE2 . GLN A 1 59  ? -6.172  15.667  -12.157 1.00 66.28 ? 412 GLN A NE2 1 
ATOM   470  N N   . LYS A 1 60  ? -1.443  11.829  -10.681 1.00 56.22 ? 413 LYS A N   1 
ATOM   471  C CA  . LYS A 1 60  ? -0.213  11.644  -9.942  1.00 55.50 ? 413 LYS A CA  1 
ATOM   472  C C   . LYS A 1 60  ? 0.891   11.361  -10.957 1.00 54.42 ? 413 LYS A C   1 
ATOM   473  O O   . LYS A 1 60  ? 0.633   11.075  -12.129 1.00 53.99 ? 413 LYS A O   1 
ATOM   474  C CB  . LYS A 1 60  ? -0.347  10.471  -8.970  1.00 55.82 ? 413 LYS A CB  1 
ATOM   475  C CG  . LYS A 1 60  ? -1.603  10.476  -8.099  1.00 56.68 ? 413 LYS A CG  1 
ATOM   476  C CD  . LYS A 1 60  ? -1.440  11.363  -6.874  1.00 59.16 ? 413 LYS A CD  1 
ATOM   477  C CE  . LYS A 1 60  ? -2.698  11.391  -6.001  1.00 60.33 ? 413 LYS A CE  1 
ATOM   478  N NZ  . LYS A 1 60  ? -3.382  10.063  -5.936  1.00 61.53 ? 413 LYS A NZ  1 
ATOM   479  N N   . CYS A 1 61  ? 2.128   11.446  -10.505 1.00 53.02 ? 414 CYS A N   1 
ATOM   480  C CA  . CYS A 1 61  ? 3.260   11.121  -11.349 1.00 52.29 ? 414 CYS A CA  1 
ATOM   481  C C   . CYS A 1 61  ? 3.470   9.616   -11.499 1.00 50.70 ? 414 CYS A C   1 
ATOM   482  O O   . CYS A 1 61  ? 4.160   9.181   -12.408 1.00 50.40 ? 414 CYS A O   1 
ATOM   483  C CB  . CYS A 1 61  ? 4.504   11.796  -10.790 1.00 52.35 ? 414 CYS A CB  1 
ATOM   484  S SG  . CYS A 1 61  ? 4.350   13.584  -10.995 1.00 55.96 ? 414 CYS A SG  1 
ATOM   485  N N   . ASP A 1 62  ? 2.876   8.833   -10.603 1.00 49.24 ? 415 ASP A N   1 
ATOM   486  C CA  . ASP A 1 62  ? 3.058   7.382   -10.570 1.00 48.10 ? 415 ASP A CA  1 
ATOM   487  C C   . ASP A 1 62  ? 1.996   6.739   -9.671  1.00 46.96 ? 415 ASP A C   1 
ATOM   488  O O   . ASP A 1 62  ? 1.258   7.432   -8.958  1.00 46.28 ? 415 ASP A O   1 
ATOM   489  C CB  . ASP A 1 62  ? 4.461   7.064   -10.023 1.00 48.18 ? 415 ASP A CB  1 
ATOM   490  C CG  . ASP A 1 62  ? 4.973   5.678   -10.420 1.00 49.10 ? 415 ASP A CG  1 
ATOM   491  O OD1 . ASP A 1 62  ? 4.323   4.977   -11.239 1.00 49.24 ? 415 ASP A OD1 1 
ATOM   492  O OD2 . ASP A 1 62  ? 6.045   5.220   -9.955  1.00 48.46 ? 415 ASP A OD2 1 
ATOM   493  N N   . ILE A 1 63  ? 1.910   5.416   -9.721  1.00 45.88 ? 416 ILE A N   1 
ATOM   494  C CA  . ILE A 1 63  ? 1.049   4.665   -8.819  1.00 45.24 ? 416 ILE A CA  1 
ATOM   495  C C   . ILE A 1 63  ? 1.289   5.208   -7.417  1.00 45.03 ? 416 ILE A C   1 
ATOM   496  O O   . ILE A 1 63  ? 2.427   5.395   -7.024  1.00 45.29 ? 416 ILE A O   1 
ATOM   497  C CB  . ILE A 1 63  ? 1.340   3.140   -8.937  1.00 44.85 ? 416 ILE A CB  1 
ATOM   498  C CG1 . ILE A 1 63  ? 0.268   2.316   -8.223  1.00 45.20 ? 416 ILE A CG1 1 
ATOM   499  C CG2 . ILE A 1 63  ? 2.707   2.777   -8.409  1.00 44.41 ? 416 ILE A CG2 1 
ATOM   500  C CD1 . ILE A 1 63  ? 0.262   0.860   -8.655  1.00 44.26 ? 416 ILE A CD1 1 
ATOM   501  N N   . ALA A 1 64  ? 0.223   5.486   -6.676  1.00 44.83 ? 417 ALA A N   1 
ATOM   502  C CA  . ALA A 1 64  ? 0.319   6.255   -5.435  1.00 44.81 ? 417 ALA A CA  1 
ATOM   503  C C   . ALA A 1 64  ? 1.076   5.566   -4.294  1.00 44.97 ? 417 ALA A C   1 
ATOM   504  O O   . ALA A 1 64  ? 1.608   6.242   -3.411  1.00 44.42 ? 417 ALA A O   1 
ATOM   505  C CB  . ALA A 1 64  ? -1.057  6.630   -4.962  1.00 44.81 ? 417 ALA A CB  1 
ATOM   506  N N   . TYR A 1 65  ? 1.147   4.237   -4.338  1.00 45.18 ? 418 TYR A N   1 
ATOM   507  C CA  . TYR A 1 65  ? 1.475   3.443   -3.163  1.00 45.37 ? 418 TYR A CA  1 
ATOM   508  C C   . TYR A 1 65  ? 2.893   2.923   -3.177  1.00 45.51 ? 418 TYR A C   1 
ATOM   509  O O   . TYR A 1 65  ? 3.475   2.691   -4.234  1.00 46.16 ? 418 TYR A O   1 
ATOM   510  C CB  . TYR A 1 65  ? 0.528   2.247   -3.067  1.00 45.64 ? 418 TYR A CB  1 
ATOM   511  C CG  . TYR A 1 65  ? -0.916  2.575   -3.381  1.00 46.23 ? 418 TYR A CG  1 
ATOM   512  C CD1 . TYR A 1 65  ? -1.693  3.296   -2.483  1.00 46.72 ? 418 TYR A CD1 1 
ATOM   513  C CD2 . TYR A 1 65  ? -1.502  2.163   -4.574  1.00 45.59 ? 418 TYR A CD2 1 
ATOM   514  C CE1 . TYR A 1 65  ? -3.018  3.592   -2.759  1.00 47.42 ? 418 TYR A CE1 1 
ATOM   515  C CE2 . TYR A 1 65  ? -2.824  2.449   -4.854  1.00 46.05 ? 418 TYR A CE2 1 
ATOM   516  C CZ  . TYR A 1 65  ? -3.574  3.169   -3.946  1.00 46.79 ? 418 TYR A CZ  1 
ATOM   517  O OH  . TYR A 1 65  ? -4.885  3.468   -4.214  1.00 47.55 ? 418 TYR A OH  1 
ATOM   518  N N   . ASN A 1 66  ? 3.440   2.697   -1.991  1.00 45.22 ? 419 ASN A N   1 
ATOM   519  C CA  . ASN A 1 66  ? 4.765   2.106   -1.877  1.00 44.90 ? 419 ASN A CA  1 
ATOM   520  C C   . ASN A 1 66  ? 4.708   0.627   -2.228  1.00 44.85 ? 419 ASN A C   1 
ATOM   521  O O   . ASN A 1 66  ? 5.498   0.140   -3.031  1.00 44.90 ? 419 ASN A O   1 
ATOM   522  C CB  . ASN A 1 66  ? 5.323   2.350   -0.475  1.00 44.56 ? 419 ASN A CB  1 
ATOM   523  C CG  . ASN A 1 66  ? 5.561   3.817   -0.216  1.00 43.50 ? 419 ASN A CG  1 
ATOM   524  O OD1 . ASN A 1 66  ? 4.796   4.478   0.490   1.00 41.70 ? 419 ASN A OD1 1 
ATOM   525  N ND2 . ASN A 1 66  ? 6.589   4.352   -0.841  1.00 40.91 ? 419 ASN A ND2 1 
ATOM   526  N N   . PHE A 1 67  ? 3.728   -0.066  -1.656  1.00 44.91 ? 420 PHE A N   1 
ATOM   527  C CA  . PHE A 1 67  ? 3.506   -1.489  -1.915  1.00 44.71 ? 420 PHE A CA  1 
ATOM   528  C C   . PHE A 1 67  ? 2.029   -1.792  -2.129  1.00 44.27 ? 420 PHE A C   1 
ATOM   529  O O   . PHE A 1 67  ? 1.162   -1.074  -1.631  1.00 43.82 ? 420 PHE A O   1 
ATOM   530  C CB  . PHE A 1 67  ? 4.052   -2.311  -0.748  1.00 44.62 ? 420 PHE A CB  1 
ATOM   531  C CG  . PHE A 1 67  ? 5.526   -2.187  -0.601  1.00 45.38 ? 420 PHE A CG  1 
ATOM   532  C CD1 . PHE A 1 67  ? 6.370   -2.864  -1.466  1.00 45.32 ? 420 PHE A CD1 1 
ATOM   533  C CD2 . PHE A 1 67  ? 6.075   -1.348  0.355   1.00 46.42 ? 420 PHE A CD2 1 
ATOM   534  C CE1 . PHE A 1 67  ? 7.730   -2.729  -1.369  1.00 45.86 ? 420 PHE A CE1 1 
ATOM   535  C CE2 . PHE A 1 67  ? 7.440   -1.215  0.462   1.00 46.00 ? 420 PHE A CE2 1 
ATOM   536  C CZ  . PHE A 1 67  ? 8.271   -1.904  -0.408  1.00 45.95 ? 420 PHE A CZ  1 
ATOM   537  N N   . LEU A 1 68  ? 1.757   -2.856  -2.877  1.00 44.02 ? 421 LEU A N   1 
ATOM   538  C CA  . LEU A 1 68  ? 0.397   -3.346  -3.070  1.00 44.15 ? 421 LEU A CA  1 
ATOM   539  C C   . LEU A 1 68  ? 0.352   -4.821  -2.712  1.00 44.83 ? 421 LEU A C   1 
ATOM   540  O O   . LEU A 1 68  ? 1.173   -5.612  -3.160  1.00 45.06 ? 421 LEU A O   1 
ATOM   541  C CB  . LEU A 1 68  ? -0.083  -3.130  -4.503  1.00 43.68 ? 421 LEU A CB  1 
ATOM   542  C CG  . LEU A 1 68  ? -0.189  -1.664  -4.912  1.00 42.49 ? 421 LEU A CG  1 
ATOM   543  C CD1 . LEU A 1 68  ? 1.100   -1.205  -5.539  1.00 41.81 ? 421 LEU A CD1 1 
ATOM   544  C CD2 . LEU A 1 68  ? -1.349  -1.435  -5.865  1.00 42.18 ? 421 LEU A CD2 1 
ATOM   545  N N   . ILE A 1 69  ? -0.609  -5.193  -1.891  1.00 45.52 ? 422 ILE A N   1 
ATOM   546  C CA  . ILE A 1 69  ? -0.723  -6.565  -1.466  1.00 46.45 ? 422 ILE A CA  1 
ATOM   547  C C   . ILE A 1 69  ? -1.930  -7.202  -2.168  1.00 46.97 ? 422 ILE A C   1 
ATOM   548  O O   . ILE A 1 69  ? -3.060  -6.742  -2.043  1.00 46.50 ? 422 ILE A O   1 
ATOM   549  C CB  . ILE A 1 69  ? -0.779  -6.598  0.069   1.00 46.76 ? 422 ILE A CB  1 
ATOM   550  C CG1 . ILE A 1 69  ? 0.390   -5.746  0.609   1.00 47.62 ? 422 ILE A CG1 1 
ATOM   551  C CG2 . ILE A 1 69  ? -0.725  -8.024  0.576   1.00 46.78 ? 422 ILE A CG2 1 
ATOM   552  C CD1 . ILE A 1 69  ? 0.838   -6.054  2.013   1.00 48.52 ? 422 ILE A CD1 1 
ATOM   553  N N   . GLY A 1 70  ? -1.652  -8.241  -2.949  1.00 48.15 ? 423 GLY A N   1 
ATOM   554  C CA  . GLY A 1 70  ? -2.666  -8.957  -3.701  1.00 48.82 ? 423 GLY A CA  1 
ATOM   555  C C   . GLY A 1 70  ? -3.280  -10.087 -2.895  1.00 49.51 ? 423 GLY A C   1 
ATOM   556  O O   . GLY A 1 70  ? -2.641  -10.647 -2.001  1.00 49.46 ? 423 GLY A O   1 
ATOM   557  N N   . GLY A 1 71  ? -4.514  -10.435 -3.248  1.00 50.16 ? 424 GLY A N   1 
ATOM   558  C CA  . GLY A 1 71  ? -5.246  -11.508 -2.600  1.00 50.75 ? 424 GLY A CA  1 
ATOM   559  C C   . GLY A 1 71  ? -4.585  -12.855 -2.785  1.00 51.28 ? 424 GLY A C   1 
ATOM   560  O O   . GLY A 1 71  ? -4.927  -13.818 -2.095  1.00 51.87 ? 424 GLY A O   1 
ATOM   561  N N   . ASP A 1 72  ? -3.647  -12.924 -3.726  1.00 51.60 ? 425 ASP A N   1 
ATOM   562  C CA  . ASP A 1 72  ? -2.806  -14.098 -3.916  1.00 51.80 ? 425 ASP A CA  1 
ATOM   563  C C   . ASP A 1 72  ? -1.670  -14.225 -2.888  1.00 51.93 ? 425 ASP A C   1 
ATOM   564  O O   . ASP A 1 72  ? -0.843  -15.127 -2.990  1.00 52.35 ? 425 ASP A O   1 
ATOM   565  C CB  . ASP A 1 72  ? -2.230  -14.089 -5.338  1.00 51.90 ? 425 ASP A CB  1 
ATOM   566  C CG  . ASP A 1 72  ? -1.208  -12.976 -5.566  1.00 52.92 ? 425 ASP A CG  1 
ATOM   567  O OD1 . ASP A 1 72  ? -1.274  -11.936 -4.858  1.00 54.13 ? 425 ASP A OD1 1 
ATOM   568  O OD2 . ASP A 1 72  ? -0.313  -13.059 -6.446  1.00 50.72 ? 425 ASP A OD2 1 
ATOM   569  N N   . GLY A 1 73  ? -1.625  -13.325 -1.908  1.00 51.93 ? 426 GLY A N   1 
ATOM   570  C CA  . GLY A 1 73  ? -0.581  -13.312 -0.902  1.00 51.59 ? 426 GLY A CA  1 
ATOM   571  C C   . GLY A 1 73  ? 0.763   -12.815 -1.383  1.00 51.64 ? 426 GLY A C   1 
ATOM   572  O O   . GLY A 1 73  ? 1.783   -13.054 -0.739  1.00 51.66 ? 426 GLY A O   1 
ATOM   573  N N   . ASN A 1 74  ? 0.774   -12.116 -2.510  1.00 51.49 ? 427 ASN A N   1 
ATOM   574  C CA  . ASN A 1 74  ? 2.009   -11.587 -3.058  1.00 51.24 ? 427 ASN A CA  1 
ATOM   575  C C   . ASN A 1 74  ? 2.105   -10.088 -2.838  1.00 50.56 ? 427 ASN A C   1 
ATOM   576  O O   . ASN A 1 74  ? 1.103   -9.412  -2.647  1.00 50.62 ? 427 ASN A O   1 
ATOM   577  C CB  . ASN A 1 74  ? 2.125   -11.947 -4.540  1.00 51.50 ? 427 ASN A CB  1 
ATOM   578  C CG  . ASN A 1 74  ? 2.546   -13.398 -4.747  1.00 52.24 ? 427 ASN A CG  1 
ATOM   579  O OD1 . ASN A 1 74  ? 3.572   -13.813 -4.239  1.00 53.66 ? 427 ASN A OD1 1 
ATOM   580  N ND2 . ASN A 1 74  ? 1.747   -14.170 -5.481  1.00 54.10 ? 427 ASN A ND2 1 
ATOM   581  N N   . VAL A 1 75  ? 3.323   -9.576  -2.841  1.00 50.00 ? 428 VAL A N   1 
ATOM   582  C CA  . VAL A 1 75  ? 3.543   -8.155  -2.644  1.00 49.75 ? 428 VAL A CA  1 
ATOM   583  C C   . VAL A 1 75  ? 4.023   -7.547  -3.951  1.00 49.01 ? 428 VAL A C   1 
ATOM   584  O O   . VAL A 1 75  ? 5.023   -7.989  -4.517  1.00 48.56 ? 428 VAL A O   1 
ATOM   585  C CB  . VAL A 1 75  ? 4.587   -7.885  -1.539  1.00 50.03 ? 428 VAL A CB  1 
ATOM   586  C CG1 . VAL A 1 75  ? 4.803   -6.360  -1.360  1.00 50.23 ? 428 VAL A CG1 1 
ATOM   587  C CG2 . VAL A 1 75  ? 4.147   -8.541  -0.234  1.00 49.82 ? 428 VAL A CG2 1 
ATOM   588  N N   . TYR A 1 76  ? 3.301   -6.524  -4.398  1.00 48.30 ? 429 TYR A N   1 
ATOM   589  C CA  . TYR A 1 76  ? 3.576   -5.828  -5.643  1.00 47.92 ? 429 TYR A CA  1 
ATOM   590  C C   . TYR A 1 76  ? 4.175   -4.468  -5.332  1.00 47.21 ? 429 TYR A C   1 
ATOM   591  O O   . TYR A 1 76  ? 3.592   -3.667  -4.609  1.00 46.77 ? 429 TYR A O   1 
ATOM   592  C CB  . TYR A 1 76  ? 2.286   -5.716  -6.478  1.00 48.06 ? 429 TYR A CB  1 
ATOM   593  C CG  . TYR A 1 76  ? 1.778   -7.089  -6.859  1.00 48.85 ? 429 TYR A CG  1 
ATOM   594  C CD1 . TYR A 1 76  ? 2.036   -7.629  -8.115  1.00 50.84 ? 429 TYR A CD1 1 
ATOM   595  C CD2 . TYR A 1 76  ? 1.100   -7.874  -5.937  1.00 49.62 ? 429 TYR A CD2 1 
ATOM   596  C CE1 . TYR A 1 76  ? 1.609   -8.912  -8.446  1.00 51.88 ? 429 TYR A CE1 1 
ATOM   597  C CE2 . TYR A 1 76  ? 0.672   -9.146  -6.254  1.00 50.63 ? 429 TYR A CE2 1 
ATOM   598  C CZ  . TYR A 1 76  ? 0.930   -9.659  -7.503  1.00 51.60 ? 429 TYR A CZ  1 
ATOM   599  O OH  . TYR A 1 76  ? 0.499   -10.918 -7.799  1.00 52.77 ? 429 TYR A OH  1 
ATOM   600  N N   . VAL A 1 77  ? 5.352   -4.221  -5.893  1.00 46.86 ? 430 VAL A N   1 
ATOM   601  C CA  . VAL A 1 77  ? 6.093   -2.980  -5.674  1.00 46.36 ? 430 VAL A CA  1 
ATOM   602  C C   . VAL A 1 77  ? 5.552   -1.855  -6.547  1.00 46.15 ? 430 VAL A C   1 
ATOM   603  O O   . VAL A 1 77  ? 5.623   -1.926  -7.774  1.00 46.00 ? 430 VAL A O   1 
ATOM   604  C CB  . VAL A 1 77  ? 7.584   -3.178  -5.979  1.00 46.29 ? 430 VAL A CB  1 
ATOM   605  C CG1 . VAL A 1 77  ? 8.376   -1.878  -5.782  1.00 45.93 ? 430 VAL A CG1 1 
ATOM   606  C CG2 . VAL A 1 77  ? 8.159   -4.297  -5.101  1.00 46.77 ? 430 VAL A CG2 1 
ATOM   607  N N   . GLY A 1 78  ? 4.993   -0.832  -5.904  1.00 45.67 ? 431 GLY A N   1 
ATOM   608  C CA  . GLY A 1 78  ? 4.714   0.438   -6.559  1.00 45.29 ? 431 GLY A CA  1 
ATOM   609  C C   . GLY A 1 78  ? 5.948   1.305   -6.461  1.00 45.00 ? 431 GLY A C   1 
ATOM   610  O O   . GLY A 1 78  ? 6.930   1.035   -7.113  1.00 44.54 ? 431 GLY A O   1 
ATOM   611  N N   . ARG A 1 79  ? 5.927   2.319   -5.603  1.00 45.14 ? 432 ARG A N   1 
ATOM   612  C CA  . ARG A 1 79  ? 7.083   3.203   -5.448  1.00 44.88 ? 432 ARG A CA  1 
ATOM   613  C C   . ARG A 1 79  ? 8.214   2.598   -4.633  1.00 44.95 ? 432 ARG A C   1 
ATOM   614  O O   . ARG A 1 79  ? 9.353   2.998   -4.794  1.00 45.42 ? 432 ARG A O   1 
ATOM   615  C CB  . ARG A 1 79  ? 6.661   4.534   -4.847  1.00 44.88 ? 432 ARG A CB  1 
ATOM   616  C CG  . ARG A 1 79  ? 5.691   5.287   -5.729  1.00 43.96 ? 432 ARG A CG  1 
ATOM   617  C CD  . ARG A 1 79  ? 5.383   6.691   -5.266  1.00 43.19 ? 432 ARG A CD  1 
ATOM   618  N NE  . ARG A 1 79  ? 4.222   7.215   -5.974  1.00 42.99 ? 432 ARG A NE  1 
ATOM   619  C CZ  . ARG A 1 79  ? 3.901   8.496   -6.071  1.00 44.54 ? 432 ARG A CZ  1 
ATOM   620  N NH1 . ARG A 1 79  ? 4.642   9.443   -5.506  1.00 44.51 ? 432 ARG A NH1 1 
ATOM   621  N NH2 . ARG A 1 79  ? 2.825   8.835   -6.761  1.00 46.19 ? 432 ARG A NH2 1 
ATOM   622  N N   . GLY A 1 80  ? 7.910   1.639   -3.763  1.00 45.12 ? 433 GLY A N   1 
ATOM   623  C CA  . GLY A 1 80  ? 8.935   0.904   -3.038  1.00 44.84 ? 433 GLY A CA  1 
ATOM   624  C C   . GLY A 1 80  ? 9.294   1.540   -1.711  1.00 45.12 ? 433 GLY A C   1 
ATOM   625  O O   . GLY A 1 80  ? 8.616   2.464   -1.242  1.00 44.87 ? 433 GLY A O   1 
ATOM   626  N N   . TRP A 1 81  ? 10.375  1.034   -1.115  1.00 45.28 ? 434 TRP A N   1 
ATOM   627  C CA  . TRP A 1 81  ? 10.804  1.398   0.235   1.00 45.24 ? 434 TRP A CA  1 
ATOM   628  C C   . TRP A 1 81  ? 11.256  2.844   0.367   1.00 45.46 ? 434 TRP A C   1 
ATOM   629  O O   . TRP A 1 81  ? 11.032  3.486   1.393   1.00 45.13 ? 434 TRP A O   1 
ATOM   630  C CB  . TRP A 1 81  ? 11.999  0.542   0.660   1.00 44.95 ? 434 TRP A CB  1 
ATOM   631  C CG  . TRP A 1 81  ? 11.699  -0.873  0.914   1.00 43.55 ? 434 TRP A CG  1 
ATOM   632  C CD1 . TRP A 1 81  ? 12.268  -1.947  0.296   1.00 42.86 ? 434 TRP A CD1 1 
ATOM   633  C CD2 . TRP A 1 81  ? 10.783  -1.401  1.876   1.00 42.49 ? 434 TRP A CD2 1 
ATOM   634  N NE1 . TRP A 1 81  ? 11.751  -3.113  0.807   1.00 42.79 ? 434 TRP A NE1 1 
ATOM   635  C CE2 . TRP A 1 81  ? 10.835  -2.805  1.778   1.00 42.38 ? 434 TRP A CE2 1 
ATOM   636  C CE3 . TRP A 1 81  ? 9.923   -0.831  2.817   1.00 42.11 ? 434 TRP A CE3 1 
ATOM   637  C CZ2 . TRP A 1 81  ? 10.066  -3.639  2.575   1.00 42.92 ? 434 TRP A CZ2 1 
ATOM   638  C CZ3 . TRP A 1 81  ? 9.153   -1.655  3.594   1.00 43.12 ? 434 TRP A CZ3 1 
ATOM   639  C CH2 . TRP A 1 81  ? 9.228   -3.049  3.474   1.00 43.41 ? 434 TRP A CH2 1 
ATOM   640  N N   . ASN A 1 82  ? 11.906  3.322   -0.684  1.00 45.87 ? 435 ASN A N   1 
ATOM   641  C CA  . ASN A 1 82  ? 12.780  4.474   -0.615  1.00 46.29 ? 435 ASN A CA  1 
ATOM   642  C C   . ASN A 1 82  ? 12.245  5.708   -1.317  1.00 46.10 ? 435 ASN A C   1 
ATOM   643  O O   . ASN A 1 82  ? 12.897  6.748   -1.293  1.00 46.39 ? 435 ASN A O   1 
ATOM   644  C CB  . ASN A 1 82  ? 14.137  4.089   -1.213  1.00 46.77 ? 435 ASN A CB  1 
ATOM   645  C CG  . ASN A 1 82  ? 14.724  2.832   -0.572  1.00 49.09 ? 435 ASN A CG  1 
ATOM   646  O OD1 . ASN A 1 82  ? 14.670  2.659   0.646   1.00 51.31 ? 435 ASN A OD1 1 
ATOM   647  N ND2 . ASN A 1 82  ? 15.274  1.943   -1.395  1.00 52.42 ? 435 ASN A ND2 1 
ATOM   648  N N   . LYS A 1 83  ? 11.076  5.601   -1.953  1.00 46.17 ? 436 LYS A N   1 
ATOM   649  C CA  . LYS A 1 83  ? 10.435  6.749   -2.594  1.00 46.00 ? 436 LYS A CA  1 
ATOM   650  C C   . LYS A 1 83  ? 9.204   7.164   -1.798  1.00 45.60 ? 436 LYS A C   1 
ATOM   651  O O   . LYS A 1 83  ? 8.633   6.366   -1.056  1.00 45.39 ? 436 LYS A O   1 
ATOM   652  C CB  . LYS A 1 83  ? 10.045  6.413   -4.037  1.00 46.40 ? 436 LYS A CB  1 
ATOM   653  C CG  . LYS A 1 83  ? 11.219  6.269   -5.017  1.00 48.01 ? 436 LYS A CG  1 
ATOM   654  C CD  . LYS A 1 83  ? 12.189  7.457   -4.964  1.00 49.98 ? 436 LYS A CD  1 
ATOM   655  C CE  . LYS A 1 83  ? 12.844  7.738   -6.301  1.00 51.72 ? 436 LYS A CE  1 
ATOM   656  N NZ  . LYS A 1 83  ? 13.536  9.061   -6.328  1.00 52.63 ? 436 LYS A NZ  1 
ATOM   657  N N   . MET A 1 84  ? 8.800   8.421   -1.959  1.00 45.33 ? 437 MET A N   1 
ATOM   658  C CA  . MET A 1 84  ? 7.662   8.976   -1.238  1.00 44.84 ? 437 MET A CA  1 
ATOM   659  C C   . MET A 1 84  ? 6.352   8.613   -1.932  1.00 44.84 ? 437 MET A C   1 
ATOM   660  O O   . MET A 1 84  ? 6.178   8.902   -3.104  1.00 44.82 ? 437 MET A O   1 
ATOM   661  C CB  . MET A 1 84  ? 7.796   10.497  -1.128  1.00 44.82 ? 437 MET A CB  1 
ATOM   662  C CG  . MET A 1 84  ? 7.081   11.073  0.081   1.00 44.92 ? 437 MET A CG  1 
ATOM   663  S SD  . MET A 1 84  ? 6.823   12.828  0.030   1.00 47.61 ? 437 MET A SD  1 
ATOM   664  C CE  . MET A 1 84  ? 8.409   13.458  0.601   1.00 48.39 ? 437 MET A CE  1 
ATOM   665  N N   . GLY A 1 85  ? 5.436   7.963   -1.210  1.00 44.88 ? 438 GLY A N   1 
ATOM   666  C CA  . GLY A 1 85  ? 4.097   7.694   -1.716  1.00 44.83 ? 438 GLY A CA  1 
ATOM   667  C C   . GLY A 1 85  ? 3.259   8.962   -1.810  1.00 45.01 ? 438 GLY A C   1 
ATOM   668  O O   . GLY A 1 85  ? 3.650   10.005  -1.280  1.00 45.14 ? 438 GLY A O   1 
ATOM   669  N N   . ALA A 1 86  ? 2.130   8.881   -2.511  1.00 44.93 ? 439 ALA A N   1 
ATOM   670  C CA  . ALA A 1 86  ? 1.159   9.971   -2.565  1.00 45.23 ? 439 ALA A CA  1 
ATOM   671  C C   . ALA A 1 86  ? -0.192  9.529   -2.004  1.00 45.58 ? 439 ALA A C   1 
ATOM   672  O O   . ALA A 1 86  ? -1.206  10.158  -2.264  1.00 45.61 ? 439 ALA A O   1 
ATOM   673  C CB  . ALA A 1 86  ? 0.994   10.456  -3.978  1.00 45.32 ? 439 ALA A CB  1 
ATOM   674  N N   . HIS A 1 87  ? -0.178  8.462   -1.212  1.00 45.94 ? 440 HIS A N   1 
ATOM   675  C CA  . HIS A 1 87  ? -1.380  7.856   -0.644  1.00 46.24 ? 440 HIS A CA  1 
ATOM   676  C C   . HIS A 1 87  ? -2.335  8.815   0.076   1.00 46.76 ? 440 HIS A C   1 
ATOM   677  O O   . HIS A 1 87  ? -3.534  8.731   -0.123  1.00 46.72 ? 440 HIS A O   1 
ATOM   678  C CB  . HIS A 1 87  ? -1.004  6.680   0.273   1.00 46.27 ? 440 HIS A CB  1 
ATOM   679  C CG  . HIS A 1 87  ? 0.191   6.933   1.141   1.00 45.60 ? 440 HIS A CG  1 
ATOM   680  N ND1 . HIS A 1 87  ? 1.477   6.960   0.651   1.00 45.38 ? 440 HIS A ND1 1 
ATOM   681  C CD2 . HIS A 1 87  ? 0.294   7.145   2.474   1.00 45.47 ? 440 HIS A CD2 1 
ATOM   682  C CE1 . HIS A 1 87  ? 2.317   7.193   1.641   1.00 45.81 ? 440 HIS A CE1 1 
ATOM   683  N NE2 . HIS A 1 87  ? 1.624   7.309   2.760   1.00 44.96 ? 440 HIS A NE2 1 
ATOM   684  N N   . MET A 1 88  ? -1.816  9.717   0.906   1.00 47.72 ? 441 MET A N   1 
ATOM   685  C CA  . MET A 1 88  ? -2.670  10.642  1.681   1.00 48.39 ? 441 MET A CA  1 
ATOM   686  C C   . MET A 1 88  ? -2.936  11.992  1.003   1.00 48.68 ? 441 MET A C   1 
ATOM   687  O O   . MET A 1 88  ? -3.724  12.788  1.510   1.00 48.47 ? 441 MET A O   1 
ATOM   688  C CB  . MET A 1 88  ? -2.066  10.908  3.067   1.00 48.55 ? 441 MET A CB  1 
ATOM   689  C CG  . MET A 1 88  ? -1.770  9.651   3.867   1.00 49.87 ? 441 MET A CG  1 
ATOM   690  S SD  . MET A 1 88  ? -3.263  8.726   4.254   1.00 52.11 ? 441 MET A SD  1 
ATOM   691  C CE  . MET A 1 88  ? -3.167  7.458   3.196   1.00 54.30 ? 441 MET A CE  1 
ATOM   692  N N   . ASN A 1 89  ? -2.273  12.255  -0.123  1.00 49.21 ? 442 ASN A N   1 
ATOM   693  C CA  . ASN A 1 89  ? -2.353  13.554  -0.802  1.00 49.83 ? 442 ASN A CA  1 
ATOM   694  C C   . ASN A 1 89  ? -2.043  14.691  0.183   1.00 49.22 ? 442 ASN A C   1 
ATOM   695  O O   . ASN A 1 89  ? -2.621  15.769  0.127   1.00 49.12 ? 442 ASN A O   1 
ATOM   696  C CB  . ASN A 1 89  ? -3.724  13.735  -1.480  1.00 50.27 ? 442 ASN A CB  1 
ATOM   697  C CG  . ASN A 1 89  ? -3.759  14.915  -2.464  1.00 53.37 ? 442 ASN A CG  1 
ATOM   698  O OD1 . ASN A 1 89  ? -4.812  15.546  -2.653  1.00 57.47 ? 442 ASN A OD1 1 
ATOM   699  N ND2 . ASN A 1 89  ? -2.619  15.214  -3.096  1.00 55.54 ? 442 ASN A ND2 1 
ATOM   700  N N   . ASN A 1 90  ? -1.109  14.417  1.082   1.00 48.75 ? 443 ASN A N   1 
ATOM   701  C CA  . ASN A 1 90  ? -0.758  15.319  2.170   1.00 48.34 ? 443 ASN A CA  1 
ATOM   702  C C   . ASN A 1 90  ? 0.716   15.115  2.431   1.00 48.06 ? 443 ASN A C   1 
ATOM   703  O O   . ASN A 1 90  ? 1.122   14.026  2.850   1.00 48.03 ? 443 ASN A O   1 
ATOM   704  C CB  . ASN A 1 90  ? -1.581  14.982  3.422   1.00 48.20 ? 443 ASN A CB  1 
ATOM   705  C CG  . ASN A 1 90  ? -1.210  15.833  4.621   1.00 47.62 ? 443 ASN A CG  1 
ATOM   706  O OD1 . ASN A 1 90  ? -0.130  15.686  5.185   1.00 46.95 ? 443 ASN A OD1 1 
ATOM   707  N ND2 . ASN A 1 90  ? -2.108  16.723  5.022   1.00 45.83 ? 443 ASN A ND2 1 
ATOM   708  N N   . ILE A 1 91  ? 1.518   16.146  2.170   1.00 47.62 ? 444 ILE A N   1 
ATOM   709  C CA  . ILE A 1 91  ? 2.970   16.018  2.252   1.00 47.59 ? 444 ILE A CA  1 
ATOM   710  C C   . ILE A 1 91  ? 3.428   15.634  3.657   1.00 47.30 ? 444 ILE A C   1 
ATOM   711  O O   . ILE A 1 91  ? 4.364   14.859  3.804   1.00 47.62 ? 444 ILE A O   1 
ATOM   712  C CB  . ILE A 1 91  ? 3.681   17.306  1.744   1.00 47.87 ? 444 ILE A CB  1 
ATOM   713  C CG1 . ILE A 1 91  ? 3.401   17.508  0.238   1.00 49.02 ? 444 ILE A CG1 1 
ATOM   714  C CG2 . ILE A 1 91  ? 5.180   17.203  1.946   1.00 47.46 ? 444 ILE A CG2 1 
ATOM   715  C CD1 . ILE A 1 91  ? 3.552   18.952  -0.280  1.00 49.43 ? 444 ILE A CD1 1 
ATOM   716  N N   . ASN A 1 92  ? 2.760   16.148  4.686   1.00 46.99 ? 445 ASN A N   1 
ATOM   717  C CA  . ASN A 1 92  ? 3.163   15.879  6.067   1.00 46.72 ? 445 ASN A CA  1 
ATOM   718  C C   . ASN A 1 92  ? 3.036   14.403  6.461   1.00 46.44 ? 445 ASN A C   1 
ATOM   719  O O   . ASN A 1 92  ? 3.955   13.837  7.055   1.00 46.91 ? 445 ASN A O   1 
ATOM   720  C CB  . ASN A 1 92  ? 2.386   16.776  7.038   1.00 46.90 ? 445 ASN A CB  1 
ATOM   721  C CG  . ASN A 1 92  ? 2.859   18.225  7.021   1.00 46.84 ? 445 ASN A CG  1 
ATOM   722  O OD1 . ASN A 1 92  ? 2.162   19.102  7.505   1.00 49.28 ? 445 ASN A OD1 1 
ATOM   723  N ND2 . ASN A 1 92  ? 4.034   18.480  6.464   1.00 47.30 ? 445 ASN A ND2 1 
ATOM   724  N N   . TYR A 1 93  ? 1.919   13.783  6.096   1.00 45.94 ? 446 TYR A N   1 
ATOM   725  C CA  . TYR A 1 93  ? 1.698   12.358  6.318   1.00 45.62 ? 446 TYR A CA  1 
ATOM   726  C C   . TYR A 1 93  ? 2.567   11.508  5.374   1.00 45.49 ? 446 TYR A C   1 
ATOM   727  O O   . TYR A 1 93  ? 3.161   10.526  5.794   1.00 45.25 ? 446 TYR A O   1 
ATOM   728  C CB  . TYR A 1 93  ? 0.219   11.992  6.056   1.00 45.81 ? 446 TYR A CB  1 
ATOM   729  C CG  . TYR A 1 93  ? -0.788  12.182  7.193   1.00 45.37 ? 446 TYR A CG  1 
ATOM   730  C CD1 . TYR A 1 93  ? -0.460  11.917  8.515   1.00 45.11 ? 446 TYR A CD1 1 
ATOM   731  C CD2 . TYR A 1 93  ? -2.096  12.575  6.918   1.00 46.21 ? 446 TYR A CD2 1 
ATOM   732  C CE1 . TYR A 1 93  ? -1.395  12.071  9.541   1.00 45.51 ? 446 TYR A CE1 1 
ATOM   733  C CE2 . TYR A 1 93  ? -3.039  12.724  7.928   1.00 45.93 ? 446 TYR A CE2 1 
ATOM   734  C CZ  . TYR A 1 93  ? -2.679  12.475  9.245   1.00 46.38 ? 446 TYR A CZ  1 
ATOM   735  O OH  . TYR A 1 93  ? -3.608  12.625  10.258  1.00 46.37 ? 446 TYR A OH  1 
ATOM   736  N N   . ASP A 1 94  ? 2.614   11.869  4.094   1.00 45.62 ? 447 ASP A N   1 
ATOM   737  C CA  . ASP A 1 94  ? 3.259   11.027  3.068   1.00 45.54 ? 447 ASP A CA  1 
ATOM   738  C C   . ASP A 1 94  ? 4.785   10.985  3.246   1.00 45.74 ? 447 ASP A C   1 
ATOM   739  O O   . ASP A 1 94  ? 5.428   9.987   2.933   1.00 45.40 ? 447 ASP A O   1 
ATOM   740  C CB  . ASP A 1 94  ? 2.930   11.533  1.651   1.00 45.26 ? 447 ASP A CB  1 
ATOM   741  C CG  . ASP A 1 94  ? 1.480   11.268  1.226   1.00 45.16 ? 447 ASP A CG  1 
ATOM   742  O OD1 . ASP A 1 94  ? 0.849   10.313  1.706   1.00 43.36 ? 447 ASP A OD1 1 
ATOM   743  O OD2 . ASP A 1 94  ? 0.887   11.972  0.382   1.00 45.82 ? 447 ASP A OD2 1 
ATOM   744  N N   . SER A 1 95  ? 5.354   12.074  3.754   1.00 46.28 ? 448 SER A N   1 
ATOM   745  C CA  . SER A 1 95  ? 6.805   12.180  3.964   1.00 46.89 ? 448 SER A CA  1 
ATOM   746  C C   . SER A 1 95  ? 7.312   11.403  5.188   1.00 47.04 ? 448 SER A C   1 
ATOM   747  O O   . SER A 1 95  ? 8.519   11.237  5.342   1.00 47.56 ? 448 SER A O   1 
ATOM   748  C CB  . SER A 1 95  ? 7.219   13.646  4.107   1.00 46.86 ? 448 SER A CB  1 
ATOM   749  O OG  . SER A 1 95  ? 6.541   14.260  5.190   1.00 47.62 ? 448 SER A OG  1 
ATOM   750  N N   . GLN A 1 96  ? 6.386   10.939  6.035   1.00 47.09 ? 449 GLN A N   1 
ATOM   751  C CA  . GLN A 1 96  ? 6.688   10.208  7.267   1.00 46.88 ? 449 GLN A CA  1 
ATOM   752  C C   . GLN A 1 96  ? 5.975   8.867   7.343   1.00 46.16 ? 449 GLN A C   1 
ATOM   753  O O   . GLN A 1 96  ? 5.679   8.393   8.437   1.00 46.47 ? 449 GLN A O   1 
ATOM   754  C CB  . GLN A 1 96  ? 6.223   11.011  8.484   1.00 47.25 ? 449 GLN A CB  1 
ATOM   755  C CG  . GLN A 1 96  ? 6.716   12.411  8.553   1.00 48.38 ? 449 GLN A CG  1 
ATOM   756  C CD  . GLN A 1 96  ? 8.130   12.444  8.993   1.00 50.04 ? 449 GLN A CD  1 
ATOM   757  O OE1 . GLN A 1 96  ? 8.407   12.629  10.180  1.00 50.03 ? 449 GLN A OE1 1 
ATOM   758  N NE2 . GLN A 1 96  ? 9.050   12.222  8.048   1.00 50.36 ? 449 GLN A NE2 1 
ATOM   759  N N   . SER A 1 97  ? 5.678   8.257   6.202   1.00 45.46 ? 450 SER A N   1 
ATOM   760  C CA  . SER A 1 97  ? 5.000   6.963   6.201   1.00 44.59 ? 450 SER A CA  1 
ATOM   761  C C   . SER A 1 97  ? 5.330   6.118   4.991   1.00 44.16 ? 450 SER A C   1 
ATOM   762  O O   . SER A 1 97  ? 5.973   6.585   4.047   1.00 44.40 ? 450 SER A O   1 
ATOM   763  C CB  . SER A 1 97  ? 3.480   7.154   6.273   1.00 44.48 ? 450 SER A CB  1 
ATOM   764  O OG  . SER A 1 97  ? 3.014   7.947   5.196   1.00 44.02 ? 450 SER A OG  1 
ATOM   765  N N   . LEU A 1 98  ? 4.901   4.859   5.069   1.00 43.50 ? 451 LEU A N   1 
ATOM   766  C CA  . LEU A 1 98  ? 4.795   3.945   3.939   1.00 42.91 ? 451 LEU A CA  1 
ATOM   767  C C   . LEU A 1 98  ? 3.338   3.519   3.796   1.00 42.47 ? 451 LEU A C   1 
ATOM   768  O O   . LEU A 1 98  ? 2.631   3.412   4.795   1.00 42.25 ? 451 LEU A O   1 
ATOM   769  C CB  . LEU A 1 98  ? 5.661   2.701   4.165   1.00 42.80 ? 451 LEU A CB  1 
ATOM   770  C CG  . LEU A 1 98  ? 7.165   2.883   3.945   1.00 42.63 ? 451 LEU A CG  1 
ATOM   771  C CD1 . LEU A 1 98  ? 7.968   1.671   4.478   1.00 42.73 ? 451 LEU A CD1 1 
ATOM   772  C CD2 . LEU A 1 98  ? 7.467   3.131   2.482   1.00 42.56 ? 451 LEU A CD2 1 
ATOM   773  N N   . SER A 1 99  ? 2.898   3.274   2.558   1.00 42.00 ? 452 SER A N   1 
ATOM   774  C CA  . SER A 1 99  ? 1.559   2.762   2.292   1.00 42.12 ? 452 SER A CA  1 
ATOM   775  C C   . SER A 1 99  ? 1.598   1.312   1.814   1.00 42.50 ? 452 SER A C   1 
ATOM   776  O O   . SER A 1 99  ? 2.328   0.974   0.882   1.00 42.28 ? 452 SER A O   1 
ATOM   777  C CB  . SER A 1 99  ? 0.791   3.624   1.281   1.00 42.06 ? 452 SER A CB  1 
ATOM   778  O OG  . SER A 1 99  ? 1.539   3.950   0.122   1.00 42.30 ? 452 SER A OG  1 
ATOM   779  N N   . PHE A 1 100 ? 0.831   0.464   2.504   1.00 42.72 ? 453 PHE A N   1 
ATOM   780  C CA  . PHE A 1 100 ? 0.477   -0.876  2.042   1.00 42.92 ? 453 PHE A CA  1 
ATOM   781  C C   . PHE A 1 100 ? -0.953  -0.790  1.501   1.00 43.31 ? 453 PHE A C   1 
ATOM   782  O O   . PHE A 1 100 ? -1.901  -0.637  2.267   1.00 43.29 ? 453 PHE A O   1 
ATOM   783  C CB  . PHE A 1 100 ? 0.486   -1.877  3.205   1.00 42.92 ? 453 PHE A CB  1 
ATOM   784  C CG  . PHE A 1 100 ? 1.861   -2.211  3.774   1.00 43.13 ? 453 PHE A CG  1 
ATOM   785  C CD1 . PHE A 1 100 ? 3.019   -1.588  3.346   1.00 42.83 ? 453 PHE A CD1 1 
ATOM   786  C CD2 . PHE A 1 100 ? 1.963   -3.170  4.777   1.00 44.54 ? 453 PHE A CD2 1 
ATOM   787  C CE1 . PHE A 1 100 ? 4.241   -1.910  3.889   1.00 43.23 ? 453 PHE A CE1 1 
ATOM   788  C CE2 . PHE A 1 100 ? 3.185   -3.503  5.325   1.00 44.92 ? 453 PHE A CE2 1 
ATOM   789  C CZ  . PHE A 1 100 ? 4.330   -2.870  4.879   1.00 44.67 ? 453 PHE A CZ  1 
ATOM   790  N N   . ALA A 1 101 ? -1.126  -0.892  0.190   1.00 43.95 ? 454 ALA A N   1 
ATOM   791  C CA  . ALA A 1 101 ? -2.466  -0.779  -0.411  1.00 44.29 ? 454 ALA A CA  1 
ATOM   792  C C   . ALA A 1 101 ? -3.010  -2.157  -0.712  1.00 44.34 ? 454 ALA A C   1 
ATOM   793  O O   . ALA A 1 101 ? -2.330  -2.962  -1.307  1.00 44.90 ? 454 ALA A O   1 
ATOM   794  C CB  . ALA A 1 101 ? -2.412  0.047   -1.675  1.00 44.18 ? 454 ALA A CB  1 
ATOM   795  N N   . TYR A 1 102 ? -4.242  -2.431  -0.317  1.00 44.87 ? 455 TYR A N   1 
ATOM   796  C CA  . TYR A 1 102 ? -4.801  -3.774  -0.477  1.00 45.40 ? 455 TYR A CA  1 
ATOM   797  C C   . TYR A 1 102 ? -5.682  -3.805  -1.714  1.00 45.93 ? 455 TYR A C   1 
ATOM   798  O O   . TYR A 1 102 ? -6.667  -3.072  -1.795  1.00 45.52 ? 455 TYR A O   1 
ATOM   799  C CB  . TYR A 1 102 ? -5.540  -4.214  0.800   1.00 45.12 ? 455 TYR A CB  1 
ATOM   800  C CG  . TYR A 1 102 ? -4.552  -4.431  1.927   1.00 45.05 ? 455 TYR A CG  1 
ATOM   801  C CD1 . TYR A 1 102 ? -4.117  -5.712  2.272   1.00 45.27 ? 455 TYR A CD1 1 
ATOM   802  C CD2 . TYR A 1 102 ? -3.988  -3.348  2.590   1.00 44.18 ? 455 TYR A CD2 1 
ATOM   803  C CE1 . TYR A 1 102 ? -3.176  -5.903  3.281   1.00 45.05 ? 455 TYR A CE1 1 
ATOM   804  C CE2 . TYR A 1 102 ? -3.050  -3.527  3.594   1.00 45.04 ? 455 TYR A CE2 1 
ATOM   805  C CZ  . TYR A 1 102 ? -2.648  -4.803  3.937   1.00 44.85 ? 455 TYR A CZ  1 
ATOM   806  O OH  . TYR A 1 102 ? -1.710  -4.964  4.924   1.00 44.27 ? 455 TYR A OH  1 
ATOM   807  N N   . ILE A 1 103 ? -5.288  -4.645  -2.675  1.00 46.82 ? 456 ILE A N   1 
ATOM   808  C CA  . ILE A 1 103 ? -5.977  -4.775  -3.953  1.00 47.77 ? 456 ILE A CA  1 
ATOM   809  C C   . ILE A 1 103 ? -7.361  -5.345  -3.699  1.00 49.12 ? 456 ILE A C   1 
ATOM   810  O O   . ILE A 1 103 ? -7.520  -6.531  -3.415  1.00 49.57 ? 456 ILE A O   1 
ATOM   811  C CB  . ILE A 1 103 ? -5.183  -5.672  -4.965  1.00 47.58 ? 456 ILE A CB  1 
ATOM   812  C CG1 . ILE A 1 103 ? -3.754  -5.159  -5.150  1.00 46.27 ? 456 ILE A CG1 1 
ATOM   813  C CG2 . ILE A 1 103 ? -5.887  -5.692  -6.340  1.00 48.01 ? 456 ILE A CG2 1 
ATOM   814  C CD1 . ILE A 1 103 ? -2.896  -5.996  -6.085  1.00 46.70 ? 456 ILE A CD1 1 
ATOM   815  N N   . GLY A 1 104 ? -8.352  -4.469  -3.754  1.00 50.81 ? 457 GLY A N   1 
ATOM   816  C CA  . GLY A 1 104 ? -9.733  -4.845  -3.561  1.00 52.03 ? 457 GLY A CA  1 
ATOM   817  C C   . GLY A 1 104 ? -10.540 -3.750  -2.890  1.00 53.56 ? 457 GLY A C   1 
ATOM   818  O O   . GLY A 1 104 ? -10.037 -2.687  -2.563  1.00 53.56 ? 457 GLY A O   1 
ATOM   819  N N   . SER A 1 105 ? -11.819 -4.031  -2.714  1.00 55.91 ? 458 SER A N   1 
ATOM   820  C CA  . SER A 1 105 ? -12.733 -3.187  -1.967  1.00 57.82 ? 458 SER A CA  1 
ATOM   821  C C   . SER A 1 105 ? -13.047 -3.964  -0.705  1.00 59.26 ? 458 SER A C   1 
ATOM   822  O O   . SER A 1 105 ? -13.397 -5.149  -0.793  1.00 60.16 ? 458 SER A O   1 
ATOM   823  C CB  . SER A 1 105 ? -14.009 -2.971  -2.770  1.00 57.92 ? 458 SER A CB  1 
ATOM   824  O OG  . SER A 1 105 ? -14.765 -1.917  -2.218  1.00 59.01 ? 458 SER A OG  1 
ATOM   825  N N   . PHE A 1 106 ? -12.905 -3.337  0.457   1.00 60.60 ? 459 PHE A N   1 
ATOM   826  C CA  . PHE A 1 106 ? -13.056 -4.059  1.719   1.00 61.60 ? 459 PHE A CA  1 
ATOM   827  C C   . PHE A 1 106 ? -13.929 -3.319  2.728   1.00 63.24 ? 459 PHE A C   1 
ATOM   828  O O   . PHE A 1 106 ? -13.584 -3.223  3.900   1.00 63.10 ? 459 PHE A O   1 
ATOM   829  C CB  . PHE A 1 106 ? -11.680 -4.342  2.318   1.00 61.34 ? 459 PHE A CB  1 
ATOM   830  C CG  . PHE A 1 106 ? -10.739 -5.028  1.373   1.00 60.31 ? 459 PHE A CG  1 
ATOM   831  C CD1 . PHE A 1 106 ? -10.804 -6.403  1.187   1.00 59.71 ? 459 PHE A CD1 1 
ATOM   832  C CD2 . PHE A 1 106 ? -9.794  -4.300  0.663   1.00 58.47 ? 459 PHE A CD2 1 
ATOM   833  C CE1 . PHE A 1 106 ? -9.936  -7.039  0.312   1.00 58.86 ? 459 PHE A CE1 1 
ATOM   834  C CE2 . PHE A 1 106 ? -8.926  -4.933  -0.209  1.00 57.46 ? 459 PHE A CE2 1 
ATOM   835  C CZ  . PHE A 1 106 ? -8.997  -6.299  -0.386  1.00 58.10 ? 459 PHE A CZ  1 
ATOM   836  N N   . LYS A 1 107 ? -15.062 -2.799  2.267   1.00 65.33 ? 460 LYS A N   1 
ATOM   837  C CA  . LYS A 1 107 ? -16.077 -2.256  3.165   1.00 67.04 ? 460 LYS A CA  1 
ATOM   838  C C   . LYS A 1 107 ? -16.780 -3.397  3.899   1.00 67.97 ? 460 LYS A C   1 
ATOM   839  O O   . LYS A 1 107 ? -16.947 -3.346  5.119   1.00 68.52 ? 460 LYS A O   1 
ATOM   840  C CB  . LYS A 1 107 ? -17.075 -1.375  2.402   1.00 67.44 ? 460 LYS A CB  1 
ATOM   841  C CG  . LYS A 1 107 ? -16.533 0.024   2.074   1.00 68.91 ? 460 LYS A CG  1 
ATOM   842  C CD  . LYS A 1 107 ? -17.250 0.671   0.884   1.00 71.51 ? 460 LYS A CD  1 
ATOM   843  C CE  . LYS A 1 107 ? -18.630 1.205   1.285   1.00 73.19 ? 460 LYS A CE  1 
ATOM   844  N NZ  . LYS A 1 107 ? -19.459 1.633   0.115   1.00 74.11 ? 460 LYS A NZ  1 
ATOM   845  N N   . THR A 1 108 ? -17.151 -4.427  3.136   1.00 68.95 ? 461 THR A N   1 
ATOM   846  C CA  . THR A 1 108 ? -17.865 -5.616  3.614   1.00 69.68 ? 461 THR A CA  1 
ATOM   847  C C   . THR A 1 108 ? -16.972 -6.851  3.613   1.00 70.05 ? 461 THR A C   1 
ATOM   848  O O   . THR A 1 108 ? -16.840 -7.531  4.627   1.00 69.99 ? 461 THR A O   1 
ATOM   849  C CB  . THR A 1 108 ? -19.069 -5.894  2.673   1.00 69.85 ? 461 THR A CB  1 
ATOM   850  O OG1 . THR A 1 108 ? -20.050 -4.862  2.814   1.00 69.95 ? 461 THR A OG1 1 
ATOM   851  C CG2 . THR A 1 108 ? -19.813 -7.186  3.038   1.00 70.40 ? 461 THR A CG2 1 
ATOM   852  N N   . ILE A 1 109 ? -16.384 -7.154  2.457   1.00 70.67 ? 462 ILE A N   1 
ATOM   853  C CA  . ILE A 1 109 ? -15.602 -8.372  2.289   1.00 71.12 ? 462 ILE A CA  1 
ATOM   854  C C   . ILE A 1 109 ? -14.273 -8.220  2.999   1.00 71.13 ? 462 ILE A C   1 
ATOM   855  O O   . ILE A 1 109 ? -13.741 -7.113  3.128   1.00 70.97 ? 462 ILE A O   1 
ATOM   856  C CB  . ILE A 1 109 ? -15.395 -8.754  0.776   1.00 71.53 ? 462 ILE A CB  1 
ATOM   857  C CG1 . ILE A 1 109 ? -14.194 -8.014  0.171   1.00 72.49 ? 462 ILE A CG1 1 
ATOM   858  C CG2 . ILE A 1 109 ? -16.687 -8.517  -0.040  1.00 71.73 ? 462 ILE A CG2 1 
ATOM   859  C CD1 . ILE A 1 109 ? -13.989 -8.227  -1.336  1.00 73.56 ? 462 ILE A CD1 1 
ATOM   860  N N   . GLN A 1 110 ? -13.746 -9.348  3.455   1.00 71.23 ? 463 GLN A N   1 
ATOM   861  C CA  . GLN A 1 110 ? -12.501 -9.375  4.202   1.00 71.39 ? 463 GLN A CA  1 
ATOM   862  C C   . GLN A 1 110 ? -11.321 -9.604  3.270   1.00 70.76 ? 463 GLN A C   1 
ATOM   863  O O   . GLN A 1 110 ? -11.472 -10.217 2.215   1.00 70.71 ? 463 GLN A O   1 
ATOM   864  C CB  . GLN A 1 110 ? -12.526 -10.509 5.222   1.00 71.80 ? 463 GLN A CB  1 
ATOM   865  C CG  . GLN A 1 110 ? -13.362 -10.244 6.452   1.00 73.74 ? 463 GLN A CG  1 
ATOM   866  C CD  . GLN A 1 110 ? -12.793 -10.946 7.666   1.00 76.50 ? 463 GLN A CD  1 
ATOM   867  O OE1 . GLN A 1 110 ? -11.750 -10.537 8.199   1.00 77.32 ? 463 GLN A OE1 1 
ATOM   868  N NE2 . GLN A 1 110 ? -13.451 -12.024 8.090   1.00 77.26 ? 463 GLN A NE2 1 
ATOM   869  N N   . PRO A 1 111 ? -10.141 -9.129  3.657   1.00 70.03 ? 464 PRO A N   1 
ATOM   870  C CA  . PRO A 1 111 ? -8.918  -9.568  2.991   1.00 69.68 ? 464 PRO A CA  1 
ATOM   871  C C   . PRO A 1 111 ? -8.714  -11.060 3.240   1.00 69.22 ? 464 PRO A C   1 
ATOM   872  O O   . PRO A 1 111 ? -9.166  -11.577 4.265   1.00 69.08 ? 464 PRO A O   1 
ATOM   873  C CB  . PRO A 1 111 ? -7.822  -8.730  3.667   1.00 69.68 ? 464 PRO A CB  1 
ATOM   874  C CG  . PRO A 1 111 ? -8.394  -8.323  4.967   1.00 69.83 ? 464 PRO A CG  1 
ATOM   875  C CD  . PRO A 1 111 ? -9.861  -8.152  4.721   1.00 70.08 ? 464 PRO A CD  1 
ATOM   876  N N   . SER A 1 112 ? -8.060  -11.738 2.306   1.00 68.64 ? 465 SER A N   1 
ATOM   877  C CA  . SER A 1 112 ? -7.822  -13.170 2.427   1.00 68.41 ? 465 SER A CA  1 
ATOM   878  C C   . SER A 1 112 ? -6.794  -13.477 3.528   1.00 68.11 ? 465 SER A C   1 
ATOM   879  O O   . SER A 1 112 ? -6.091  -12.585 4.002   1.00 68.32 ? 465 SER A O   1 
ATOM   880  C CB  . SER A 1 112 ? -7.360  -13.737 1.083   1.00 68.42 ? 465 SER A CB  1 
ATOM   881  O OG  . SER A 1 112 ? -6.071  -13.263 0.737   1.00 67.96 ? 465 SER A OG  1 
ATOM   882  N N   . ALA A 1 113 ? -6.729  -14.740 3.940   1.00 67.60 ? 466 ALA A N   1 
ATOM   883  C CA  . ALA A 1 113 ? -5.738  -15.196 4.917   1.00 67.15 ? 466 ALA A CA  1 
ATOM   884  C C   . ALA A 1 113 ? -4.321  -14.854 4.472   1.00 66.48 ? 466 ALA A C   1 
ATOM   885  O O   . ALA A 1 113 ? -3.493  -14.456 5.283   1.00 66.36 ? 466 ALA A O   1 
ATOM   886  C CB  . ALA A 1 113 ? -5.863  -16.704 5.148   1.00 67.11 ? 466 ALA A CB  1 
ATOM   887  N N   . LYS A 1 114 ? -4.058  -15.017 3.180   1.00 65.90 ? 467 LYS A N   1 
ATOM   888  C CA  . LYS A 1 114 ? -2.752  -14.703 2.606   1.00 65.47 ? 467 LYS A CA  1 
ATOM   889  C C   . LYS A 1 114 ? -2.441  -13.210 2.611   1.00 64.26 ? 467 LYS A C   1 
ATOM   890  O O   . LYS A 1 114 ? -1.292  -12.823 2.788   1.00 63.98 ? 467 LYS A O   1 
ATOM   891  C CB  . LYS A 1 114 ? -2.661  -15.232 1.178   1.00 65.79 ? 467 LYS A CB  1 
ATOM   892  C CG  . LYS A 1 114 ? -2.639  -16.747 1.080   1.00 67.91 ? 467 LYS A CG  1 
ATOM   893  C CD  . LYS A 1 114 ? -1.422  -17.247 0.296   1.00 70.38 ? 467 LYS A CD  1 
ATOM   894  C CE  . LYS A 1 114 ? -1.576  -18.715 -0.110  1.00 71.79 ? 467 LYS A CE  1 
ATOM   895  N NZ  . LYS A 1 114 ? -2.789  -18.933 -0.961  1.00 72.38 ? 467 LYS A NZ  1 
ATOM   896  N N   . GLN A 1 115 ? -3.453  -12.370 2.409   1.00 63.19 ? 468 GLN A N   1 
ATOM   897  C CA  . GLN A 1 115 ? -3.239  -10.922 2.460   1.00 62.58 ? 468 GLN A CA  1 
ATOM   898  C C   . GLN A 1 115 ? -2.735  -10.497 3.833   1.00 62.02 ? 468 GLN A C   1 
ATOM   899  O O   . GLN A 1 115 ? -1.814  -9.691  3.935   1.00 61.69 ? 468 GLN A O   1 
ATOM   900  C CB  . GLN A 1 115 ? -4.506  -10.145 2.077   1.00 62.47 ? 468 GLN A CB  1 
ATOM   901  C CG  . GLN A 1 115 ? -4.658  -9.982  0.582   1.00 61.89 ? 468 GLN A CG  1 
ATOM   902  C CD  . GLN A 1 115 ? -5.747  -9.023  0.187   1.00 60.82 ? 468 GLN A CD  1 
ATOM   903  O OE1 . GLN A 1 115 ? -6.893  -9.224  0.542   1.00 60.84 ? 468 GLN A OE1 1 
ATOM   904  N NE2 . GLN A 1 115 ? -5.396  -7.985  -0.563  1.00 60.77 ? 468 GLN A NE2 1 
ATOM   905  N N   . LEU A 1 116 ? -3.321  -11.078 4.876   1.00 61.55 ? 469 LEU A N   1 
ATOM   906  C CA  . LEU A 1 116 ? -2.948  -10.773 6.254   1.00 61.23 ? 469 LEU A CA  1 
ATOM   907  C C   . LEU A 1 116 ? -1.572  -11.321 6.611   1.00 60.54 ? 469 LEU A C   1 
ATOM   908  O O   . LEU A 1 116 ? -0.770  -10.617 7.217   1.00 60.82 ? 469 LEU A O   1 
ATOM   909  C CB  . LEU A 1 116 ? -3.998  -11.319 7.228   1.00 61.41 ? 469 LEU A CB  1 
ATOM   910  C CG  . LEU A 1 116 ? -5.434  -10.828 6.994   1.00 62.44 ? 469 LEU A CG  1 
ATOM   911  C CD1 . LEU A 1 116 ? -6.396  -11.465 7.990   1.00 63.22 ? 469 LEU A CD1 1 
ATOM   912  C CD2 . LEU A 1 116 ? -5.521  -9.307  7.057   1.00 62.26 ? 469 LEU A CD2 1 
ATOM   913  N N   . SER A 1 117 ? -1.293  -12.562 6.221   1.00 59.62 ? 470 SER A N   1 
ATOM   914  C CA  . SER A 1 117 ? -0.020  -13.222 6.546   1.00 59.18 ? 470 SER A CA  1 
ATOM   915  C C   . SER A 1 117 ? 1.185   -12.487 6.003   1.00 58.43 ? 470 SER A C   1 
ATOM   916  O O   . SER A 1 117 ? 2.165   -12.284 6.712   1.00 58.15 ? 470 SER A O   1 
ATOM   917  C CB  . SER A 1 117 ? 0.019   -14.642 5.982   1.00 59.19 ? 470 SER A CB  1 
ATOM   918  O OG  . SER A 1 117 ? -0.904  -15.456 6.664   1.00 60.10 ? 470 SER A OG  1 
ATOM   919  N N   . VAL A 1 118 ? 1.121   -12.117 4.731   1.00 57.82 ? 471 VAL A N   1 
ATOM   920  C CA  . VAL A 1 118 ? 2.248   -11.456 4.086   1.00 57.31 ? 471 VAL A CA  1 
ATOM   921  C C   . VAL A 1 118 ? 2.404   -10.015 4.577   1.00 56.66 ? 471 VAL A C   1 
ATOM   922  O O   . VAL A 1 118 ? 3.482   -9.453  4.494   1.00 56.48 ? 471 VAL A O   1 
ATOM   923  C CB  . VAL A 1 118 ? 2.157   -11.557 2.542   1.00 57.31 ? 471 VAL A CB  1 
ATOM   924  C CG1 . VAL A 1 118 ? 1.158   -10.541 1.959   1.00 57.77 ? 471 VAL A CG1 1 
ATOM   925  C CG2 . VAL A 1 118 ? 3.534   -11.415 1.923   1.00 57.22 ? 471 VAL A CG2 1 
ATOM   926  N N   . THR A 1 119 ? 1.345   -9.428  5.122   1.00 56.15 ? 472 THR A N   1 
ATOM   927  C CA  . THR A 1 119 ? 1.478   -8.119  5.748   1.00 56.01 ? 472 THR A CA  1 
ATOM   928  C C   . THR A 1 119 ? 2.511   -8.201  6.879   1.00 56.43 ? 472 THR A C   1 
ATOM   929  O O   . THR A 1 119 ? 3.402   -7.352  6.957   1.00 56.07 ? 472 THR A O   1 
ATOM   930  C CB  . THR A 1 119 ? 0.123   -7.596  6.266   1.00 55.84 ? 472 THR A CB  1 
ATOM   931  O OG1 . THR A 1 119 ? -0.764  -7.338  5.167   1.00 54.71 ? 472 THR A OG1 1 
ATOM   932  C CG2 . THR A 1 119 ? 0.280   -6.239  6.942   1.00 55.50 ? 472 THR A CG2 1 
ATOM   933  N N   . ARG A 1 120 ? 2.387   -9.230  7.729   1.00 56.84 ? 473 ARG A N   1 
ATOM   934  C CA  . ARG A 1 120 ? 3.330   -9.487  8.834   1.00 56.92 ? 473 ARG A CA  1 
ATOM   935  C C   . ARG A 1 120 ? 4.739   -9.702  8.318   1.00 56.13 ? 473 ARG A C   1 
ATOM   936  O O   . ARG A 1 120 ? 5.680   -9.096  8.824   1.00 56.55 ? 473 ARG A O   1 
ATOM   937  C CB  . ARG A 1 120 ? 2.935   -10.726 9.653   1.00 57.52 ? 473 ARG A CB  1 
ATOM   938  C CG  . ARG A 1 120 ? 1.703   -10.583 10.535  1.00 59.92 ? 473 ARG A CG  1 
ATOM   939  C CD  . ARG A 1 120 ? 1.389   -11.853 11.353  1.00 63.46 ? 473 ARG A CD  1 
ATOM   940  N NE  . ARG A 1 120 ? 0.353   -11.658 12.376  1.00 65.66 ? 473 ARG A NE  1 
ATOM   941  C CZ  . ARG A 1 120 ? 0.516   -10.980 13.517  1.00 68.29 ? 473 ARG A CZ  1 
ATOM   942  N NH1 . ARG A 1 120 ? 1.682   -10.401 13.813  1.00 68.41 ? 473 ARG A NH1 1 
ATOM   943  N NH2 . ARG A 1 120 ? -0.502  -10.874 14.372  1.00 69.81 ? 473 ARG A NH2 1 
ATOM   944  N N   . LEU A 1 121 ? 4.893   -10.568 7.321   1.00 55.23 ? 474 LEU A N   1 
ATOM   945  C CA  . LEU A 1 121 ? 6.211   -10.800 6.724   1.00 54.74 ? 474 LEU A CA  1 
ATOM   946  C C   . LEU A 1 121 ? 6.808   -9.508  6.156   1.00 54.03 ? 474 LEU A C   1 
ATOM   947  O O   . LEU A 1 121 ? 8.005   -9.275  6.289   1.00 54.13 ? 474 LEU A O   1 
ATOM   948  C CB  . LEU A 1 121 ? 6.147   -11.867 5.623   1.00 54.82 ? 474 LEU A CB  1 
ATOM   949  C CG  . LEU A 1 121 ? 5.756   -13.302 6.000   1.00 55.50 ? 474 LEU A CG  1 
ATOM   950  C CD1 . LEU A 1 121 ? 5.930   -14.224 4.784   1.00 55.49 ? 474 LEU A CD1 1 
ATOM   951  C CD2 . LEU A 1 121 ? 6.555   -13.833 7.192   1.00 55.37 ? 474 LEU A CD2 1 
ATOM   952  N N   . LEU A 1 122 ? 5.967   -8.673  5.552   1.00 53.31 ? 475 LEU A N   1 
ATOM   953  C CA  . LEU A 1 122 ? 6.396   -7.414  4.947   1.00 52.92 ? 475 LEU A CA  1 
ATOM   954  C C   . LEU A 1 122 ? 6.832   -6.378  5.979   1.00 53.21 ? 475 LEU A C   1 
ATOM   955  O O   . LEU A 1 122 ? 7.857   -5.729  5.804   1.00 52.64 ? 475 LEU A O   1 
ATOM   956  C CB  . LEU A 1 122 ? 5.274   -6.830  4.081   1.00 52.57 ? 475 LEU A CB  1 
ATOM   957  C CG  . LEU A 1 122 ? 5.636   -5.627  3.208   1.00 51.45 ? 475 LEU A CG  1 
ATOM   958  C CD1 . LEU A 1 122 ? 6.838   -5.921  2.343   1.00 50.06 ? 475 LEU A CD1 1 
ATOM   959  C CD2 . LEU A 1 122 ? 4.437   -5.205  2.351   1.00 51.66 ? 475 LEU A CD2 1 
ATOM   960  N N   . LEU A 1 123 ? 6.049   -6.212  7.040   1.00 54.00 ? 476 LEU A N   1 
ATOM   961  C CA  . LEU A 1 123 ? 6.431   -5.319  8.132   1.00 54.59 ? 476 LEU A CA  1 
ATOM   962  C C   . LEU A 1 123 ? 7.779   -5.762  8.723   1.00 55.89 ? 476 LEU A C   1 
ATOM   963  O O   . LEU A 1 123 ? 8.677   -4.943  8.898   1.00 55.41 ? 476 LEU A O   1 
ATOM   964  C CB  . LEU A 1 123 ? 5.352   -5.290  9.212   1.00 54.25 ? 476 LEU A CB  1 
ATOM   965  C CG  . LEU A 1 123 ? 4.048   -4.606  8.804   1.00 52.79 ? 476 LEU A CG  1 
ATOM   966  C CD1 . LEU A 1 123 ? 2.904   -5.039  9.715   1.00 52.32 ? 476 LEU A CD1 1 
ATOM   967  C CD2 . LEU A 1 123 ? 4.186   -3.092  8.811   1.00 51.73 ? 476 LEU A CD2 1 
ATOM   968  N N   . GLU A 1 124 ? 7.915   -7.061  8.989   1.00 57.68 ? 477 GLU A N   1 
ATOM   969  C CA  . GLU A 1 124 ? 9.174   -7.647  9.485   1.00 59.28 ? 477 GLU A CA  1 
ATOM   970  C C   . GLU A 1 124 ? 10.358  -7.367  8.559   1.00 60.11 ? 477 GLU A C   1 
ATOM   971  O O   . GLU A 1 124 ? 11.423  -6.959  9.021   1.00 60.19 ? 477 GLU A O   1 
ATOM   972  C CB  . GLU A 1 124 ? 9.043   -9.165  9.658   1.00 59.60 ? 477 GLU A CB  1 
ATOM   973  C CG  . GLU A 1 124 ? 8.311   -9.612  10.912  1.00 61.06 ? 477 GLU A CG  1 
ATOM   974  C CD  . GLU A 1 124 ? 7.864   -11.069 10.842  1.00 63.74 ? 477 GLU A CD  1 
ATOM   975  O OE1 . GLU A 1 124 ? 8.510   -11.866 10.119  1.00 65.61 ? 477 GLU A OE1 1 
ATOM   976  O OE2 . GLU A 1 124 ? 6.862   -11.423 11.509  1.00 64.98 ? 477 GLU A OE2 1 
ATOM   977  N N   . ARG A 1 125 ? 10.168  -7.578  7.258   1.00 61.10 ? 478 ARG A N   1 
ATOM   978  C CA  . ARG A 1 125 ? 11.221  -7.337  6.264   1.00 62.07 ? 478 ARG A CA  1 
ATOM   979  C C   . ARG A 1 125 ? 11.627  -5.860  6.225   1.00 62.00 ? 478 ARG A C   1 
ATOM   980  O O   . ARG A 1 125 ? 12.780  -5.541  5.937   1.00 62.06 ? 478 ARG A O   1 
ATOM   981  C CB  . ARG A 1 125 ? 10.766  -7.809  4.874   1.00 62.46 ? 478 ARG A CB  1 
ATOM   982  C CG  . ARG A 1 125 ? 11.741  -7.531  3.706   1.00 65.74 ? 478 ARG A CG  1 
ATOM   983  C CD  . ARG A 1 125 ? 13.058  -8.333  3.730   1.00 70.00 ? 478 ARG A CD  1 
ATOM   984  N NE  . ARG A 1 125 ? 12.907  -9.673  3.145   1.00 73.28 ? 478 ARG A NE  1 
ATOM   985  C CZ  . ARG A 1 125 ? 12.899  -10.831 3.827   1.00 75.93 ? 478 ARG A CZ  1 
ATOM   986  N NH1 . ARG A 1 125 ? 13.042  -10.865 5.152   1.00 77.11 ? 478 ARG A NH1 1 
ATOM   987  N NH2 . ARG A 1 125 ? 12.744  -11.975 3.169   1.00 76.66 ? 478 ARG A NH2 1 
ATOM   988  N N   . GLY A 1 126 ? 10.680  -4.969  6.513   1.00 61.95 ? 479 GLY A N   1 
ATOM   989  C CA  . GLY A 1 126 ? 10.942  -3.545  6.527   1.00 62.24 ? 479 GLY A CA  1 
ATOM   990  C C   . GLY A 1 126 ? 11.746  -3.099  7.735   1.00 62.64 ? 479 GLY A C   1 
ATOM   991  O O   . GLY A 1 126 ? 12.571  -2.198  7.633   1.00 62.15 ? 479 GLY A O   1 
ATOM   992  N N   . VAL A 1 127 ? 11.505  -3.729  8.883   1.00 63.35 ? 480 VAL A N   1 
ATOM   993  C CA  . VAL A 1 127 ? 12.286  -3.462  10.088  1.00 63.84 ? 480 VAL A CA  1 
ATOM   994  C C   . VAL A 1 127 ? 13.726  -3.990  9.927   1.00 64.05 ? 480 VAL A C   1 
ATOM   995  O O   . VAL A 1 127 ? 14.680  -3.312  10.309  1.00 64.22 ? 480 VAL A O   1 
ATOM   996  C CB  . VAL A 1 127 ? 11.630  -4.076  11.347  1.00 64.02 ? 480 VAL A CB  1 
ATOM   997  C CG1 . VAL A 1 127 ? 12.532  -3.886  12.570  1.00 64.61 ? 480 VAL A CG1 1 
ATOM   998  C CG2 . VAL A 1 127 ? 10.256  -3.458  11.606  1.00 63.77 ? 480 VAL A CG2 1 
ATOM   999  N N   . LYS A 1 128 ? 13.865  -5.184  9.348   1.00 64.10 ? 481 LYS A N   1 
ATOM   1000 C CA  . LYS A 1 128 ? 15.169  -5.813  9.107   1.00 64.18 ? 481 LYS A CA  1 
ATOM   1001 C C   . LYS A 1 128 ? 16.017  -4.994  8.128   1.00 63.42 ? 481 LYS A C   1 
ATOM   1002 O O   . LYS A 1 128 ? 17.235  -4.914  8.265   1.00 63.15 ? 481 LYS A O   1 
ATOM   1003 C CB  . LYS A 1 128 ? 14.993  -7.239  8.544   1.00 64.70 ? 481 LYS A CB  1 
ATOM   1004 C CG  . LYS A 1 128 ? 14.300  -8.262  9.482   1.00 66.51 ? 481 LYS A CG  1 
ATOM   1005 C CD  . LYS A 1 128 ? 14.188  -9.654  8.809   1.00 69.43 ? 481 LYS A CD  1 
ATOM   1006 C CE  . LYS A 1 128 ? 12.895  -10.406 9.162   1.00 70.68 ? 481 LYS A CE  1 
ATOM   1007 N NZ  . LYS A 1 128 ? 12.802  -10.782 10.608  1.00 71.31 ? 481 LYS A NZ  1 
ATOM   1008 N N   . LEU A 1 129 ? 15.364  -4.390  7.141   1.00 62.76 ? 482 LEU A N   1 
ATOM   1009 C CA  . LEU A 1 129 ? 16.057  -3.591  6.130   1.00 62.13 ? 482 LEU A CA  1 
ATOM   1010 C C   . LEU A 1 129 ? 16.336  -2.162  6.619   1.00 61.46 ? 482 LEU A C   1 
ATOM   1011 O O   . LEU A 1 129 ? 17.118  -1.438  6.002   1.00 61.30 ? 482 LEU A O   1 
ATOM   1012 C CB  . LEU A 1 129 ? 15.248  -3.556  4.820   1.00 62.03 ? 482 LEU A CB  1 
ATOM   1013 C CG  . LEU A 1 129 ? 15.219  -4.812  3.928   1.00 61.71 ? 482 LEU A CG  1 
ATOM   1014 C CD1 . LEU A 1 129 ? 14.505  -4.504  2.601   1.00 61.24 ? 482 LEU A CD1 1 
ATOM   1015 C CD2 . LEU A 1 129 ? 16.610  -5.375  3.661   1.00 60.61 ? 482 LEU A CD2 1 
ATOM   1016 N N   . GLY A 1 130 ? 15.694  -1.766  7.721   1.00 60.74 ? 483 GLY A N   1 
ATOM   1017 C CA  . GLY A 1 130 ? 15.868  -0.436  8.295   1.00 60.06 ? 483 GLY A CA  1 
ATOM   1018 C C   . GLY A 1 130 ? 15.034  0.616   7.584   1.00 59.27 ? 483 GLY A C   1 
ATOM   1019 O O   . GLY A 1 130 ? 15.424  1.779   7.503   1.00 59.61 ? 483 GLY A O   1 
ATOM   1020 N N   . LYS A 1 131 ? 13.896  0.187   7.046   1.00 58.21 ? 484 LYS A N   1 
ATOM   1021 C CA  . LYS A 1 131 ? 12.940  1.059   6.367   1.00 57.18 ? 484 LYS A CA  1 
ATOM   1022 C C   . LYS A 1 131 ? 11.846  1.482   7.334   1.00 56.64 ? 484 LYS A C   1 
ATOM   1023 O O   . LYS A 1 131 ? 11.299  2.571   7.222   1.00 56.43 ? 484 LYS A O   1 
ATOM   1024 C CB  . LYS A 1 131 ? 12.315  0.329   5.165   1.00 56.89 ? 484 LYS A CB  1 
ATOM   1025 C CG  . LYS A 1 131 ? 13.323  -0.357  4.247   1.00 56.05 ? 484 LYS A CG  1 
ATOM   1026 C CD  . LYS A 1 131 ? 14.276  0.656   3.619   1.00 55.74 ? 484 LYS A CD  1 
ATOM   1027 C CE  . LYS A 1 131 ? 15.111  0.042   2.514   1.00 55.35 ? 484 LYS A CE  1 
ATOM   1028 N NZ  . LYS A 1 131 ? 16.163  0.986   2.039   1.00 55.18 ? 484 LYS A NZ  1 
ATOM   1029 N N   . ILE A 1 132 ? 11.520  0.591   8.263   1.00 56.30 ? 485 ILE A N   1 
ATOM   1030 C CA  . ILE A 1 132 ? 10.493  0.822   9.262   1.00 56.29 ? 485 ILE A CA  1 
ATOM   1031 C C   . ILE A 1 132 ? 11.162  0.778   10.638  1.00 57.00 ? 485 ILE A C   1 
ATOM   1032 O O   . ILE A 1 132 ? 11.987  -0.099  10.898  1.00 57.36 ? 485 ILE A O   1 
ATOM   1033 C CB  . ILE A 1 132 ? 9.387   -0.256  9.146   1.00 55.84 ? 485 ILE A CB  1 
ATOM   1034 C CG1 . ILE A 1 132 ? 8.741   -0.217  7.755   1.00 55.18 ? 485 ILE A CG1 1 
ATOM   1035 C CG2 . ILE A 1 132 ? 8.325   -0.070  10.230  1.00 55.21 ? 485 ILE A CG2 1 
ATOM   1036 C CD1 . ILE A 1 132 ? 7.940   -1.458  7.394   1.00 54.30 ? 485 ILE A CD1 1 
ATOM   1037 N N   . ALA A 1 133 ? 10.825  1.735   11.503  1.00 57.54 ? 486 ALA A N   1 
ATOM   1038 C CA  . ALA A 1 133 ? 11.321  1.755   12.877  1.00 57.84 ? 486 ALA A CA  1 
ATOM   1039 C C   . ALA A 1 133 ? 10.672  0.611   13.650  1.00 58.38 ? 486 ALA A C   1 
ATOM   1040 O O   . ALA A 1 133 ? 9.482   0.365   13.480  1.00 58.44 ? 486 ALA A O   1 
ATOM   1041 C CB  . ALA A 1 133 ? 10.985  3.082   13.543  1.00 57.78 ? 486 ALA A CB  1 
ATOM   1042 N N   . PRO A 1 134 ? 11.432  -0.083  14.497  1.00 58.92 ? 487 PRO A N   1 
ATOM   1043 C CA  . PRO A 1 134 ? 10.866  -1.136  15.361  1.00 59.04 ? 487 PRO A CA  1 
ATOM   1044 C C   . PRO A 1 134 ? 9.639   -0.702  16.180  1.00 59.23 ? 487 PRO A C   1 
ATOM   1045 O O   . PRO A 1 134 ? 8.822   -1.556  16.527  1.00 59.02 ? 487 PRO A O   1 
ATOM   1046 C CB  . PRO A 1 134 ? 12.028  -1.483  16.298  1.00 59.08 ? 487 PRO A CB  1 
ATOM   1047 C CG  . PRO A 1 134 ? 13.265  -1.107  15.549  1.00 59.58 ? 487 PRO A CG  1 
ATOM   1048 C CD  . PRO A 1 134 ? 12.889  0.067   14.681  1.00 59.23 ? 487 PRO A CD  1 
ATOM   1049 N N   . SER A 1 135 ? 9.526   0.594   16.476  1.00 59.56 ? 488 SER A N   1 
ATOM   1050 C CA  . SER A 1 135 ? 8.431   1.148   17.274  1.00 59.93 ? 488 SER A CA  1 
ATOM   1051 C C   . SER A 1 135 ? 7.277   1.687   16.431  1.00 59.68 ? 488 SER A C   1 
ATOM   1052 O O   . SER A 1 135 ? 6.511   2.535   16.890  1.00 59.73 ? 488 SER A O   1 
ATOM   1053 C CB  . SER A 1 135 ? 8.971   2.288   18.142  1.00 60.10 ? 488 SER A CB  1 
ATOM   1054 O OG  . SER A 1 135 ? 10.053  1.835   18.941  1.00 62.06 ? 488 SER A OG  1 
ATOM   1055 N N   . TYR A 1 136 ? 7.147   1.192   15.206  1.00 59.34 ? 489 TYR A N   1 
ATOM   1056 C CA  . TYR A 1 136 ? 6.184   1.733   14.255  1.00 58.96 ? 489 TYR A CA  1 
ATOM   1057 C C   . TYR A 1 136 ? 4.743   1.499   14.667  1.00 59.22 ? 489 TYR A C   1 
ATOM   1058 O O   . TYR A 1 136 ? 4.431   0.513   15.331  1.00 59.03 ? 489 TYR A O   1 
ATOM   1059 C CB  . TYR A 1 136 ? 6.383   1.098   12.878  1.00 58.67 ? 489 TYR A CB  1 
ATOM   1060 C CG  . TYR A 1 136 ? 6.003   -0.377  12.808  1.00 57.44 ? 489 TYR A CG  1 
ATOM   1061 C CD1 . TYR A 1 136 ? 4.726   -0.772  12.432  1.00 55.80 ? 489 TYR A CD1 1 
ATOM   1062 C CD2 . TYR A 1 136 ? 6.927   -1.371  13.121  1.00 56.24 ? 489 TYR A CD2 1 
ATOM   1063 C CE1 . TYR A 1 136 ? 4.390   -2.114  12.366  1.00 55.72 ? 489 TYR A CE1 1 
ATOM   1064 C CE2 . TYR A 1 136 ? 6.601   -2.704  13.049  1.00 55.71 ? 489 TYR A CE2 1 
ATOM   1065 C CZ  . TYR A 1 136 ? 5.337   -3.075  12.675  1.00 55.86 ? 489 TYR A CZ  1 
ATOM   1066 O OH  . TYR A 1 136 ? 5.028   -4.418  12.614  1.00 57.29 ? 489 TYR A OH  1 
ATOM   1067 N N   . ARG A 1 137 ? 3.867   2.411   14.253  1.00 59.68 ? 490 ARG A N   1 
ATOM   1068 C CA  . ARG A 1 137 ? 2.433   2.162   14.258  1.00 60.18 ? 490 ARG A CA  1 
ATOM   1069 C C   . ARG A 1 137 ? 1.970   1.799   12.845  1.00 59.24 ? 490 ARG A C   1 
ATOM   1070 O O   . ARG A 1 137 ? 2.417   2.376   11.868  1.00 59.21 ? 490 ARG A O   1 
ATOM   1071 C CB  . ARG A 1 137 ? 1.666   3.376   14.783  1.00 60.90 ? 490 ARG A CB  1 
ATOM   1072 C CG  . ARG A 1 137 ? 2.072   3.803   16.202  1.00 65.07 ? 490 ARG A CG  1 
ATOM   1073 C CD  . ARG A 1 137 ? 1.936   2.704   17.277  1.00 70.83 ? 490 ARG A CD  1 
ATOM   1074 N NE  . ARG A 1 137 ? 1.212   3.169   18.466  1.00 75.79 ? 490 ARG A NE  1 
ATOM   1075 C CZ  . ARG A 1 137 ? 1.750   3.845   19.488  1.00 79.66 ? 490 ARG A CZ  1 
ATOM   1076 N NH1 . ARG A 1 137 ? 3.053   4.148   19.516  1.00 80.25 ? 490 ARG A NH1 1 
ATOM   1077 N NH2 . ARG A 1 137 ? 0.968   4.210   20.508  1.00 81.22 ? 490 ARG A NH2 1 
ATOM   1078 N N   . PHE A 1 138 ? 1.109   0.790   12.774  1.00 58.36 ? 491 PHE A N   1 
ATOM   1079 C CA  . PHE A 1 138 ? 0.384   0.400   11.580  1.00 57.32 ? 491 PHE A CA  1 
ATOM   1080 C C   . PHE A 1 138 ? -1.020  0.921   11.842  1.00 56.34 ? 491 PHE A C   1 
ATOM   1081 O O   . PHE A 1 138 ? -1.592  0.605   12.861  1.00 55.87 ? 491 PHE A O   1 
ATOM   1082 C CB  . PHE A 1 138 ? 0.405   -1.135  11.473  1.00 57.29 ? 491 PHE A CB  1 
ATOM   1083 C CG  . PHE A 1 138 ? -0.079  -1.699  10.152  1.00 57.78 ? 491 PHE A CG  1 
ATOM   1084 C CD1 . PHE A 1 138 ? -0.036  -0.968  8.968   1.00 58.26 ? 491 PHE A CD1 1 
ATOM   1085 C CD2 . PHE A 1 138 ? -0.567  -3.003  10.099  1.00 59.15 ? 491 PHE A CD2 1 
ATOM   1086 C CE1 . PHE A 1 138 ? -0.482  -1.520  7.768   1.00 57.93 ? 491 PHE A CE1 1 
ATOM   1087 C CE2 . PHE A 1 138 ? -1.013  -3.558  8.894   1.00 58.96 ? 491 PHE A CE2 1 
ATOM   1088 C CZ  . PHE A 1 138 ? -0.968  -2.813  7.732   1.00 58.26 ? 491 PHE A CZ  1 
ATOM   1089 N N   . THR A 1 139 ? -1.566  1.747   10.958  1.00 55.51 ? 492 THR A N   1 
ATOM   1090 C CA  . THR A 1 139 ? -2.868  2.375   11.213  1.00 54.80 ? 492 THR A CA  1 
ATOM   1091 C C   . THR A 1 139 ? -3.687  2.537   9.934   1.00 54.01 ? 492 THR A C   1 
ATOM   1092 O O   . THR A 1 139 ? -3.196  2.282   8.842   1.00 53.98 ? 492 THR A O   1 
ATOM   1093 C CB  . THR A 1 139 ? -2.674  3.738   11.944  1.00 54.72 ? 492 THR A CB  1 
ATOM   1094 O OG1 . THR A 1 139 ? -3.940  4.306   12.292  1.00 55.29 ? 492 THR A OG1 1 
ATOM   1095 C CG2 . THR A 1 139 ? -2.064  4.774   11.050  1.00 55.12 ? 492 THR A CG2 1 
ATOM   1096 N N   . ALA A 1 140 ? -4.943  2.942   10.088  1.00 53.31 ? 493 ALA A N   1 
ATOM   1097 C CA  . ALA A 1 140 ? -5.880  3.031   8.978   1.00 52.75 ? 493 ALA A CA  1 
ATOM   1098 C C   . ALA A 1 140 ? -5.864  4.429   8.366   1.00 52.55 ? 493 ALA A C   1 
ATOM   1099 O O   . ALA A 1 140 ? -5.851  5.437   9.076   1.00 52.67 ? 493 ALA A O   1 
ATOM   1100 C CB  . ALA A 1 140 ? -7.279  2.667   9.444   1.00 52.55 ? 493 ALA A CB  1 
ATOM   1101 N N   . SER A 1 141 ? -5.858  4.480   7.039   1.00 52.27 ? 494 SER A N   1 
ATOM   1102 C CA  . SER A 1 141 ? -5.947  5.749   6.311   1.00 52.13 ? 494 SER A CA  1 
ATOM   1103 C C   . SER A 1 141 ? -7.212  6.551   6.647   1.00 51.77 ? 494 SER A C   1 
ATOM   1104 O O   . SER A 1 141 ? -7.185  7.776   6.632   1.00 51.28 ? 494 SER A O   1 
ATOM   1105 C CB  . SER A 1 141 ? -5.879  5.504   4.802   1.00 52.07 ? 494 SER A CB  1 
ATOM   1106 O OG  . SER A 1 141 ? -6.878  4.587   4.380   1.00 51.67 ? 494 SER A OG  1 
ATOM   1107 N N   . SER A 1 142 ? -8.317  5.862   6.933   1.00 52.21 ? 495 SER A N   1 
ATOM   1108 C CA  . SER A 1 142 ? -9.565  6.540   7.326   1.00 52.23 ? 495 SER A CA  1 
ATOM   1109 C C   . SER A 1 142 ? -9.437  7.216   8.689   1.00 52.32 ? 495 SER A C   1 
ATOM   1110 O O   . SER A 1 142 ? -10.018 8.267   8.893   1.00 52.28 ? 495 SER A O   1 
ATOM   1111 C CB  . SER A 1 142 ? -10.785 5.601   7.290   1.00 51.96 ? 495 SER A CB  1 
ATOM   1112 O OG  . SER A 1 142 ? -10.571 4.414   8.031   1.00 52.14 ? 495 SER A OG  1 
ATOM   1113 N N   . LYS A 1 143 ? -8.660  6.632   9.601   1.00 52.97 ? 496 LYS A N   1 
ATOM   1114 C CA  . LYS A 1 143 ? -8.350  7.273   10.887  1.00 53.76 ? 496 LYS A CA  1 
ATOM   1115 C C   . LYS A 1 143 ? -7.536  8.561   10.736  1.00 53.91 ? 496 LYS A C   1 
ATOM   1116 O O   . LYS A 1 143 ? -7.748  9.531   11.473  1.00 53.74 ? 496 LYS A O   1 
ATOM   1117 C CB  . LYS A 1 143 ? -7.589  6.314   11.810  1.00 54.12 ? 496 LYS A CB  1 
ATOM   1118 C CG  . LYS A 1 143 ? -7.229  6.926   13.171  1.00 55.88 ? 496 LYS A CG  1 
ATOM   1119 C CD  . LYS A 1 143 ? -7.084  5.864   14.270  1.00 58.95 ? 496 LYS A CD  1 
ATOM   1120 C CE  . LYS A 1 143 ? -6.499  6.456   15.563  1.00 60.60 ? 496 LYS A CE  1 
ATOM   1121 N NZ  . LYS A 1 143 ? -5.460  5.574   16.192  1.00 61.95 ? 496 LYS A NZ  1 
ATOM   1122 N N   . LEU A 1 144 ? -6.598  8.563   9.793   1.00 54.30 ? 497 LEU A N   1 
ATOM   1123 C CA  . LEU A 1 144 ? -5.756  9.735   9.540   1.00 54.44 ? 497 LEU A CA  1 
ATOM   1124 C C   . LEU A 1 144 ? -6.539  10.851  8.848   1.00 55.14 ? 497 LEU A C   1 
ATOM   1125 O O   . LEU A 1 144 ? -6.339  12.026  9.150   1.00 55.02 ? 497 LEU A O   1 
ATOM   1126 C CB  . LEU A 1 144 ? -4.542  9.350   8.702   1.00 54.31 ? 497 LEU A CB  1 
ATOM   1127 C CG  . LEU A 1 144 ? -3.663  8.206   9.232   1.00 54.23 ? 497 LEU A CG  1 
ATOM   1128 C CD1 . LEU A 1 144 ? -2.578  7.929   8.242   1.00 53.23 ? 497 LEU A CD1 1 
ATOM   1129 C CD2 . LEU A 1 144 ? -3.056  8.497   10.610  1.00 54.52 ? 497 LEU A CD2 1 
ATOM   1130 N N   . MET A 1 145 ? -7.438  10.475  7.935   1.00 56.08 ? 498 MET A N   1 
ATOM   1131 C CA  . MET A 1 145 ? -8.255  11.426  7.172   1.00 56.95 ? 498 MET A CA  1 
ATOM   1132 C C   . MET A 1 145 ? -9.713  10.948  7.165   1.00 56.89 ? 498 MET A C   1 
ATOM   1133 O O   . MET A 1 145 ? -10.140 10.258  6.239   1.00 56.45 ? 498 MET A O   1 
ATOM   1134 C CB  . MET A 1 145 ? -7.735  11.565  5.735   1.00 57.42 ? 498 MET A CB  1 
ATOM   1135 C CG  . MET A 1 145 ? -6.268  11.979  5.618   1.00 58.81 ? 498 MET A CG  1 
ATOM   1136 S SD  . MET A 1 145 ? -6.053  13.488  4.668   1.00 62.82 ? 498 MET A SD  1 
ATOM   1137 C CE  . MET A 1 145 ? -6.604  14.643  5.860   1.00 62.03 ? 498 MET A CE  1 
ATOM   1138 N N   . PRO A 1 146 ? -10.466 11.302  8.207   1.00 57.26 ? 499 PRO A N   1 
ATOM   1139 C CA  . PRO A 1 146 ? -11.831 10.786  8.402   1.00 57.29 ? 499 PRO A CA  1 
ATOM   1140 C C   . PRO A 1 146 ? -12.886 11.214  7.386   1.00 57.29 ? 499 PRO A C   1 
ATOM   1141 O O   . PRO A 1 146 ? -13.873 10.500  7.254   1.00 57.10 ? 499 PRO A O   1 
ATOM   1142 C CB  . PRO A 1 146 ? -12.203 11.306  9.797   1.00 57.23 ? 499 PRO A CB  1 
ATOM   1143 C CG  . PRO A 1 146 ? -10.921 11.661  10.423  1.00 57.29 ? 499 PRO A CG  1 
ATOM   1144 C CD  . PRO A 1 146 ? -10.064 12.183  9.317   1.00 57.15 ? 499 PRO A CD  1 
ATOM   1145 N N   . SER A 1 147 ? -12.698 12.329  6.691   1.00 57.72 ? 500 SER A N   1 
ATOM   1146 C CA  . SER A 1 147 ? -13.713 12.811  5.748   1.00 58.09 ? 500 SER A CA  1 
ATOM   1147 C C   . SER A 1 147 ? -13.519 12.291  4.335   1.00 58.29 ? 500 SER A C   1 
ATOM   1148 O O   . SER A 1 147 ? -14.416 12.437  3.501   1.00 58.47 ? 500 SER A O   1 
ATOM   1149 C CB  . SER A 1 147 ? -13.724 14.324  5.718   1.00 57.94 ? 500 SER A CB  1 
ATOM   1150 O OG  . SER A 1 147 ? -13.608 14.820  7.033   1.00 59.14 ? 500 SER A OG  1 
ATOM   1151 N N   . VAL A 1 148 ? -12.355 11.693  4.074   1.00 58.28 ? 501 VAL A N   1 
ATOM   1152 C CA  . VAL A 1 148 ? -12.024 11.161  2.755   1.00 58.43 ? 501 VAL A CA  1 
ATOM   1153 C C   . VAL A 1 148 ? -12.665 9.787   2.588   1.00 58.66 ? 501 VAL A C   1 
ATOM   1154 O O   . VAL A 1 148 ? -12.264 8.828   3.250   1.00 58.59 ? 501 VAL A O   1 
ATOM   1155 C CB  . VAL A 1 148 ? -10.485 11.075  2.557   1.00 58.50 ? 501 VAL A CB  1 
ATOM   1156 C CG1 . VAL A 1 148 ? -10.124 10.439  1.203   1.00 58.78 ? 501 VAL A CG1 1 
ATOM   1157 C CG2 . VAL A 1 148 ? -9.855  12.456  2.684   1.00 57.45 ? 501 VAL A CG2 1 
ATOM   1158 N N   . THR A 1 149 ? -13.657 9.699   1.700   1.00 59.01 ? 502 THR A N   1 
ATOM   1159 C CA  . THR A 1 149 ? -14.451 8.475   1.538   1.00 59.32 ? 502 THR A CA  1 
ATOM   1160 C C   . THR A 1 149 ? -13.665 7.347   0.868   1.00 59.55 ? 502 THR A C   1 
ATOM   1161 O O   . THR A 1 149 ? -13.946 6.184   1.091   1.00 59.16 ? 502 THR A O   1 
ATOM   1162 C CB  . THR A 1 149 ? -15.767 8.747   0.754   1.00 59.37 ? 502 THR A CB  1 
ATOM   1163 O OG1 . THR A 1 149 ? -15.474 9.300   -0.532  1.00 59.51 ? 502 THR A OG1 1 
ATOM   1164 C CG2 . THR A 1 149 ? -16.632 9.821   1.451   1.00 59.40 ? 502 THR A CG2 1 
ATOM   1165 N N   . ASP A 1 150 ? -12.673 7.704   0.061   1.00 60.15 ? 503 ASP A N   1 
ATOM   1166 C CA  . ASP A 1 150 ? -11.818 6.731   -0.623  1.00 60.57 ? 503 ASP A CA  1 
ATOM   1167 C C   . ASP A 1 150 ? -11.007 5.834   0.323   1.00 60.38 ? 503 ASP A C   1 
ATOM   1168 O O   . ASP A 1 150 ? -10.453 4.823   -0.115  1.00 60.34 ? 503 ASP A O   1 
ATOM   1169 C CB  . ASP A 1 150 ? -10.821 7.464   -1.540  1.00 61.06 ? 503 ASP A CB  1 
ATOM   1170 C CG  . ASP A 1 150 ? -11.292 7.565   -2.980  1.00 62.23 ? 503 ASP A CG  1 
ATOM   1171 O OD1 . ASP A 1 150 ? -12.303 6.932   -3.355  1.00 64.87 ? 503 ASP A OD1 1 
ATOM   1172 O OD2 . ASP A 1 150 ? -10.687 8.266   -3.815  1.00 63.72 ? 503 ASP A OD2 1 
ATOM   1173 N N   . PHE A 1 151 ? -10.907 6.214   1.595   1.00 60.20 ? 504 PHE A N   1 
ATOM   1174 C CA  . PHE A 1 151 ? -10.111 5.469   2.562   1.00 60.17 ? 504 PHE A CA  1 
ATOM   1175 C C   . PHE A 1 151 ? -10.930 4.499   3.402   1.00 60.92 ? 504 PHE A C   1 
ATOM   1176 O O   . PHE A 1 151 ? -10.353 3.645   4.087   1.00 60.65 ? 504 PHE A O   1 
ATOM   1177 C CB  . PHE A 1 151 ? -9.383  6.435   3.505   1.00 59.88 ? 504 PHE A CB  1 
ATOM   1178 C CG  . PHE A 1 151 ? -8.362  7.320   2.830   1.00 58.74 ? 504 PHE A CG  1 
ATOM   1179 C CD1 . PHE A 1 151 ? -8.080  8.576   3.361   1.00 57.04 ? 504 PHE A CD1 1 
ATOM   1180 C CD2 . PHE A 1 151 ? -7.677  6.909   1.683   1.00 57.24 ? 504 PHE A CD2 1 
ATOM   1181 C CE1 . PHE A 1 151 ? -7.149  9.412   2.762   1.00 57.45 ? 504 PHE A CE1 1 
ATOM   1182 C CE2 . PHE A 1 151 ? -6.740  7.738   1.085   1.00 57.15 ? 504 PHE A CE2 1 
ATOM   1183 C CZ  . PHE A 1 151 ? -6.473  8.997   1.627   1.00 57.17 ? 504 PHE A CZ  1 
ATOM   1184 N N   . LYS A 1 152 ? -12.255 4.632   3.388   1.00 62.04 ? 505 LYS A N   1 
ATOM   1185 C CA  . LYS A 1 152 ? -13.085 3.733   4.197   1.00 63.46 ? 505 LYS A CA  1 
ATOM   1186 C C   . LYS A 1 152 ? -13.059 2.333   3.607   1.00 63.62 ? 505 LYS A C   1 
ATOM   1187 O O   . LYS A 1 152 ? -13.518 2.099   2.492   1.00 63.73 ? 505 LYS A O   1 
ATOM   1188 C CB  . LYS A 1 152 ? -14.537 4.219   4.439   1.00 63.98 ? 505 LYS A CB  1 
ATOM   1189 C CG  . LYS A 1 152 ? -15.151 5.144   3.409   1.00 66.40 ? 505 LYS A CG  1 
ATOM   1190 C CD  . LYS A 1 152 ? -16.687 4.981   3.289   1.00 69.97 ? 505 LYS A CD  1 
ATOM   1191 C CE  . LYS A 1 152 ? -17.085 4.511   1.866   1.00 71.52 ? 505 LYS A CE  1 
ATOM   1192 N NZ  . LYS A 1 152 ? -18.547 4.627   1.577   1.00 72.07 ? 505 LYS A NZ  1 
ATOM   1193 N N   . ALA A 1 153 ? -12.444 1.428   4.353   1.00 64.16 ? 506 ALA A N   1 
ATOM   1194 C CA  . ALA A 1 153 ? -12.441 0.018   4.036   1.00 64.64 ? 506 ALA A CA  1 
ATOM   1195 C C   . ALA A 1 153 ? -13.255 -0.609  5.157   1.00 64.81 ? 506 ALA A C   1 
ATOM   1196 O O   . ALA A 1 153 ? -14.416 -0.901  4.934   1.00 65.94 ? 506 ALA A O   1 
ATOM   1197 C CB  . ALA A 1 153 ? -11.037 -0.531  3.941   1.00 64.82 ? 506 ALA A CB  1 
ATOM   1198 N N   . ASP A 1 154 ? -12.725 -0.758  6.365   1.00 64.52 ? 507 ASP A N   1 
ATOM   1199 C CA  . ASP A 1 154 ? -13.599 -1.049  7.521   1.00 64.50 ? 507 ASP A CA  1 
ATOM   1200 C C   . ASP A 1 154 ? -13.557 -2.536  7.868   1.00 63.70 ? 507 ASP A C   1 
ATOM   1201 O O   . ASP A 1 154 ? -13.259 -2.907  8.996   1.00 63.91 ? 507 ASP A O   1 
ATOM   1202 C CB  . ASP A 1 154 ? -15.052 -0.589  7.246   1.00 64.71 ? 507 ASP A CB  1 
ATOM   1203 C CG  . ASP A 1 154 ? -15.696 0.118   8.423   1.00 66.31 ? 507 ASP A CG  1 
ATOM   1204 O OD1 . ASP A 1 154 ? -16.694 -0.420  8.942   1.00 68.50 ? 507 ASP A OD1 1 
ATOM   1205 O OD2 . ASP A 1 154 ? -15.318 1.229   8.863   1.00 66.61 ? 507 ASP A OD2 1 
ATOM   1206 N N   . ALA A 1 155 ? -13.865 -3.382  6.891   1.00 62.81 ? 508 ALA A N   1 
ATOM   1207 C CA  . ALA A 1 155 ? -13.642 -4.823  7.009   1.00 61.95 ? 508 ALA A CA  1 
ATOM   1208 C C   . ALA A 1 155 ? -12.158 -5.165  6.877   1.00 61.20 ? 508 ALA A C   1 
ATOM   1209 O O   . ALA A 1 155 ? -11.685 -6.146  7.446   1.00 60.88 ? 508 ALA A O   1 
ATOM   1210 C CB  . ALA A 1 155 ? -14.439 -5.567  5.962   1.00 62.00 ? 508 ALA A CB  1 
ATOM   1211 N N   . LEU A 1 156 ? -11.427 -4.362  6.114   1.00 60.34 ? 509 LEU A N   1 
ATOM   1212 C CA  . LEU A 1 156 ? -9.973  -4.476  6.060   1.00 59.77 ? 509 LEU A CA  1 
ATOM   1213 C C   . LEU A 1 156 ? -9.337  -4.087  7.399   1.00 59.34 ? 509 LEU A C   1 
ATOM   1214 O O   . LEU A 1 156 ? -8.456  -4.784  7.905   1.00 58.92 ? 509 LEU A O   1 
ATOM   1215 C CB  . LEU A 1 156 ? -9.427  -3.589  4.938   1.00 59.70 ? 509 LEU A CB  1 
ATOM   1216 C CG  . LEU A 1 156 ? -7.938  -3.267  4.888   1.00 59.36 ? 509 LEU A CG  1 
ATOM   1217 C CD1 . LEU A 1 156 ? -7.131  -4.524  4.594   1.00 58.99 ? 509 LEU A CD1 1 
ATOM   1218 C CD2 . LEU A 1 156 ? -7.700  -2.185  3.840   1.00 59.43 ? 509 LEU A CD2 1 
ATOM   1219 N N   . TYR A 1 157 ? -9.789  -2.975  7.971   1.00 59.12 ? 510 TYR A N   1 
ATOM   1220 C CA  . TYR A 1 157 ? -9.158  -2.434  9.176   1.00 59.20 ? 510 TYR A CA  1 
ATOM   1221 C C   . TYR A 1 157 ? -9.507  -3.230  10.431  1.00 59.76 ? 510 TYR A C   1 
ATOM   1222 O O   . TYR A 1 157 ? -8.703  -3.308  11.353  1.00 59.68 ? 510 TYR A O   1 
ATOM   1223 C CB  . TYR A 1 157 ? -9.525  -0.959  9.363   1.00 58.84 ? 510 TYR A CB  1 
ATOM   1224 C CG  . TYR A 1 157 ? -9.193  -0.079  8.172   1.00 57.39 ? 510 TYR A CG  1 
ATOM   1225 C CD1 . TYR A 1 157 ? -10.094 0.890   7.741   1.00 55.72 ? 510 TYR A CD1 1 
ATOM   1226 C CD2 . TYR A 1 157 ? -7.985  -0.213  7.476   1.00 55.54 ? 510 TYR A CD2 1 
ATOM   1227 C CE1 . TYR A 1 157 ? -9.810  1.704   6.662   1.00 55.34 ? 510 TYR A CE1 1 
ATOM   1228 C CE2 . TYR A 1 157 ? -7.693  0.608   6.387   1.00 55.03 ? 510 TYR A CE2 1 
ATOM   1229 C CZ  . TYR A 1 157 ? -8.617  1.564   5.986   1.00 54.61 ? 510 TYR A CZ  1 
ATOM   1230 O OH  . TYR A 1 157 ? -8.374  2.392   4.918   1.00 52.67 ? 510 TYR A OH  1 
ATOM   1231 N N   . ALA A 1 158 ? -10.702 -3.817  10.453  1.00 60.77 ? 511 ALA A N   1 
ATOM   1232 C CA  . ALA A 1 158 ? -11.121 -4.722  11.526  1.00 61.55 ? 511 ALA A CA  1 
ATOM   1233 C C   . ALA A 1 158 ? -10.189 -5.919  11.657  1.00 62.57 ? 511 ALA A C   1 
ATOM   1234 O O   . ALA A 1 158 ? -9.958  -6.398  12.763  1.00 63.10 ? 511 ALA A O   1 
ATOM   1235 C CB  . ALA A 1 158 ? -12.532 -5.210  11.281  1.00 61.55 ? 511 ALA A CB  1 
ATOM   1236 N N   . SER A 1 159 ? -9.654  -6.392  10.530  1.00 63.44 ? 512 SER A N   1 
ATOM   1237 C CA  . SER A 1 159 ? -8.764  -7.558  10.513  1.00 64.11 ? 512 SER A CA  1 
ATOM   1238 C C   . SER A 1 159 ? -7.438  -7.337  11.248  1.00 65.02 ? 512 SER A C   1 
ATOM   1239 O O   . SER A 1 159 ? -6.766  -8.299  11.625  1.00 65.22 ? 512 SER A O   1 
ATOM   1240 C CB  . SER A 1 159 ? -8.475  -7.986  9.071   1.00 64.16 ? 512 SER A CB  1 
ATOM   1241 O OG  . SER A 1 159 ? -9.658  -8.016  8.292   1.00 63.65 ? 512 SER A OG  1 
ATOM   1242 N N   . PHE A 1 160 ? -7.059  -6.076  11.433  1.00 66.11 ? 513 PHE A N   1 
ATOM   1243 C CA  . PHE A 1 160 ? -5.807  -5.717  12.096  1.00 66.93 ? 513 PHE A CA  1 
ATOM   1244 C C   . PHE A 1 160 ? -6.027  -5.189  13.515  1.00 68.18 ? 513 PHE A C   1 
ATOM   1245 O O   . PHE A 1 160 ? -5.063  -4.896  14.220  1.00 68.34 ? 513 PHE A O   1 
ATOM   1246 C CB  . PHE A 1 160 ? -5.090  -4.621  11.298  1.00 66.70 ? 513 PHE A CB  1 
ATOM   1247 C CG  . PHE A 1 160 ? -4.754  -5.001  9.887   1.00 65.44 ? 513 PHE A CG  1 
ATOM   1248 C CD1 . PHE A 1 160 ? -5.240  -4.256  8.818   1.00 64.77 ? 513 PHE A CD1 1 
ATOM   1249 C CD2 . PHE A 1 160 ? -3.930  -6.081  9.622   1.00 65.05 ? 513 PHE A CD2 1 
ATOM   1250 C CE1 . PHE A 1 160 ? -4.917  -4.596  7.505   1.00 64.37 ? 513 PHE A CE1 1 
ATOM   1251 C CE2 . PHE A 1 160 ? -3.601  -6.427  8.305   1.00 64.80 ? 513 PHE A CE2 1 
ATOM   1252 C CZ  . PHE A 1 160 ? -4.098  -5.680  7.251   1.00 64.06 ? 513 PHE A CZ  1 
ATOM   1253 N N   . ALA A 1 161 ? -7.289  -5.055  13.919  1.00 69.62 ? 514 ALA A N   1 
ATOM   1254 C CA  . ALA A 1 161 ? -7.655  -4.321  15.137  1.00 70.58 ? 514 ALA A CA  1 
ATOM   1255 C C   . ALA A 1 161 ? -6.865  -4.750  16.375  1.00 71.34 ? 514 ALA A C   1 
ATOM   1256 O O   . ALA A 1 161 ? -6.499  -3.911  17.207  1.00 71.57 ? 514 ALA A O   1 
ATOM   1257 C CB  . ALA A 1 161 ? -9.153  -4.448  15.402  1.00 70.59 ? 514 ALA A CB  1 
ATOM   1258 N N   . ASN A 1 162 ? -6.597  -6.048  16.495  1.00 71.87 ? 515 ASN A N   1 
ATOM   1259 C CA  . ASN A 1 162 ? -5.899  -6.555  17.670  1.00 72.28 ? 515 ASN A CA  1 
ATOM   1260 C C   . ASN A 1 162 ? -4.482  -7.071  17.373  1.00 72.09 ? 515 ASN A C   1 
ATOM   1261 O O   . ASN A 1 162 ? -3.951  -7.912  18.099  1.00 72.19 ? 515 ASN A O   1 
ATOM   1262 C CB  . ASN A 1 162 ? -6.785  -7.589  18.390  1.00 72.63 ? 515 ASN A CB  1 
ATOM   1263 C CG  . ASN A 1 162 ? -8.048  -6.949  19.020  1.00 73.58 ? 515 ASN A CG  1 
ATOM   1264 O OD1 . ASN A 1 162 ? -9.134  -7.538  19.011  1.00 74.81 ? 515 ASN A OD1 1 
ATOM   1265 N ND2 . ASN A 1 162 ? -7.896  -5.742  19.566  1.00 74.00 ? 515 ASN A ND2 1 
ATOM   1266 N N   . TRP A 1 163 ? -3.867  -6.539  16.315  1.00 71.81 ? 516 TRP A N   1 
ATOM   1267 C CA  . TRP A 1 163 ? -2.418  -6.645  16.113  1.00 71.47 ? 516 TRP A CA  1 
ATOM   1268 C C   . TRP A 1 163 ? -1.757  -5.649  17.053  1.00 71.00 ? 516 TRP A C   1 
ATOM   1269 O O   . TRP A 1 163 ? -2.350  -4.626  17.392  1.00 70.78 ? 516 TRP A O   1 
ATOM   1270 C CB  . TRP A 1 163 ? -2.014  -6.320  14.672  1.00 71.63 ? 516 TRP A CB  1 
ATOM   1271 C CG  . TRP A 1 163 ? -2.320  -7.397  13.671  1.00 71.84 ? 516 TRP A CG  1 
ATOM   1272 C CD1 . TRP A 1 163 ? -3.253  -8.389  13.780  1.00 71.90 ? 516 TRP A CD1 1 
ATOM   1273 C CD2 . TRP A 1 163 ? -1.694  -7.578  12.397  1.00 71.63 ? 516 TRP A CD2 1 
ATOM   1274 N NE1 . TRP A 1 163 ? -3.241  -9.174  12.653  1.00 72.05 ? 516 TRP A NE1 1 
ATOM   1275 C CE2 . TRP A 1 163 ? -2.291  -8.701  11.790  1.00 71.60 ? 516 TRP A CE2 1 
ATOM   1276 C CE3 . TRP A 1 163 ? -0.678  -6.907  11.707  1.00 71.67 ? 516 TRP A CE3 1 
ATOM   1277 C CZ2 . TRP A 1 163 ? -1.912  -9.161  10.530  1.00 71.38 ? 516 TRP A CZ2 1 
ATOM   1278 C CZ3 . TRP A 1 163 ? -0.304  -7.366  10.458  1.00 71.30 ? 516 TRP A CZ3 1 
ATOM   1279 C CH2 . TRP A 1 163 ? -0.923  -8.478  9.881   1.00 71.21 ? 516 TRP A CH2 1 
ATOM   1280 N N   . THR A 1 164 ? -0.523  -5.938  17.453  1.00 70.49 ? 517 THR A N   1 
ATOM   1281 C CA  . THR A 1 164 ? 0.129   -5.178  18.525  1.00 70.10 ? 517 THR A CA  1 
ATOM   1282 C C   . THR A 1 164 ? 0.501   -3.752  18.114  1.00 69.34 ? 517 THR A C   1 
ATOM   1283 O O   . THR A 1 164 ? 0.219   -2.795  18.848  1.00 69.34 ? 517 THR A O   1 
ATOM   1284 C CB  . THR A 1 164 ? 1.370   -5.929  19.071  1.00 70.30 ? 517 THR A CB  1 
ATOM   1285 O OG1 . THR A 1 164 ? 1.943   -6.765  18.055  1.00 70.92 ? 517 THR A OG1 1 
ATOM   1286 C CG2 . THR A 1 164 ? 0.964   -6.910  20.176  1.00 70.88 ? 517 THR A CG2 1 
ATOM   1287 N N   . HIS A 1 165 ? 1.116   -3.613  16.940  1.00 68.24 ? 518 HIS A N   1 
ATOM   1288 C CA  . HIS A 1 165 ? 1.510   -2.304  16.427  1.00 67.27 ? 518 HIS A CA  1 
ATOM   1289 C C   . HIS A 1 165 ? 0.325   -1.511  15.835  1.00 66.84 ? 518 HIS A C   1 
ATOM   1290 O O   . HIS A 1 165 ? 0.515   -0.406  15.335  1.00 66.88 ? 518 HIS A O   1 
ATOM   1291 C CB  . HIS A 1 165 ? 2.621   -2.452  15.371  1.00 67.15 ? 518 HIS A CB  1 
ATOM   1292 C CG  . HIS A 1 165 ? 3.943   -2.905  15.920  1.00 66.06 ? 518 HIS A CG  1 
ATOM   1293 N ND1 . HIS A 1 165 ? 4.255   -4.235  16.112  1.00 65.02 ? 518 HIS A ND1 1 
ATOM   1294 C CD2 . HIS A 1 165 ? 5.044   -2.207  16.290  1.00 65.34 ? 518 HIS A CD2 1 
ATOM   1295 C CE1 . HIS A 1 165 ? 5.485   -4.335  16.586  1.00 64.55 ? 518 HIS A CE1 1 
ATOM   1296 N NE2 . HIS A 1 165 ? 5.988   -3.119  16.698  1.00 64.85 ? 518 HIS A NE2 1 
ATOM   1297 N N   . TRP A 1 166 ? -0.892  -2.051  15.905  1.00 66.19 ? 519 TRP A N   1 
ATOM   1298 C CA  . TRP A 1 166 ? -2.064  -1.384  15.331  1.00 65.73 ? 519 TRP A CA  1 
ATOM   1299 C C   . TRP A 1 166 ? -2.607  -0.232  16.202  1.00 65.88 ? 519 TRP A C   1 
ATOM   1300 O O   . TRP A 1 166 ? -2.738  -0.370  17.414  1.00 65.87 ? 519 TRP A O   1 
ATOM   1301 C CB  . TRP A 1 166 ? -3.175  -2.404  15.040  1.00 65.44 ? 519 TRP A CB  1 
ATOM   1302 C CG  . TRP A 1 166 ? -4.351  -1.808  14.310  1.00 64.09 ? 519 TRP A CG  1 
ATOM   1303 C CD1 . TRP A 1 166 ? -5.556  -1.480  14.846  1.00 63.49 ? 519 TRP A CD1 1 
ATOM   1304 C CD2 . TRP A 1 166 ? -4.425  -1.454  12.917  1.00 61.76 ? 519 TRP A CD2 1 
ATOM   1305 N NE1 . TRP A 1 166 ? -6.382  -0.956  13.880  1.00 63.43 ? 519 TRP A NE1 1 
ATOM   1306 C CE2 . TRP A 1 166 ? -5.713  -0.930  12.685  1.00 61.58 ? 519 TRP A CE2 1 
ATOM   1307 C CE3 . TRP A 1 166 ? -3.536  -1.534  11.839  1.00 60.77 ? 519 TRP A CE3 1 
ATOM   1308 C CZ2 . TRP A 1 166 ? -6.131  -0.481  11.427  1.00 59.17 ? 519 TRP A CZ2 1 
ATOM   1309 C CZ3 . TRP A 1 166 ? -3.955  -1.086  10.589  1.00 59.89 ? 519 TRP A CZ3 1 
ATOM   1310 C CH2 . TRP A 1 166 ? -5.241  -0.567  10.398  1.00 58.55 ? 519 TRP A CH2 1 
ATOM   1311 N N   . SER A 1 167 ? -2.918  0.895   15.561  1.00 66.06 ? 520 SER A N   1 
ATOM   1312 C CA  . SER A 1 167 ? -3.520  2.056   16.214  1.00 66.26 ? 520 SER A CA  1 
ATOM   1313 C C   . SER A 1 167 ? -4.529  2.683   15.282  1.00 66.52 ? 520 SER A C   1 
ATOM   1314 O O   . SER A 1 167 ? -5.714  2.722   15.601  1.00 67.42 ? 520 SER A O   1 
ATOM   1315 C CB  . SER A 1 167 ? -2.468  3.102   16.571  1.00 66.47 ? 520 SER A CB  1 
ATOM   1316 O OG  . SER A 1 167 ? -1.590  2.614   17.569  1.00 66.02 ? 520 SER A OG  1 
HETATM 1317 C C1  . NAG B 2 .   ? -12.668 -11.201 -4.125  1.00 75.84 ? 999 NAG A C1  1 
HETATM 1318 C C2  . NAG B 2 .   ? -12.470 -12.446 -3.259  1.00 79.11 ? 999 NAG A C2  1 
HETATM 1319 C C3  . NAG B 2 .   ? -13.651 -13.401 -3.449  1.00 79.24 ? 999 NAG A C3  1 
HETATM 1320 C C4  . NAG B 2 .   ? -14.966 -12.659 -3.191  1.00 79.06 ? 999 NAG A C4  1 
HETATM 1321 C C5  . NAG B 2 .   ? -15.058 -11.460 -4.133  1.00 78.13 ? 999 NAG A C5  1 
HETATM 1322 C C6  . NAG B 2 .   ? -16.328 -10.632 -3.932  1.00 77.85 ? 999 NAG A C6  1 
HETATM 1323 C C7  . NAG B 2 .   ? -10.048 -12.855 -2.976  1.00 81.35 ? 999 NAG A C7  1 
HETATM 1324 C C8  . NAG B 2 .   ? -8.917  -13.814 -3.227  1.00 81.47 ? 999 NAG A C8  1 
HETATM 1325 N N2  . NAG B 2 .   ? -11.208 -13.094 -3.606  1.00 80.44 ? 999 NAG A N2  1 
HETATM 1326 O O3  . NAG B 2 .   ? -13.522 -14.527 -2.602  1.00 78.93 ? 999 NAG A O3  1 
HETATM 1327 O O4  . NAG B 2 .   ? -16.086 -13.509 -3.346  1.00 80.14 ? 999 NAG A O4  1 
HETATM 1328 O O5  . NAG B 2 .   ? -13.944 -10.626 -3.881  1.00 77.23 ? 999 NAG A O5  1 
HETATM 1329 O O6  . NAG B 2 .   ? -16.619 -9.892  -5.101  0.50 77.59 ? 999 NAG A O6  1 
HETATM 1330 O O7  . NAG B 2 .   ? -9.857  -11.902 -2.221  1.00 82.39 ? 999 NAG A O7  1 
HETATM 1331 S S   . SO4 C 3 .   ? 2.827   12.650  -6.948  1.00 67.40 ? 201 SO4 A S   1 
HETATM 1332 O O1  . SO4 C 3 .   ? 3.899   12.259  -6.035  1.00 66.72 ? 201 SO4 A O1  1 
HETATM 1333 O O2  . SO4 C 3 .   ? 3.395   13.517  -7.968  1.00 67.63 ? 201 SO4 A O2  1 
HETATM 1334 O O3  . SO4 C 3 .   ? 2.279   11.468  -7.591  1.00 67.26 ? 201 SO4 A O3  1 
HETATM 1335 O O4  . SO4 C 3 .   ? 1.742   13.347  -6.246  1.00 66.35 ? 201 SO4 A O4  1 
HETATM 1336 S S   . SO4 D 3 .   ? -17.074 -4.411  -0.544  1.00 97.43 ? 202 SO4 A S   1 
HETATM 1337 O O1  . SO4 D 3 .   ? -16.165 -4.943  0.462   1.00 97.47 ? 202 SO4 A O1  1 
HETATM 1338 O O2  . SO4 D 3 .   ? -16.746 -3.010  -0.792  1.00 97.22 ? 202 SO4 A O2  1 
HETATM 1339 O O3  . SO4 D 3 .   ? -16.905 -5.217  -1.751  1.00 97.70 ? 202 SO4 A O3  1 
HETATM 1340 O O4  . SO4 D 3 .   ? -18.458 -4.489  -0.089  1.00 97.26 ? 202 SO4 A O4  1 
HETATM 1341 O O   . HOH E 4 .   ? 14.920  3.218   -5.327  1.00 48.31 ? 1   HOH A O   1 
HETATM 1342 O O   . HOH E 4 .   ? 7.301   -10.157 2.480   1.00 45.80 ? 2   HOH A O   1 
HETATM 1343 O O   . HOH E 4 .   ? 0.252   18.984  1.032   1.00 44.88 ? 3   HOH A O   1 
HETATM 1344 O O   . HOH E 4 .   ? 18.680  0.341   -0.712  1.00 50.52 ? 4   HOH A O   1 
HETATM 1345 O O   . HOH E 4 .   ? -11.741 9.589   -7.231  1.00 61.86 ? 5   HOH A O   1 
HETATM 1346 O O   . HOH E 4 .   ? 2.923   14.114  -12.964 1.00 55.57 ? 6   HOH A O   1 
HETATM 1347 O O   . HOH E 4 .   ? -8.212  -16.959 2.204   1.00 59.06 ? 7   HOH A O   1 
HETATM 1348 O O   . HOH E 4 .   ? 5.393   7.625   1.582   1.00 38.87 ? 8   HOH A O   1 
HETATM 1349 O O   . HOH E 4 .   ? -11.850 8.248   5.548   1.00 44.54 ? 9   HOH A O   1 
HETATM 1350 O O   . HOH E 4 .   ? -11.793 -15.464 -6.243  1.00 65.55 ? 10  HOH A O   1 
HETATM 1351 O O   . HOH E 4 .   ? 16.358  -0.603  -0.989  1.00 57.61 ? 11  HOH A O   1 
HETATM 1352 O O   . HOH E 4 .   ? 3.953   13.015  -2.258  1.00 47.67 ? 12  HOH A O   1 
HETATM 1353 O O   . HOH E 4 .   ? -4.962  7.934   -6.643  1.00 66.41 ? 13  HOH A O   1 
HETATM 1354 O O   . HOH E 4 .   ? 2.391   13.871  -0.608  1.00 46.42 ? 14  HOH A O   1 
HETATM 1355 O O   . HOH E 4 .   ? -8.314  13.291  -8.229  1.00 57.37 ? 15  HOH A O   1 
HETATM 1356 O O   . HOH E 4 .   ? -10.068 1.862   -9.719  1.00 60.47 ? 16  HOH A O   1 
HETATM 1357 O O   . HOH E 4 .   ? -8.043  18.223  -16.562 1.00 64.37 ? 17  HOH A O   1 
HETATM 1358 O O   . HOH E 4 .   ? 7.490   -0.589  -19.040 1.00 57.06 ? 18  HOH A O   1 
HETATM 1359 O O   . HOH E 4 .   ? 0.881   -8.766  16.350  1.00 60.72 ? 19  HOH A O   1 
HETATM 1360 O O   . HOH E 4 .   ? -6.819  -8.863  -3.866  1.00 41.30 ? 20  HOH A O   1 
HETATM 1361 O O   . HOH E 4 .   ? -12.477 10.066  -1.595  1.00 51.08 ? 21  HOH A O   1 
HETATM 1362 O O   . HOH E 4 .   ? 8.264   5.421   -8.116  1.00 51.68 ? 22  HOH A O   1 
HETATM 1363 O O   . HOH E 4 .   ? 5.863   13.674  -3.707  1.00 65.85 ? 23  HOH A O   1 
HETATM 1364 O O   . HOH E 4 .   ? -5.755  4.106   -6.991  1.00 45.28 ? 24  HOH A O   1 
HETATM 1365 O O   . HOH E 4 .   ? -18.380 -13.278 -4.836  1.00 57.44 ? 25  HOH A O   1 
# 
